data_7JJZ
# 
_entry.id   7JJZ 
# 
_audit_conform.dict_name       mmcif_pdbx.dic 
_audit_conform.dict_version    5.380 
_audit_conform.dict_location   http://mmcif.pdb.org/dictionaries/ascii/mmcif_pdbx.dic 
# 
loop_
_database_2.database_id 
_database_2.database_code 
_database_2.pdbx_database_accession 
_database_2.pdbx_DOI 
PDB   7JJZ         pdb_00007jjz 10.2210/pdb7jjz/pdb 
WWPDB D_1000250808 ?            ?                   
# 
_pdbx_database_status.status_code                     REL 
_pdbx_database_status.status_code_sf                  REL 
_pdbx_database_status.status_code_mr                  ? 
_pdbx_database_status.entry_id                        7JJZ 
_pdbx_database_status.recvd_initial_deposition_date   2020-07-27 
_pdbx_database_status.SG_entry                        N 
_pdbx_database_status.deposit_site                    RCSB 
_pdbx_database_status.process_site                    RCSB 
_pdbx_database_status.status_code_cs                  ? 
_pdbx_database_status.status_code_nmr_data            ? 
_pdbx_database_status.methods_development_category    ? 
_pdbx_database_status.pdb_format_compatible           Y 
# 
loop_
_audit_author.name 
_audit_author.pdbx_ordinal 
_audit_author.identifier_ORCID 
'Simmons, C.R.'      1 0000-0002-2290-6132 
'MacCulloch, T.'     2 0000-0001-5875-3361 
'Stephanopoulos, N.' 3 0000-0001-7859-410X 
'Yan, H.'            4 0000-0001-7397-9852 
# 
_citation.abstract                  ? 
_citation.abstract_id_CAS           ? 
_citation.book_id_ISBN              ? 
_citation.book_publisher            ? 
_citation.book_publisher_city       ? 
_citation.book_title                ? 
_citation.coordinate_linkage        ? 
_citation.country                   UK 
_citation.database_id_Medline       ? 
_citation.details                   ? 
_citation.id                        primary 
_citation.journal_abbrev            'Nat Commun' 
_citation.journal_id_ASTM           ? 
_citation.journal_id_CSD            ? 
_citation.journal_id_ISSN           2041-1723 
_citation.journal_full              ? 
_citation.journal_issue             ? 
_citation.journal_volume            13 
_citation.language                  ? 
_citation.page_first                3112 
_citation.page_last                 3112 
_citation.title                     'The influence of Holliday junction sequence and dynamics on DNA crystal self-assembly.' 
_citation.year                      2022 
_citation.database_id_CSD           ? 
_citation.pdbx_database_id_DOI      10.1038/s41467-022-30779-6 
_citation.pdbx_database_id_PubMed   35662248 
_citation.unpublished_flag          ? 
# 
loop_
_citation_author.citation_id 
_citation_author.name 
_citation_author.ordinal 
_citation_author.identifier_ORCID 
primary 'Simmons, C.R.'      1  ?                   
primary 'MacCulloch, T.'     2  ?                   
primary 'Krepl, M.'          3  0000-0002-9833-4281 
primary 'Matthies, M.'       4  ?                   
primary 'Buchberger, A.'     5  ?                   
primary 'Crawford, I.'       6  ?                   
primary 'Sponer, J.'         7  0000-0001-6558-6186 
primary 'Sulc, P.'           8  0000-0003-1565-6769 
primary 'Stephanopoulos, N.' 9  0000-0001-7859-410X 
primary 'Yan, H.'            10 0000-0001-7397-9852 
# 
_cell.angle_alpha                  90.000 
_cell.angle_alpha_esd              ? 
_cell.angle_beta                   90.000 
_cell.angle_beta_esd               ? 
_cell.angle_gamma                  120.000 
_cell.angle_gamma_esd              ? 
_cell.entry_id                     7JJZ 
_cell.details                      ? 
_cell.formula_units_Z              ? 
_cell.length_a                     68.272 
_cell.length_a_esd                 ? 
_cell.length_b                     68.272 
_cell.length_b_esd                 ? 
_cell.length_c                     55.786 
_cell.length_c_esd                 ? 
_cell.volume                       ? 
_cell.volume_esd                   ? 
_cell.Z_PDB                        3 
_cell.reciprocal_angle_alpha       ? 
_cell.reciprocal_angle_beta        ? 
_cell.reciprocal_angle_gamma       ? 
_cell.reciprocal_angle_alpha_esd   ? 
_cell.reciprocal_angle_beta_esd    ? 
_cell.reciprocal_angle_gamma_esd   ? 
_cell.reciprocal_length_a          ? 
_cell.reciprocal_length_b          ? 
_cell.reciprocal_length_c          ? 
_cell.reciprocal_length_a_esd      ? 
_cell.reciprocal_length_b_esd      ? 
_cell.reciprocal_length_c_esd      ? 
_cell.pdbx_unique_axis             ? 
# 
_symmetry.entry_id                         7JJZ 
_symmetry.cell_setting                     ? 
_symmetry.Int_Tables_number                145 
_symmetry.space_group_name_Hall            ? 
_symmetry.space_group_name_H-M             'P 32' 
_symmetry.pdbx_full_space_group_name_H-M   ? 
# 
loop_
_entity.id 
_entity.type 
_entity.src_method 
_entity.pdbx_description 
_entity.formula_weight 
_entity.pdbx_number_of_molecules 
_entity.pdbx_ec 
_entity.pdbx_mutation 
_entity.pdbx_fragment 
_entity.details 
1 polymer syn 
;DNA (5'-D(*GP*AP*AP*CP*GP*AP*CP*AP*CP*TP*GP*A)-3')
;
3680.432 1 ? ? ? ? 
2 polymer syn 
;DNA (5'-D(P*CP*GP*AP*GP*GP*AP*CP*TP*C)-3')
;
2740.812 1 ? ? ? ? 
3 polymer syn 
;DNA (5'-D(P*TP*CP*AP*TP*CP*G)-3')
;
1784.204 1 ? ? ? ? 
4 polymer syn 
;DNA (5'-D(*TP*CP*GP*AP*GP*TP*CP*CP*GP*TP*GP*TP*CP*GP*T)-3')
;
4591.969 1 ? ? ? ? 
# 
loop_
_entity_poly.entity_id 
_entity_poly.type 
_entity_poly.nstd_linkage 
_entity_poly.nstd_monomer 
_entity_poly.pdbx_seq_one_letter_code 
_entity_poly.pdbx_seq_one_letter_code_can 
_entity_poly.pdbx_strand_id 
_entity_poly.pdbx_target_identifier 
1 polydeoxyribonucleotide no no '(DG)(DA)(DA)(DC)(DG)(DA)(DC)(DA)(DC)(DT)(DG)(DA)'             GAACGACACTGA    A ? 
2 polydeoxyribonucleotide no no '(DC)(DG)(DA)(DG)(DG)(DA)(DC)(DT)(DC)'                         CGAGGACTC       B ? 
3 polydeoxyribonucleotide no no '(DT)(DC)(DA)(DT)(DC)(DG)'                                     TCATCG          C ? 
4 polydeoxyribonucleotide no no '(DT)(DC)(DG)(DA)(DG)(DT)(DC)(DC)(DG)(DT)(DG)(DT)(DC)(DG)(DT)' TCGAGTCCGTGTCGT D ? 
# 
loop_
_entity_poly_seq.entity_id 
_entity_poly_seq.num 
_entity_poly_seq.mon_id 
_entity_poly_seq.hetero 
1 1  DG n 
1 2  DA n 
1 3  DA n 
1 4  DC n 
1 5  DG n 
1 6  DA n 
1 7  DC n 
1 8  DA n 
1 9  DC n 
1 10 DT n 
1 11 DG n 
1 12 DA n 
2 1  DC n 
2 2  DG n 
2 3  DA n 
2 4  DG n 
2 5  DG n 
2 6  DA n 
2 7  DC n 
2 8  DT n 
2 9  DC n 
3 1  DT n 
3 2  DC n 
3 3  DA n 
3 4  DT n 
3 5  DC n 
3 6  DG n 
4 1  DT n 
4 2  DC n 
4 3  DG n 
4 4  DA n 
4 5  DG n 
4 6  DT n 
4 7  DC n 
4 8  DC n 
4 9  DG n 
4 10 DT n 
4 11 DG n 
4 12 DT n 
4 13 DC n 
4 14 DG n 
4 15 DT n 
# 
loop_
_pdbx_entity_src_syn.entity_id 
_pdbx_entity_src_syn.pdbx_src_id 
_pdbx_entity_src_syn.pdbx_alt_source_flag 
_pdbx_entity_src_syn.pdbx_beg_seq_num 
_pdbx_entity_src_syn.pdbx_end_seq_num 
_pdbx_entity_src_syn.organism_scientific 
_pdbx_entity_src_syn.organism_common_name 
_pdbx_entity_src_syn.ncbi_taxonomy_id 
_pdbx_entity_src_syn.details 
1 1 sample 1 12 'synthetic construct' ? 32630 ? 
2 1 sample 1 9  'synthetic construct' ? 32630 ? 
3 1 sample 1 6  'synthetic construct' ? 32630 ? 
4 1 sample 1 15 'synthetic construct' ? 32630 ? 
# 
loop_
_struct_ref.id 
_struct_ref.db_name 
_struct_ref.db_code 
_struct_ref.pdbx_db_accession 
_struct_ref.pdbx_db_isoform 
_struct_ref.entity_id 
_struct_ref.pdbx_seq_one_letter_code 
_struct_ref.pdbx_align_begin 
1 PDB 7JJZ 7JJZ ? 1 ? 1 
2 PDB 7JJZ 7JJZ ? 2 ? 1 
3 PDB 7JJZ 7JJZ ? 3 ? 1 
4 PDB 7JJZ 7JJZ ? 4 ? 1 
# 
loop_
_struct_ref_seq.align_id 
_struct_ref_seq.ref_id 
_struct_ref_seq.pdbx_PDB_id_code 
_struct_ref_seq.pdbx_strand_id 
_struct_ref_seq.seq_align_beg 
_struct_ref_seq.pdbx_seq_align_beg_ins_code 
_struct_ref_seq.seq_align_end 
_struct_ref_seq.pdbx_seq_align_end_ins_code 
_struct_ref_seq.pdbx_db_accession 
_struct_ref_seq.db_align_beg 
_struct_ref_seq.pdbx_db_align_beg_ins_code 
_struct_ref_seq.db_align_end 
_struct_ref_seq.pdbx_db_align_end_ins_code 
_struct_ref_seq.pdbx_auth_seq_align_beg 
_struct_ref_seq.pdbx_auth_seq_align_end 
1 1 7JJZ A 1 ? 12 ? 7JJZ 1  ? 12 ? 1  12 
2 2 7JJZ B 1 ? 9  ? 7JJZ 12 ? 20 ? 12 20 
3 3 7JJZ C 1 ? 6  ? 7JJZ 0  ? 5  ? 0  5  
4 4 7JJZ D 1 ? 15 ? 7JJZ 2  ? 16 ? 2  16 
# 
loop_
_chem_comp.id 
_chem_comp.type 
_chem_comp.mon_nstd_flag 
_chem_comp.name 
_chem_comp.pdbx_synonyms 
_chem_comp.formula 
_chem_comp.formula_weight 
DA 'DNA linking' y "2'-DEOXYADENOSINE-5'-MONOPHOSPHATE" ? 'C10 H14 N5 O6 P' 331.222 
DC 'DNA linking' y "2'-DEOXYCYTIDINE-5'-MONOPHOSPHATE"  ? 'C9 H14 N3 O7 P'  307.197 
DG 'DNA linking' y "2'-DEOXYGUANOSINE-5'-MONOPHOSPHATE" ? 'C10 H14 N5 O7 P' 347.221 
DT 'DNA linking' y "THYMIDINE-5'-MONOPHOSPHATE"         ? 'C10 H15 N2 O8 P' 322.208 
# 
_exptl.absorpt_coefficient_mu     ? 
_exptl.absorpt_correction_T_max   ? 
_exptl.absorpt_correction_T_min   ? 
_exptl.absorpt_correction_type    ? 
_exptl.absorpt_process_details    ? 
_exptl.entry_id                   7JJZ 
_exptl.crystals_number            1 
_exptl.details                    ? 
_exptl.method                     'X-RAY DIFFRACTION' 
_exptl.method_details             ? 
# 
_exptl_crystal.colour                      ? 
_exptl_crystal.density_diffrn              ? 
_exptl_crystal.density_Matthews            5.87 
_exptl_crystal.density_method              ? 
_exptl_crystal.density_percent_sol         79.03 
_exptl_crystal.description                 ? 
_exptl_crystal.F_000                       ? 
_exptl_crystal.id                          1 
_exptl_crystal.preparation                 ? 
_exptl_crystal.size_max                    ? 
_exptl_crystal.size_mid                    ? 
_exptl_crystal.size_min                    ? 
_exptl_crystal.size_rad                    ? 
_exptl_crystal.colour_lustre               ? 
_exptl_crystal.colour_modifier             ? 
_exptl_crystal.colour_primary              ? 
_exptl_crystal.density_meas                ? 
_exptl_crystal.density_meas_esd            ? 
_exptl_crystal.density_meas_gt             ? 
_exptl_crystal.density_meas_lt             ? 
_exptl_crystal.density_meas_temp           ? 
_exptl_crystal.density_meas_temp_esd       ? 
_exptl_crystal.density_meas_temp_gt        ? 
_exptl_crystal.density_meas_temp_lt        ? 
_exptl_crystal.pdbx_crystal_image_url      ? 
_exptl_crystal.pdbx_crystal_image_format   ? 
_exptl_crystal.pdbx_mosaicity              ? 
_exptl_crystal.pdbx_mosaicity_esd          ? 
# 
_exptl_crystal_grow.apparatus       ? 
_exptl_crystal_grow.atmosphere      ? 
_exptl_crystal_grow.crystal_id      1 
_exptl_crystal_grow.details         ? 
_exptl_crystal_grow.method          'VAPOR DIFFUSION, SITTING DROP' 
_exptl_crystal_grow.method_ref      ? 
_exptl_crystal_grow.pH              ? 
_exptl_crystal_grow.pressure        ? 
_exptl_crystal_grow.pressure_esd    ? 
_exptl_crystal_grow.seeding         ? 
_exptl_crystal_grow.seeding_ref     ? 
_exptl_crystal_grow.temp            298 
_exptl_crystal_grow.temp_details    'temperature gradient generated from 60 to 25 C at 0.3 degrees per hour' 
_exptl_crystal_grow.temp_esd        ? 
_exptl_crystal_grow.time            ? 
_exptl_crystal_grow.pdbx_details    
;0.5 mL of 0.05 M Cacodylate pH 6.0 with 20 mM MgCl2, 1.0 mM spermine, and15% ethanol was added to the reservoir with 2 uL added to the drop containing 4 uL of DNA stock
;
_exptl_crystal_grow.pdbx_pH_range   ? 
# 
_diffrn.ambient_environment              ? 
_diffrn.ambient_temp                     100 
_diffrn.ambient_temp_details             ? 
_diffrn.ambient_temp_esd                 ? 
_diffrn.crystal_id                       1 
_diffrn.crystal_support                  ? 
_diffrn.crystal_treatment                ? 
_diffrn.details                          ? 
_diffrn.id                               1 
_diffrn.ambient_pressure                 ? 
_diffrn.ambient_pressure_esd             ? 
_diffrn.ambient_pressure_gt              ? 
_diffrn.ambient_pressure_lt              ? 
_diffrn.ambient_temp_gt                  ? 
_diffrn.ambient_temp_lt                  ? 
_diffrn.pdbx_serial_crystal_experiment   N 
# 
_diffrn_detector.details                      ? 
_diffrn_detector.detector                     PIXEL 
_diffrn_detector.diffrn_id                    1 
_diffrn_detector.type                         'DECTRIS PILATUS3 6M' 
_diffrn_detector.area_resol_mean              ? 
_diffrn_detector.dtime                        ? 
_diffrn_detector.pdbx_frames_total            ? 
_diffrn_detector.pdbx_collection_time_total   ? 
_diffrn_detector.pdbx_collection_date         2019-09-15 
_diffrn_detector.pdbx_frequency               ? 
# 
_diffrn_radiation.collimation                      ? 
_diffrn_radiation.diffrn_id                        1 
_diffrn_radiation.filter_edge                      ? 
_diffrn_radiation.inhomogeneity                    ? 
_diffrn_radiation.monochromator                    ? 
_diffrn_radiation.polarisn_norm                    ? 
_diffrn_radiation.polarisn_ratio                   ? 
_diffrn_radiation.probe                            ? 
_diffrn_radiation.type                             ? 
_diffrn_radiation.xray_symbol                      ? 
_diffrn_radiation.wavelength_id                    1 
_diffrn_radiation.pdbx_monochromatic_or_laue_m_l   M 
_diffrn_radiation.pdbx_wavelength_list             ? 
_diffrn_radiation.pdbx_wavelength                  ? 
_diffrn_radiation.pdbx_diffrn_protocol             'SINGLE WAVELENGTH' 
_diffrn_radiation.pdbx_analyzer                    ? 
_diffrn_radiation.pdbx_scattering_type             x-ray 
# 
_diffrn_radiation_wavelength.id           1 
_diffrn_radiation_wavelength.wavelength   1 
_diffrn_radiation_wavelength.wt           1.0 
# 
_diffrn_source.current                     ? 
_diffrn_source.details                     ? 
_diffrn_source.diffrn_id                   1 
_diffrn_source.power                       ? 
_diffrn_source.size                        ? 
_diffrn_source.source                      SYNCHROTRON 
_diffrn_source.target                      ? 
_diffrn_source.type                        'ALS BEAMLINE 5.0.2' 
_diffrn_source.voltage                     ? 
_diffrn_source.take-off_angle              ? 
_diffrn_source.pdbx_wavelength_list        1 
_diffrn_source.pdbx_wavelength             ? 
_diffrn_source.pdbx_synchrotron_beamline   5.0.2 
_diffrn_source.pdbx_synchrotron_site       ALS 
# 
_reflns.B_iso_Wilson_estimate            98.970 
_reflns.entry_id                         7JJZ 
_reflns.data_reduction_details           ? 
_reflns.data_reduction_method            ? 
_reflns.d_resolution_high                3.050 
_reflns.d_resolution_low                 50.000 
_reflns.details                          ? 
_reflns.limit_h_max                      ? 
_reflns.limit_h_min                      ? 
_reflns.limit_k_max                      ? 
_reflns.limit_k_min                      ? 
_reflns.limit_l_max                      ? 
_reflns.limit_l_min                      ? 
_reflns.number_all                       ? 
_reflns.number_obs                       4231 
_reflns.observed_criterion               ? 
_reflns.observed_criterion_F_max         ? 
_reflns.observed_criterion_F_min         ? 
_reflns.observed_criterion_I_max         ? 
_reflns.observed_criterion_I_min         ? 
_reflns.observed_criterion_sigma_F       ? 
_reflns.observed_criterion_sigma_I       ? 
_reflns.percent_possible_obs             77.700 
_reflns.R_free_details                   ? 
_reflns.Rmerge_F_all                     ? 
_reflns.Rmerge_F_obs                     ? 
_reflns.Friedel_coverage                 ? 
_reflns.number_gt                        ? 
_reflns.threshold_expression             ? 
_reflns.pdbx_redundancy                  8.600 
_reflns.pdbx_Rmerge_I_obs                0.109 
_reflns.pdbx_Rmerge_I_all                ? 
_reflns.pdbx_Rsym_value                  ? 
_reflns.pdbx_netI_over_av_sigmaI         ? 
_reflns.pdbx_netI_over_sigmaI            4.500 
_reflns.pdbx_res_netI_over_av_sigmaI_2   ? 
_reflns.pdbx_res_netI_over_sigmaI_2      ? 
_reflns.pdbx_chi_squared                 0.953 
_reflns.pdbx_scaling_rejects             ? 
_reflns.pdbx_d_res_high_opt              ? 
_reflns.pdbx_d_res_low_opt               ? 
_reflns.pdbx_d_res_opt_method            ? 
_reflns.phase_calculation_details        ? 
_reflns.pdbx_Rrim_I_all                  0.115 
_reflns.pdbx_Rpim_I_all                  0.037 
_reflns.pdbx_d_opt                       ? 
_reflns.pdbx_number_measured_all         ? 
_reflns.pdbx_diffrn_id                   1 
_reflns.pdbx_ordinal                     1 
_reflns.pdbx_CC_half                     0.981 
_reflns.pdbx_CC_star                     ? 
_reflns.pdbx_R_split                     ? 
# 
loop_
_reflns_shell.d_res_high 
_reflns_shell.d_res_low 
_reflns_shell.meanI_over_sigI_all 
_reflns_shell.meanI_over_sigI_obs 
_reflns_shell.number_measured_all 
_reflns_shell.number_measured_obs 
_reflns_shell.number_possible 
_reflns_shell.number_unique_all 
_reflns_shell.number_unique_obs 
_reflns_shell.percent_possible_all 
_reflns_shell.percent_possible_obs 
_reflns_shell.Rmerge_F_all 
_reflns_shell.Rmerge_F_obs 
_reflns_shell.Rmerge_I_all 
_reflns_shell.Rmerge_I_obs 
_reflns_shell.meanI_over_sigI_gt 
_reflns_shell.meanI_over_uI_all 
_reflns_shell.meanI_over_uI_gt 
_reflns_shell.number_measured_gt 
_reflns_shell.number_unique_gt 
_reflns_shell.percent_possible_gt 
_reflns_shell.Rmerge_F_gt 
_reflns_shell.Rmerge_I_gt 
_reflns_shell.pdbx_redundancy 
_reflns_shell.pdbx_Rsym_value 
_reflns_shell.pdbx_chi_squared 
_reflns_shell.pdbx_netI_over_sigmaI_all 
_reflns_shell.pdbx_netI_over_sigmaI_obs 
_reflns_shell.pdbx_Rrim_I_all 
_reflns_shell.pdbx_Rpim_I_all 
_reflns_shell.pdbx_rejects 
_reflns_shell.pdbx_ordinal 
_reflns_shell.pdbx_diffrn_id 
_reflns_shell.pdbx_CC_half 
_reflns_shell.pdbx_CC_star 
_reflns_shell.pdbx_R_split 
3.050 3.100  ? ? ? ? ? ? 135 46.100  ? ? ? ? 0.833 ? ? ? ? ? ? ? ? 7.500 ? 0.402 ? ? 0.892 0.307 ? 1  1 0.785 ? ? 
3.100 3.160  ? ? ? ? ? ? 113 46.300  ? ? ? ? 0.256 ? ? ? ? ? ? ? ? 7.700 ? 0.536 ? ? 0.272 0.092 ? 2  1 0.988 ? ? 
3.160 3.220  ? ? ? ? ? ? 153 56.700  ? ? ? ? 0.135 ? ? ? ? ? ? ? ? 7.800 ? 0.967 ? ? 0.144 0.047 ? 3  1 0.996 ? ? 
3.220 3.290  ? ? ? ? ? ? 136 52.300  ? ? ? ? 0.148 ? ? ? ? ? ? ? ? 7.400 ? 0.587 ? ? 0.158 0.054 ? 4  1 0.997 ? ? 
3.290 3.360  ? ? ? ? ? ? 178 58.200  ? ? ? ? 0.247 ? ? ? ? ? ? ? ? 7.800 ? 0.610 ? ? 0.264 0.090 ? 5  1 0.989 ? ? 
3.360 3.430  ? ? ? ? ? ? 145 57.800  ? ? ? ? 0.203 ? ? ? ? ? ? ? ? 7.800 ? 0.618 ? ? 0.216 0.073 ? 6  1 0.989 ? ? 
3.430 3.520  ? ? ? ? ? ? 174 61.300  ? ? ? ? 0.188 ? ? ? ? ? ? ? ? 7.400 ? 0.651 ? ? 0.201 0.069 ? 7  1 0.988 ? ? 
3.520 3.620  ? ? ? ? ? ? 186 70.500  ? ? ? ? 0.250 ? ? ? ? ? ? ? ? 8.100 ? 0.587 ? ? 0.266 0.088 ? 8  1 0.988 ? ? 
3.620 3.720  ? ? ? ? ? ? 187 70.800  ? ? ? ? 0.395 ? ? ? ? ? ? ? ? 7.900 ? 0.477 ? ? 0.422 0.144 ? 9  1 0.931 ? ? 
3.720 3.840  ? ? ? ? ? ? 216 75.300  ? ? ? ? 0.431 ? ? ? ? ? ? ? ? 8.400 ? 0.492 ? ? 0.459 0.152 ? 10 1 0.949 ? ? 
3.840 3.980  ? ? ? ? ? ? 226 81.300  ? ? ? ? 0.284 ? ? ? ? ? ? ? ? 8.200 ? 0.502 ? ? 0.302 0.100 ? 11 1 0.978 ? ? 
3.980 4.140  ? ? ? ? ? ? 240 91.600  ? ? ? ? 0.250 ? ? ? ? ? ? ? ? 8.400 ? 0.519 ? ? 0.265 0.088 ? 12 1 0.985 ? ? 
4.140 4.330  ? ? ? ? ? ? 248 92.200  ? ? ? ? 0.268 ? ? ? ? ? ? ? ? 8.500 ? 0.485 ? ? 0.285 0.096 ? 13 1 0.980 ? ? 
4.330 4.560  ? ? ? ? ? ? 263 94.900  ? ? ? ? 0.279 ? ? ? ? ? ? ? ? 8.300 ? 0.485 ? ? 0.297 0.100 ? 14 1 0.974 ? ? 
4.560 4.840  ? ? ? ? ? ? 278 97.500  ? ? ? ? 0.225 ? ? ? ? ? ? ? ? 8.700 ? 0.498 ? ? 0.239 0.080 ? 15 1 0.990 ? ? 
4.840 5.210  ? ? ? ? ? ? 264 99.600  ? ? ? ? 0.156 ? ? ? ? ? ? ? ? 9.500 ? 0.570 ? ? 0.165 0.053 ? 16 1 0.995 ? ? 
5.210 5.740  ? ? ? ? ? ? 257 100.000 ? ? ? ? 0.106 ? ? ? ? ? ? ? ? 9.800 ? 0.589 ? ? 0.112 0.036 ? 17 1 0.996 ? ? 
5.740 6.570  ? ? ? ? ? ? 281 100.000 ? ? ? ? 0.087 ? ? ? ? ? ? ? ? 9.600 ? 0.607 ? ? 0.092 0.029 ? 18 1 0.998 ? ? 
6.570 8.270  ? ? ? ? ? ? 270 100.000 ? ? ? ? 0.051 ? ? ? ? ? ? ? ? 9.400 ? 0.717 ? ? 0.054 0.017 ? 19 1 0.999 ? ? 
8.270 50.000 ? ? ? ? ? ? 281 100.000 ? ? ? ? 0.090 ? ? ? ? ? ? ? ? 9.700 ? 5.605 ? ? 0.094 0.029 ? 20 1 0.998 ? ? 
# 
_refine.aniso_B[1][1]                            ? 
_refine.aniso_B[1][2]                            ? 
_refine.aniso_B[1][3]                            ? 
_refine.aniso_B[2][2]                            ? 
_refine.aniso_B[2][3]                            ? 
_refine.aniso_B[3][3]                            ? 
_refine.B_iso_max                                192.220 
_refine.B_iso_mean                               103.9005 
_refine.B_iso_min                                60.250 
_refine.correlation_coeff_Fo_to_Fc               ? 
_refine.correlation_coeff_Fo_to_Fc_free          ? 
_refine.details                                  ? 
_refine.diff_density_max                         ? 
_refine.diff_density_max_esd                     ? 
_refine.diff_density_min                         ? 
_refine.diff_density_min_esd                     ? 
_refine.diff_density_rms                         ? 
_refine.diff_density_rms_esd                     ? 
_refine.entry_id                                 7JJZ 
_refine.pdbx_refine_id                           'X-RAY DIFFRACTION' 
_refine.ls_abs_structure_details                 ? 
_refine.ls_abs_structure_Flack                   ? 
_refine.ls_abs_structure_Flack_esd               ? 
_refine.ls_abs_structure_Rogers                  ? 
_refine.ls_abs_structure_Rogers_esd              ? 
_refine.ls_d_res_high                            3.0680 
_refine.ls_d_res_low                             29.5630 
_refine.ls_extinction_coef                       ? 
_refine.ls_extinction_coef_esd                   ? 
_refine.ls_extinction_expression                 ? 
_refine.ls_extinction_method                     ? 
_refine.ls_goodness_of_fit_all                   ? 
_refine.ls_goodness_of_fit_all_esd               ? 
_refine.ls_goodness_of_fit_obs                   ? 
_refine.ls_goodness_of_fit_obs_esd               ? 
_refine.ls_hydrogen_treatment                    ? 
_refine.ls_matrix_type                           ? 
_refine.ls_number_constraints                    ? 
_refine.ls_number_parameters                     ? 
_refine.ls_number_reflns_all                     ? 
_refine.ls_number_reflns_obs                     4160 
_refine.ls_number_reflns_R_free                  435 
_refine.ls_number_reflns_R_work                  3725 
_refine.ls_number_restraints                     ? 
_refine.ls_percent_reflns_obs                    76.2700 
_refine.ls_percent_reflns_R_free                 10.4600 
_refine.ls_R_factor_all                          ? 
_refine.ls_R_factor_obs                          0.2408 
_refine.ls_R_factor_R_free                       0.2646 
_refine.ls_R_factor_R_free_error                 ? 
_refine.ls_R_factor_R_free_error_details         ? 
_refine.ls_R_factor_R_work                       0.2381 
_refine.ls_R_Fsqd_factor_obs                     ? 
_refine.ls_R_I_factor_obs                        ? 
_refine.ls_redundancy_reflns_all                 ? 
_refine.ls_redundancy_reflns_obs                 ? 
_refine.ls_restrained_S_all                      ? 
_refine.ls_restrained_S_obs                      ? 
_refine.ls_shift_over_esd_max                    ? 
_refine.ls_shift_over_esd_mean                   ? 
_refine.ls_structure_factor_coef                 ? 
_refine.ls_weighting_details                     ? 
_refine.ls_weighting_scheme                      ? 
_refine.ls_wR_factor_all                         ? 
_refine.ls_wR_factor_obs                         ? 
_refine.ls_wR_factor_R_free                      ? 
_refine.ls_wR_factor_R_work                      ? 
_refine.occupancy_max                            ? 
_refine.occupancy_min                            ? 
_refine.solvent_model_details                    'FLAT BULK SOLVENT MODEL' 
_refine.solvent_model_param_bsol                 ? 
_refine.solvent_model_param_ksol                 ? 
_refine.pdbx_R_complete                          ? 
_refine.ls_R_factor_gt                           ? 
_refine.ls_goodness_of_fit_gt                    ? 
_refine.ls_goodness_of_fit_ref                   ? 
_refine.ls_shift_over_su_max                     ? 
_refine.ls_shift_over_su_max_lt                  ? 
_refine.ls_shift_over_su_mean                    ? 
_refine.ls_shift_over_su_mean_lt                 ? 
_refine.pdbx_ls_sigma_I                          ? 
_refine.pdbx_ls_sigma_F                          1.970 
_refine.pdbx_ls_sigma_Fsqd                       ? 
_refine.pdbx_data_cutoff_high_absF               ? 
_refine.pdbx_data_cutoff_high_rms_absF           ? 
_refine.pdbx_data_cutoff_low_absF                ? 
_refine.pdbx_isotropic_thermal_model             ? 
_refine.pdbx_ls_cross_valid_method               THROUGHOUT 
_refine.pdbx_method_to_determine_struct          'MOLECULAR REPLACEMENT' 
_refine.pdbx_starting_model                      6XNA 
_refine.pdbx_stereochemistry_target_values       ML 
_refine.pdbx_R_Free_selection_details            ? 
_refine.pdbx_stereochem_target_val_spec_case     ? 
_refine.pdbx_overall_ESU_R                       ? 
_refine.pdbx_overall_ESU_R_Free                  ? 
_refine.pdbx_solvent_vdw_probe_radii             1.1100 
_refine.pdbx_solvent_ion_probe_radii             ? 
_refine.pdbx_solvent_shrinkage_radii             0.9000 
_refine.pdbx_real_space_R                        ? 
_refine.pdbx_density_correlation                 ? 
_refine.pdbx_pd_number_of_powder_patterns        ? 
_refine.pdbx_pd_number_of_points                 ? 
_refine.pdbx_pd_meas_number_of_points            ? 
_refine.pdbx_pd_proc_ls_prof_R_factor            ? 
_refine.pdbx_pd_proc_ls_prof_wR_factor           ? 
_refine.pdbx_pd_Marquardt_correlation_coeff      ? 
_refine.pdbx_pd_Fsqrd_R_factor                   ? 
_refine.pdbx_pd_ls_matrix_band_width             ? 
_refine.pdbx_overall_phase_error                 42.3500 
_refine.pdbx_overall_SU_R_free_Cruickshank_DPI   ? 
_refine.pdbx_overall_SU_R_free_Blow_DPI          ? 
_refine.pdbx_overall_SU_R_Blow_DPI               ? 
_refine.pdbx_TLS_residual_ADP_flag               ? 
_refine.pdbx_diffrn_id                           1 
_refine.overall_SU_B                             ? 
_refine.overall_SU_ML                            0.4600 
_refine.overall_SU_R_Cruickshank_DPI             ? 
_refine.overall_SU_R_free                        ? 
_refine.overall_FOM_free_R_set                   ? 
_refine.overall_FOM_work_R_set                   ? 
_refine.pdbx_average_fsc_overall                 ? 
_refine.pdbx_average_fsc_work                    ? 
_refine.pdbx_average_fsc_free                    ? 
# 
_refine_hist.pdbx_refine_id                   'X-RAY DIFFRACTION' 
_refine_hist.cycle_id                         final 
_refine_hist.details                          ? 
_refine_hist.d_res_high                       3.0680 
_refine_hist.d_res_low                        29.5630 
_refine_hist.number_atoms_solvent             0 
_refine_hist.number_atoms_total               855 
_refine_hist.number_reflns_all                ? 
_refine_hist.number_reflns_obs                ? 
_refine_hist.number_reflns_R_free             ? 
_refine_hist.number_reflns_R_work             ? 
_refine_hist.R_factor_all                     ? 
_refine_hist.R_factor_obs                     ? 
_refine_hist.R_factor_R_free                  ? 
_refine_hist.R_factor_R_work                  ? 
_refine_hist.pdbx_number_residues_total       42 
_refine_hist.pdbx_B_iso_mean_ligand           ? 
_refine_hist.pdbx_B_iso_mean_solvent          ? 
_refine_hist.pdbx_number_atoms_protein        0 
_refine_hist.pdbx_number_atoms_nucleic_acid   855 
_refine_hist.pdbx_number_atoms_ligand         0 
_refine_hist.pdbx_number_atoms_lipid          ? 
_refine_hist.pdbx_number_atoms_carb           ? 
_refine_hist.pdbx_pseudo_atom_details         ? 
# 
loop_
_refine_ls_restr.pdbx_refine_id 
_refine_ls_restr.criterion 
_refine_ls_restr.dev_ideal 
_refine_ls_restr.dev_ideal_target 
_refine_ls_restr.number 
_refine_ls_restr.rejects 
_refine_ls_restr.type 
_refine_ls_restr.weight 
_refine_ls_restr.pdbx_restraint_function 
'X-RAY DIFFRACTION' ? 0.005  ? 956  ? f_bond_d           ? ? 
'X-RAY DIFFRACTION' ? 0.730  ? 1467 ? f_angle_d          ? ? 
'X-RAY DIFFRACTION' ? 0.037  ? 166  ? f_chiral_restr     ? ? 
'X-RAY DIFFRACTION' ? 0.003  ? 42   ? f_plane_restr      ? ? 
'X-RAY DIFFRACTION' ? 36.630 ? 406  ? f_dihedral_angle_d ? ? 
# 
loop_
_refine_ls_shell.pdbx_refine_id 
_refine_ls_shell.d_res_high 
_refine_ls_shell.d_res_low 
_refine_ls_shell.number_reflns_all 
_refine_ls_shell.number_reflns_obs 
_refine_ls_shell.number_reflns_R_free 
_refine_ls_shell.number_reflns_R_work 
_refine_ls_shell.percent_reflns_obs 
_refine_ls_shell.percent_reflns_R_free 
_refine_ls_shell.R_factor_all 
_refine_ls_shell.R_factor_obs 
_refine_ls_shell.R_factor_R_free 
_refine_ls_shell.R_factor_R_free_error 
_refine_ls_shell.R_factor_R_work 
_refine_ls_shell.redundancy_reflns_all 
_refine_ls_shell.redundancy_reflns_obs 
_refine_ls_shell.wR_factor_all 
_refine_ls_shell.wR_factor_obs 
_refine_ls_shell.wR_factor_R_free 
_refine_ls_shell.wR_factor_R_work 
_refine_ls_shell.pdbx_R_complete 
_refine_ls_shell.pdbx_total_number_of_bins_used 
_refine_ls_shell.pdbx_phase_error 
_refine_ls_shell.pdbx_fsc_work 
_refine_ls_shell.pdbx_fsc_free 
'X-RAY DIFFRACTION' 3.068  3.5109 . . 94  834  51.0000 . . . 0.3241 0.0000 0.3293 . . . . . . . . . . . 
'X-RAY DIFFRACTION' 3.5109 4.4209 . . 148 1304 79.0000 . . . 0.3792 0.0000 0.3678 . . . . . . . . . . . 
'X-RAY DIFFRACTION' 4.4209 29.563 . . 193 1587 99.0000 . . . 0.2242 0.0000 0.1903 . . . . . . . . . . . 
# 
_struct.entry_id                     7JJZ 
_struct.title                        
'Self-assembly of a 3D DNA crystal lattice (4x6 scramble junction version) containing the J2 immobile Holliday junction' 
_struct.pdbx_model_details           ? 
_struct.pdbx_formula_weight          ? 
_struct.pdbx_formula_weight_method   ? 
_struct.pdbx_model_type_details      ? 
_struct.pdbx_CASP_flag               N 
# 
_struct_keywords.entry_id        7JJZ 
_struct_keywords.text            
'Structural DNA nanotechnology, immobile Holliday junctions, 3D DNA self-assembly, designer DNA crystals, DNA' 
_struct_keywords.pdbx_keywords   DNA 
# 
loop_
_struct_asym.id 
_struct_asym.pdbx_blank_PDB_chainid_flag 
_struct_asym.pdbx_modified 
_struct_asym.entity_id 
_struct_asym.details 
A N N 1 ? 
B N N 2 ? 
C N N 3 ? 
D N N 4 ? 
# 
loop_
_struct_conn.id 
_struct_conn.conn_type_id 
_struct_conn.pdbx_leaving_atom_flag 
_struct_conn.pdbx_PDB_id 
_struct_conn.ptnr1_label_asym_id 
_struct_conn.ptnr1_label_comp_id 
_struct_conn.ptnr1_label_seq_id 
_struct_conn.ptnr1_label_atom_id 
_struct_conn.pdbx_ptnr1_label_alt_id 
_struct_conn.pdbx_ptnr1_PDB_ins_code 
_struct_conn.pdbx_ptnr1_standard_comp_id 
_struct_conn.ptnr1_symmetry 
_struct_conn.ptnr2_label_asym_id 
_struct_conn.ptnr2_label_comp_id 
_struct_conn.ptnr2_label_seq_id 
_struct_conn.ptnr2_label_atom_id 
_struct_conn.pdbx_ptnr2_label_alt_id 
_struct_conn.pdbx_ptnr2_PDB_ins_code 
_struct_conn.ptnr1_auth_asym_id 
_struct_conn.ptnr1_auth_comp_id 
_struct_conn.ptnr1_auth_seq_id 
_struct_conn.ptnr2_auth_asym_id 
_struct_conn.ptnr2_auth_comp_id 
_struct_conn.ptnr2_auth_seq_id 
_struct_conn.ptnr2_symmetry 
_struct_conn.pdbx_ptnr3_label_atom_id 
_struct_conn.pdbx_ptnr3_label_seq_id 
_struct_conn.pdbx_ptnr3_label_comp_id 
_struct_conn.pdbx_ptnr3_label_asym_id 
_struct_conn.pdbx_ptnr3_label_alt_id 
_struct_conn.pdbx_ptnr3_PDB_ins_code 
_struct_conn.details 
_struct_conn.pdbx_dist_value 
_struct_conn.pdbx_value_order 
_struct_conn.pdbx_role 
hydrog1  hydrog ? ? A DA 3  N1 ? ? ? 1_555 D DT 15 N3 ? ? A DA 3  D DT 16 1_555 ? ? ? ? ? ? 'DA-DT PAIR' ? ? ? 
hydrog2  hydrog ? ? A DC 4  N3 ? ? ? 1_555 D DG 14 N2 ? ? A DC 4  D DG 15 1_555 ? ? ? ? ? ? 'DC-DG PAIR' ? ? ? 
hydrog3  hydrog ? ? A DG 5  O6 ? ? ? 1_555 D DC 13 N4 ? ? A DG 5  D DC 14 1_555 ? ? ? ? ? ? 'DG-DC PAIR' ? ? ? 
hydrog4  hydrog ? ? A DA 6  N1 ? ? ? 1_555 D DT 12 N3 ? ? A DA 6  D DT 13 1_555 ? ? ? ? ? ? WATSON-CRICK ? ? ? 
hydrog5  hydrog ? ? A DA 6  N6 ? ? ? 1_555 D DT 12 O4 ? ? A DA 6  D DT 13 1_555 ? ? ? ? ? ? WATSON-CRICK ? ? ? 
hydrog6  hydrog ? ? A DC 7  N3 ? ? ? 1_555 D DG 11 N1 ? ? A DC 7  D DG 12 1_555 ? ? ? ? ? ? WATSON-CRICK ? ? ? 
hydrog7  hydrog ? ? A DC 7  N4 ? ? ? 1_555 D DG 11 O6 ? ? A DC 7  D DG 12 1_555 ? ? ? ? ? ? WATSON-CRICK ? ? ? 
hydrog8  hydrog ? ? A DC 7  O2 ? ? ? 1_555 D DG 11 N2 ? ? A DC 7  D DG 12 1_555 ? ? ? ? ? ? WATSON-CRICK ? ? ? 
hydrog9  hydrog ? ? A DA 8  N1 ? ? ? 1_555 D DT 10 N3 ? ? A DA 8  D DT 11 1_555 ? ? ? ? ? ? WATSON-CRICK ? ? ? 
hydrog10 hydrog ? ? A DA 8  N6 ? ? ? 1_555 D DT 10 O4 ? ? A DA 8  D DT 11 1_555 ? ? ? ? ? ? WATSON-CRICK ? ? ? 
hydrog11 hydrog ? ? A DC 9  N3 ? ? ? 1_555 D DG 9  N1 ? ? A DC 9  D DG 10 1_555 ? ? ? ? ? ? WATSON-CRICK ? ? ? 
hydrog12 hydrog ? ? A DC 9  N4 ? ? ? 1_555 D DG 9  O6 ? ? A DC 9  D DG 10 1_555 ? ? ? ? ? ? WATSON-CRICK ? ? ? 
hydrog13 hydrog ? ? A DC 9  O2 ? ? ? 1_555 D DG 9  N2 ? ? A DC 9  D DG 10 1_555 ? ? ? ? ? ? WATSON-CRICK ? ? ? 
hydrog14 hydrog ? ? A DT 10 N3 ? ? ? 1_555 C DA 3  N1 ? ? A DT 10 C DA 2  1_555 ? ? ? ? ? ? WATSON-CRICK ? ? ? 
hydrog15 hydrog ? ? A DT 10 O4 ? ? ? 1_555 C DA 3  N6 ? ? A DT 10 C DA 2  1_555 ? ? ? ? ? ? WATSON-CRICK ? ? ? 
hydrog16 hydrog ? ? A DG 11 N1 ? ? ? 1_555 C DC 2  N3 ? ? A DG 11 C DC 1  1_555 ? ? ? ? ? ? WATSON-CRICK ? ? ? 
hydrog17 hydrog ? ? A DG 11 N2 ? ? ? 1_555 C DC 2  O2 ? ? A DG 11 C DC 1  1_555 ? ? ? ? ? ? WATSON-CRICK ? ? ? 
hydrog18 hydrog ? ? A DG 11 O6 ? ? ? 1_555 C DC 2  N4 ? ? A DG 11 C DC 1  1_555 ? ? ? ? ? ? WATSON-CRICK ? ? ? 
hydrog19 hydrog ? ? A DA 12 N1 ? ? ? 1_555 C DT 1  N3 ? ? A DA 12 C DT 0  1_555 ? ? ? ? ? ? WATSON-CRICK ? ? ? 
hydrog20 hydrog ? ? A DA 12 N6 ? ? ? 1_555 C DT 1  O4 ? ? A DA 12 C DT 0  1_555 ? ? ? ? ? ? WATSON-CRICK ? ? ? 
hydrog21 hydrog ? ? B DC 1  N3 ? ? ? 1_555 C DG 6  N1 ? ? B DC 12 C DG 5  1_555 ? ? ? ? ? ? WATSON-CRICK ? ? ? 
hydrog22 hydrog ? ? B DC 1  N4 ? ? ? 1_555 C DG 6  O6 ? ? B DC 12 C DG 5  1_555 ? ? ? ? ? ? WATSON-CRICK ? ? ? 
hydrog23 hydrog ? ? B DC 1  O2 ? ? ? 1_555 C DG 6  N2 ? ? B DC 12 C DG 5  1_555 ? ? ? ? ? ? WATSON-CRICK ? ? ? 
hydrog24 hydrog ? ? B DG 2  N1 ? ? ? 1_555 C DC 5  N3 ? ? B DG 13 C DC 4  1_555 ? ? ? ? ? ? WATSON-CRICK ? ? ? 
hydrog25 hydrog ? ? B DG 2  N2 ? ? ? 1_555 C DC 5  O2 ? ? B DG 13 C DC 4  1_555 ? ? ? ? ? ? WATSON-CRICK ? ? ? 
hydrog26 hydrog ? ? B DG 2  O6 ? ? ? 1_555 C DC 5  N4 ? ? B DG 13 C DC 4  1_555 ? ? ? ? ? ? WATSON-CRICK ? ? ? 
hydrog27 hydrog ? ? B DA 3  N1 ? ? ? 1_555 C DT 4  N3 ? ? B DA 14 C DT 3  1_555 ? ? ? ? ? ? WATSON-CRICK ? ? ? 
hydrog28 hydrog ? ? B DA 3  N6 ? ? ? 1_555 C DT 4  O4 ? ? B DA 14 C DT 3  1_555 ? ? ? ? ? ? WATSON-CRICK ? ? ? 
hydrog29 hydrog ? ? B DG 4  N1 ? ? ? 1_555 D DC 8  N3 ? ? B DG 15 D DC 9  1_555 ? ? ? ? ? ? WATSON-CRICK ? ? ? 
hydrog30 hydrog ? ? B DG 4  N2 ? ? ? 1_555 D DC 8  O2 ? ? B DG 15 D DC 9  1_555 ? ? ? ? ? ? WATSON-CRICK ? ? ? 
hydrog31 hydrog ? ? B DG 4  O6 ? ? ? 1_555 D DC 8  N4 ? ? B DG 15 D DC 9  1_555 ? ? ? ? ? ? WATSON-CRICK ? ? ? 
hydrog32 hydrog ? ? B DG 5  N1 ? ? ? 1_555 D DC 7  N3 ? ? B DG 16 D DC 8  1_555 ? ? ? ? ? ? WATSON-CRICK ? ? ? 
hydrog33 hydrog ? ? B DG 5  N2 ? ? ? 1_555 D DC 7  O2 ? ? B DG 16 D DC 8  1_555 ? ? ? ? ? ? WATSON-CRICK ? ? ? 
hydrog34 hydrog ? ? B DG 5  O6 ? ? ? 1_555 D DC 7  N4 ? ? B DG 16 D DC 8  1_555 ? ? ? ? ? ? WATSON-CRICK ? ? ? 
hydrog35 hydrog ? ? B DA 6  N1 ? ? ? 1_555 D DT 6  N3 ? ? B DA 17 D DT 7  1_555 ? ? ? ? ? ? WATSON-CRICK ? ? ? 
hydrog36 hydrog ? ? B DA 6  N6 ? ? ? 1_555 D DT 6  O4 ? ? B DA 17 D DT 7  1_555 ? ? ? ? ? ? WATSON-CRICK ? ? ? 
hydrog37 hydrog ? ? B DC 7  N3 ? ? ? 1_555 D DG 5  N1 ? ? B DC 18 D DG 6  1_555 ? ? ? ? ? ? WATSON-CRICK ? ? ? 
hydrog38 hydrog ? ? B DC 7  N4 ? ? ? 1_555 D DG 5  O6 ? ? B DC 18 D DG 6  1_555 ? ? ? ? ? ? WATSON-CRICK ? ? ? 
hydrog39 hydrog ? ? B DC 7  O2 ? ? ? 1_555 D DG 5  N2 ? ? B DC 18 D DG 6  1_555 ? ? ? ? ? ? WATSON-CRICK ? ? ? 
hydrog40 hydrog ? ? B DT 8  N3 ? ? ? 1_555 D DA 4  N1 ? ? B DT 19 D DA 5  1_555 ? ? ? ? ? ? WATSON-CRICK ? ? ? 
hydrog41 hydrog ? ? B DT 8  O4 ? ? ? 1_555 D DA 4  N6 ? ? B DT 19 D DA 5  1_555 ? ? ? ? ? ? WATSON-CRICK ? ? ? 
hydrog42 hydrog ? ? B DC 9  N3 ? ? ? 1_555 D DG 3  N1 ? ? B DC 20 D DG 4  1_555 ? ? ? ? ? ? WATSON-CRICK ? ? ? 
hydrog43 hydrog ? ? B DC 9  N4 ? ? ? 1_555 D DG 3  O6 ? ? B DC 20 D DG 4  1_555 ? ? ? ? ? ? WATSON-CRICK ? ? ? 
hydrog44 hydrog ? ? B DC 9  O2 ? ? ? 1_555 D DG 3  N2 ? ? B DC 20 D DG 4  1_555 ? ? ? ? ? ? WATSON-CRICK ? ? ? 
# 
_struct_conn_type.id          hydrog 
_struct_conn_type.criteria    ? 
_struct_conn_type.reference   ? 
# 
_atom_sites.entry_id                    7JJZ 
_atom_sites.Cartn_transf_matrix[1][1]   ? 
_atom_sites.Cartn_transf_matrix[1][2]   ? 
_atom_sites.Cartn_transf_matrix[1][3]   ? 
_atom_sites.Cartn_transf_matrix[2][1]   ? 
_atom_sites.Cartn_transf_matrix[2][2]   ? 
_atom_sites.Cartn_transf_matrix[2][3]   ? 
_atom_sites.Cartn_transf_matrix[3][1]   ? 
_atom_sites.Cartn_transf_matrix[3][2]   ? 
_atom_sites.Cartn_transf_matrix[3][3]   ? 
_atom_sites.Cartn_transf_vector[1]      ? 
_atom_sites.Cartn_transf_vector[2]      ? 
_atom_sites.Cartn_transf_vector[3]      ? 
_atom_sites.fract_transf_matrix[1][1]   0.01169668 
_atom_sites.fract_transf_matrix[1][2]   -0.01200159 
_atom_sites.fract_transf_matrix[1][3]   -0.00228144 
_atom_sites.fract_transf_matrix[2][1]   0.01629627 
_atom_sites.fract_transf_matrix[2][2]   0.00425659 
_atom_sites.fract_transf_matrix[2][3]   -0.00153712 
_atom_sites.fract_transf_matrix[3][1]   0.00203766 
_atom_sites.fract_transf_matrix[3][2]   -0.00138934 
_atom_sites.fract_transf_matrix[3][3]   0.01775554 
_atom_sites.fract_transf_vector[1]      -0.815109 
_atom_sites.fract_transf_vector[2]      -0.653576 
_atom_sites.fract_transf_vector[3]      0.024011 
_atom_sites.solution_primary            ? 
_atom_sites.solution_secondary          ? 
_atom_sites.solution_hydrogens          ? 
_atom_sites.special_details             ? 
# 
loop_
_atom_type.symbol 
C 
N 
O 
P 
# 
loop_
_atom_site.group_PDB 
_atom_site.id 
_atom_site.type_symbol 
_atom_site.label_atom_id 
_atom_site.label_alt_id 
_atom_site.label_comp_id 
_atom_site.label_asym_id 
_atom_site.label_entity_id 
_atom_site.label_seq_id 
_atom_site.pdbx_PDB_ins_code 
_atom_site.Cartn_x 
_atom_site.Cartn_y 
_atom_site.Cartn_z 
_atom_site.occupancy 
_atom_site.B_iso_or_equiv 
_atom_site.pdbx_formal_charge 
_atom_site.auth_seq_id 
_atom_site.auth_comp_id 
_atom_site.auth_asym_id 
_atom_site.auth_atom_id 
_atom_site.pdbx_PDB_model_num 
ATOM 1   O "O5'" . DG A 1 1  ? -5.266  -20.848 13.981  1.00 116.42 ? 1  DG A "O5'" 1 
ATOM 2   C "C5'" . DG A 1 1  ? -5.504  -19.636 13.268  1.00 115.82 ? 1  DG A "C5'" 1 
ATOM 3   C "C4'" . DG A 1 1  ? -6.452  -19.869 12.104  1.00 116.07 ? 1  DG A "C4'" 1 
ATOM 4   O "O4'" . DG A 1 1  ? -7.781  -19.476 12.479  1.00 115.64 ? 1  DG A "O4'" 1 
ATOM 5   C "C3'" . DG A 1 1  ? -6.145  -19.052 10.853  1.00 116.93 ? 1  DG A "C3'" 1 
ATOM 6   O "O3'" . DG A 1 1  ? -5.377  -19.828 9.944   1.00 118.46 ? 1  DG A "O3'" 1 
ATOM 7   C "C2'" . DG A 1 1  ? -7.529  -18.708 10.268  1.00 114.93 ? 1  DG A "C2'" 1 
ATOM 8   C "C1'" . DG A 1 1  ? -8.512  -19.246 11.305  1.00 113.77 ? 1  DG A "C1'" 1 
ATOM 9   N N9    . DG A 1 1  ? -9.621  -18.343 11.609  1.00 114.44 ? 1  DG A N9    1 
ATOM 10  C C8    . DG A 1 1  ? -9.956  -17.828 12.839  1.00 110.37 ? 1  DG A C8    1 
ATOM 11  N N7    . DG A 1 1  ? -11.012 -17.061 12.813  1.00 104.65 ? 1  DG A N7    1 
ATOM 12  C C5    . DG A 1 1  ? -11.405 -17.069 11.480  1.00 110.58 ? 1  DG A C5    1 
ATOM 13  C C6    . DG A 1 1  ? -12.489 -16.416 10.845  1.00 108.11 ? 1  DG A C6    1 
ATOM 14  O O6    . DG A 1 1  ? -13.344 -15.676 11.351  1.00 104.97 ? 1  DG A O6    1 
ATOM 15  N N1    . DG A 1 1  ? -12.526 -16.694 9.480   1.00 108.69 ? 1  DG A N1    1 
ATOM 16  C C2    . DG A 1 1  ? -11.630 -17.497 8.816   1.00 108.55 ? 1  DG A C2    1 
ATOM 17  N N2    . DG A 1 1  ? -11.822 -17.643 7.499   1.00 103.13 ? 1  DG A N2    1 
ATOM 18  N N3    . DG A 1 1  ? -10.613 -18.114 9.399   1.00 112.13 ? 1  DG A N3    1 
ATOM 19  C C4    . DG A 1 1  ? -10.561 -17.856 10.728  1.00 114.73 ? 1  DG A C4    1 
ATOM 20  P P     . DA A 1 2  ? -4.826  -19.175 8.584   1.00 125.75 ? 2  DA A P     1 
ATOM 21  O OP1   . DA A 1 2  ? -3.692  -20.007 8.119   1.00 129.26 ? 2  DA A OP1   1 
ATOM 22  O OP2   . DA A 1 2  ? -4.630  -17.728 8.826   1.00 119.39 ? 2  DA A OP2   1 
ATOM 23  O "O5'" . DA A 1 2  ? -6.045  -19.329 7.557   1.00 116.76 ? 2  DA A "O5'" 1 
ATOM 24  C "C5'" . DA A 1 2  ? -5.818  -19.175 6.163   1.00 116.56 ? 2  DA A "C5'" 1 
ATOM 25  C "C4'" . DA A 1 2  ? -6.766  -18.151 5.555   1.00 121.37 ? 2  DA A "C4'" 1 
ATOM 26  O "O4'" . DA A 1 2  ? -7.643  -17.601 6.577   1.00 114.38 ? 2  DA A "O4'" 1 
ATOM 27  C "C3'" . DA A 1 2  ? -6.087  -16.947 4.901   1.00 123.41 ? 2  DA A "C3'" 1 
ATOM 28  O "O3'" . DA A 1 2  ? -6.781  -16.612 3.699   1.00 128.87 ? 2  DA A "O3'" 1 
ATOM 29  C "C2'" . DA A 1 2  ? -6.236  -15.860 5.966   1.00 118.84 ? 2  DA A "C2'" 1 
ATOM 30  C "C1'" . DA A 1 2  ? -7.616  -16.190 6.497   1.00 115.78 ? 2  DA A "C1'" 1 
ATOM 31  N N9    . DA A 1 2  ? -7.903  -15.653 7.826   1.00 117.03 ? 2  DA A N9    1 
ATOM 32  C C8    . DA A 1 2  ? -7.108  -15.728 8.934   1.00 116.06 ? 2  DA A C8    1 
ATOM 33  N N7    . DA A 1 2  ? -7.638  -15.184 10.005  1.00 114.77 ? 2  DA A N7    1 
ATOM 34  C C5    . DA A 1 2  ? -8.870  -14.722 9.570   1.00 115.99 ? 2  DA A C5    1 
ATOM 35  C C6    . DA A 1 2  ? -9.918  -14.044 10.229  1.00 117.51 ? 2  DA A C6    1 
ATOM 36  N N6    . DA A 1 2  ? -9.876  -13.705 11.522  1.00 112.66 ? 2  DA A N6    1 
ATOM 37  N N1    . DA A 1 2  ? -11.012 -13.728 9.504   1.00 120.80 ? 2  DA A N1    1 
ATOM 38  C C2    . DA A 1 2  ? -11.049 -14.069 8.209   1.00 118.31 ? 2  DA A C2    1 
ATOM 39  N N3    . DA A 1 2  ? -10.129 -14.706 7.482   1.00 115.54 ? 2  DA A N3    1 
ATOM 40  C C4    . DA A 1 2  ? -9.053  -15.007 8.230   1.00 116.92 ? 2  DA A C4    1 
ATOM 41  P P     . DA A 1 3  ? -6.532  -15.202 2.967   1.00 135.45 ? 3  DA A P     1 
ATOM 42  O OP1   . DA A 1 3  ? -7.041  -15.338 1.584   1.00 124.67 ? 3  DA A OP1   1 
ATOM 43  O OP2   . DA A 1 3  ? -5.128  -14.788 3.195   1.00 137.34 ? 3  DA A OP2   1 
ATOM 44  O "O5'" . DA A 1 3  ? -7.486  -14.184 3.749   1.00 121.25 ? 3  DA A "O5'" 1 
ATOM 45  C "C5'" . DA A 1 3  ? -8.864  -14.097 3.411   1.00 121.86 ? 3  DA A "C5'" 1 
ATOM 46  C "C4'" . DA A 1 3  ? -9.345  -12.662 3.509   1.00 127.79 ? 3  DA A "C4'" 1 
ATOM 47  O "O4'" . DA A 1 3  ? -9.523  -12.308 4.908   1.00 126.16 ? 3  DA A "O4'" 1 
ATOM 48  C "C3'" . DA A 1 3  ? -8.386  -11.622 2.922   1.00 124.19 ? 3  DA A "C3'" 1 
ATOM 49  O "O3'" . DA A 1 3  ? -9.114  -10.631 2.191   1.00 130.33 ? 3  DA A "O3'" 1 
ATOM 50  C "C2'" . DA A 1 3  ? -7.711  -11.034 4.160   1.00 118.77 ? 3  DA A "C2'" 1 
ATOM 51  C "C1'" . DA A 1 3  ? -8.830  -11.113 5.185   1.00 118.05 ? 3  DA A "C1'" 1 
ATOM 52  N N9    . DA A 1 3  ? -8.355  -11.152 6.569   1.00 117.99 ? 3  DA A N9    1 
ATOM 53  C C8    . DA A 1 3  ? -7.125  -11.565 7.008   1.00 118.80 ? 3  DA A C8    1 
ATOM 54  N N7    . DA A 1 3  ? -6.972  -11.486 8.309   1.00 117.10 ? 3  DA A N7    1 
ATOM 55  C C5    . DA A 1 3  ? -8.183  -10.984 8.758   1.00 119.45 ? 3  DA A C5    1 
ATOM 56  C C6    . DA A 1 3  ? -8.660  -10.670 10.046  1.00 119.93 ? 3  DA A C6    1 
ATOM 57  N N6    . DA A 1 3  ? -7.934  -10.827 11.157  1.00 113.60 ? 3  DA A N6    1 
ATOM 58  N N1    . DA A 1 3  ? -9.916  -10.190 10.146  1.00 126.52 ? 3  DA A N1    1 
ATOM 59  C C2    . DA A 1 3  ? -10.637 -10.032 9.030   1.00 126.43 ? 3  DA A C2    1 
ATOM 60  N N3    . DA A 1 3  ? -10.298 -10.294 7.767   1.00 124.78 ? 3  DA A N3    1 
ATOM 61  C C4    . DA A 1 3  ? -9.046  -10.771 7.698   1.00 121.55 ? 3  DA A C4    1 
ATOM 62  P P     . DC A 1 4  ? -8.383  -9.738  1.069   1.00 136.14 ? 4  DC A P     1 
ATOM 63  O OP1   . DC A 1 4  ? -8.196  -10.555 -0.150  1.00 134.87 ? 4  DC A OP1   1 
ATOM 64  O OP2   . DC A 1 4  ? -7.205  -9.104  1.696   1.00 131.04 ? 4  DC A OP2   1 
ATOM 65  O "O5'" . DC A 1 4  ? -9.439  -8.578  0.755   1.00 127.11 ? 4  DC A "O5'" 1 
ATOM 66  C "C5'" . DC A 1 4  ? -9.205  -7.255  1.230   1.00 128.90 ? 4  DC A "C5'" 1 
ATOM 67  C "C4'" . DC A 1 4  ? -10.099 -6.936  2.415   1.00 126.29 ? 4  DC A "C4'" 1 
ATOM 68  O "O4'" . DC A 1 4  ? -9.714  -7.741  3.544   1.00 120.02 ? 4  DC A "O4'" 1 
ATOM 69  C "C3'" . DC A 1 4  ? -10.001 -5.510  2.926   1.00 129.08 ? 4  DC A "C3'" 1 
ATOM 70  O "O3'" . DC A 1 4  ? -10.890 -4.666  2.195   1.00 138.10 ? 4  DC A "O3'" 1 
ATOM 71  C "C2'" . DC A 1 4  ? -10.433 -5.641  4.396   1.00 124.87 ? 4  DC A "C2'" 1 
ATOM 72  C "C1'" . DC A 1 4  ? -10.190 -7.125  4.722   1.00 124.60 ? 4  DC A "C1'" 1 
ATOM 73  N N1    . DC A 1 4  ? -9.196  -7.358  5.832   1.00 126.46 ? 4  DC A N1    1 
ATOM 74  C C2    . DC A 1 4  ? -9.568  -7.126  7.166   1.00 128.23 ? 4  DC A C2    1 
ATOM 75  O O2    . DC A 1 4  ? -10.712 -6.727  7.415   1.00 129.16 ? 4  DC A O2    1 
ATOM 76  N N3    . DC A 1 4  ? -8.658  -7.346  8.151   1.00 126.25 ? 4  DC A N3    1 
ATOM 77  C C4    . DC A 1 4  ? -7.433  -7.782  7.845   1.00 129.36 ? 4  DC A C4    1 
ATOM 78  N N4    . DC A 1 4  ? -6.571  -7.980  8.848   1.00 130.27 ? 4  DC A N4    1 
ATOM 79  C C5    . DC A 1 4  ? -7.037  -8.021  6.496   1.00 129.52 ? 4  DC A C5    1 
ATOM 80  C C6    . DC A 1 4  ? -7.939  -7.798  5.531   1.00 124.60 ? 4  DC A C6    1 
ATOM 81  P P     . DG A 1 5  ? -10.321 -3.413  1.361   1.00 140.41 ? 5  DG A P     1 
ATOM 82  O OP1   . DG A 1 5  ? -11.348 -2.346  1.380   1.00 130.59 ? 5  DG A OP1   1 
ATOM 83  O OP2   . DG A 1 5  ? -9.828  -3.925  0.063   1.00 130.58 ? 5  DG A OP2   1 
ATOM 84  O "O5'" . DG A 1 5  ? -9.051  -2.934  2.207   1.00 135.26 ? 5  DG A "O5'" 1 
ATOM 85  C "C5'" . DG A 1 5  ? -9.054  -1.665  2.859   1.00 138.06 ? 5  DG A "C5'" 1 
ATOM 86  C "C4'" . DG A 1 5  ? -9.689  -1.766  4.235   1.00 137.57 ? 5  DG A "C4'" 1 
ATOM 87  O "O4'" . DG A 1 5  ? -9.135  -2.889  4.933   1.00 133.30 ? 5  DG A "O4'" 1 
ATOM 88  C "C3'" . DG A 1 5  ? -9.439  -0.570  5.147   1.00 141.85 ? 5  DG A "C3'" 1 
ATOM 89  O "O3'" . DG A 1 5  ? -10.559 0.309   5.112   1.00 144.92 ? 5  DG A "O3'" 1 
ATOM 90  C "C2'" . DG A 1 5  ? -9.243  -1.184  6.549   1.00 138.63 ? 5  DG A "C2'" 1 
ATOM 91  C "C1'" . DG A 1 5  ? -9.318  -2.694  6.309   1.00 134.28 ? 5  DG A "C1'" 1 
ATOM 92  N N9    . DG A 1 5  ? -8.296  -3.467  7.011   1.00 137.66 ? 5  DG A N9    1 
ATOM 93  C C8    . DG A 1 5  ? -7.472  -4.413  6.454   1.00 138.77 ? 5  DG A C8    1 
ATOM 94  N N7    . DG A 1 5  ? -6.654  -4.958  7.307   1.00 140.87 ? 5  DG A N7    1 
ATOM 95  C C5    . DG A 1 5  ? -6.957  -4.343  8.514   1.00 142.05 ? 5  DG A C5    1 
ATOM 96  C C6    . DG A 1 5  ? -6.390  -4.534  9.797   1.00 138.53 ? 5  DG A C6    1 
ATOM 97  O O6    . DG A 1 5  ? -5.483  -5.312  10.127  1.00 132.83 ? 5  DG A O6    1 
ATOM 98  N N1    . DG A 1 5  ? -6.980  -3.707  10.748  1.00 139.01 ? 5  DG A N1    1 
ATOM 99  C C2    . DG A 1 5  ? -7.991  -2.810  10.493  1.00 143.53 ? 5  DG A C2    1 
ATOM 100 N N2    . DG A 1 5  ? -8.434  -2.101  11.542  1.00 147.85 ? 5  DG A N2    1 
ATOM 101 N N3    . DG A 1 5  ? -8.534  -2.622  9.294   1.00 143.56 ? 5  DG A N3    1 
ATOM 102 C C4    . DG A 1 5  ? -7.968  -3.421  8.353   1.00 142.09 ? 5  DG A C4    1 
ATOM 103 P P     . DA A 1 6  ? -10.337 1.889   4.910   1.00 147.13 ? 6  DA A P     1 
ATOM 104 O OP1   . DA A 1 6  ? -11.660 2.507   4.675   1.00 149.34 ? 6  DA A OP1   1 
ATOM 105 O OP2   . DA A 1 6  ? -9.259  2.054   3.911   1.00 146.51 ? 6  DA A OP2   1 
ATOM 106 O "O5'" . DA A 1 6  ? -9.751  2.384   6.316   1.00 145.25 ? 6  DA A "O5'" 1 
ATOM 107 C "C5'" . DA A 1 6  ? -10.433 2.083   7.525   1.00 142.47 ? 6  DA A "C5'" 1 
ATOM 108 C "C4'" . DA A 1 6  ? -9.519  2.279   8.722   1.00 143.36 ? 6  DA A "C4'" 1 
ATOM 109 O "O4'" . DA A 1 6  ? -8.696  1.100   8.919   1.00 144.17 ? 6  DA A "O4'" 1 
ATOM 110 C "C3'" . DA A 1 6  ? -8.551  3.462   8.616   1.00 145.18 ? 6  DA A "C3'" 1 
ATOM 111 O "O3'" . DA A 1 6  ? -8.648  4.265   9.782   1.00 152.35 ? 6  DA A "O3'" 1 
ATOM 112 C "C2'" . DA A 1 6  ? -7.171  2.800   8.493   1.00 142.39 ? 6  DA A "C2'" 1 
ATOM 113 C "C1'" . DA A 1 6  ? -7.388  1.503   9.251   1.00 143.87 ? 6  DA A "C1'" 1 
ATOM 114 N N9    . DA A 1 6  ? -6.471  0.424   8.880   1.00 143.65 ? 6  DA A N9    1 
ATOM 115 C C8    . DA A 1 6  ? -6.261  -0.087  7.631   1.00 139.43 ? 6  DA A C8    1 
ATOM 116 N N7    . DA A 1 6  ? -5.392  -1.071  7.601   1.00 139.06 ? 6  DA A N7    1 
ATOM 117 C C5    . DA A 1 6  ? -5.011  -1.220  8.923   1.00 146.68 ? 6  DA A C5    1 
ATOM 118 C C6    . DA A 1 6  ? -4.110  -2.097  9.561   1.00 146.61 ? 6  DA A C6    1 
ATOM 119 N N6    . DA A 1 6  ? -3.404  -3.029  8.909   1.00 146.19 ? 6  DA A N6    1 
ATOM 120 N N1    . DA A 1 6  ? -3.962  -1.980  10.896  1.00 132.25 ? 6  DA A N1    1 
ATOM 121 C C2    . DA A 1 6  ? -4.671  -1.047  11.544  1.00 138.15 ? 6  DA A C2    1 
ATOM 122 N N3    . DA A 1 6  ? -5.546  -0.168  11.055  1.00 147.34 ? 6  DA A N3    1 
ATOM 123 C C4    . DA A 1 6  ? -5.671  -0.307  9.728   1.00 143.83 ? 6  DA A C4    1 
ATOM 124 P P     . DC A 1 7  ? -8.015  5.741   9.804   1.00 160.04 ? 7  DC A P     1 
ATOM 125 O OP1   . DC A 1 7  ? -8.542  6.434   11.000  1.00 160.87 ? 7  DC A OP1   1 
ATOM 126 O OP2   . DC A 1 7  ? -8.202  6.327   8.458   1.00 149.46 ? 7  DC A OP2   1 
ATOM 127 O "O5'" . DC A 1 7  ? -6.451  5.482   10.016  1.00 148.03 ? 7  DC A "O5'" 1 
ATOM 128 C "C5'" . DC A 1 7  ? -5.739  6.202   11.015  1.00 144.74 ? 7  DC A "C5'" 1 
ATOM 129 C "C4'" . DC A 1 7  ? -5.027  5.249   11.961  1.00 141.78 ? 7  DC A "C4'" 1 
ATOM 130 O "O4'" . DC A 1 7  ? -4.789  3.991   11.295  1.00 143.80 ? 7  DC A "O4'" 1 
ATOM 131 C "C3'" . DC A 1 7  ? -3.658  5.732   12.452  1.00 136.46 ? 7  DC A "C3'" 1 
ATOM 132 O "O3'" . DC A 1 7  ? -3.687  5.952   13.852  1.00 139.81 ? 7  DC A "O3'" 1 
ATOM 133 C "C2'" . DC A 1 7  ? -2.686  4.601   12.079  1.00 134.86 ? 7  DC A "C2'" 1 
ATOM 134 C "C1'" . DC A 1 7  ? -3.615  3.428   11.816  1.00 138.46 ? 7  DC A "C1'" 1 
ATOM 135 N N1    . DC A 1 7  ? -3.078  2.444   10.825  1.00 136.38 ? 7  DC A N1    1 
ATOM 136 C C2    . DC A 1 7  ? -2.239  1.410   11.258  1.00 128.61 ? 7  DC A C2    1 
ATOM 137 O O2    . DC A 1 7  ? -1.949  1.329   12.459  1.00 122.18 ? 7  DC A O2    1 
ATOM 138 N N3    . DC A 1 7  ? -1.765  0.523   10.346  1.00 125.56 ? 7  DC A N3    1 
ATOM 139 C C4    . DC A 1 7  ? -2.101  0.643   9.060   1.00 126.42 ? 7  DC A C4    1 
ATOM 140 N N4    . DC A 1 7  ? -1.609  -0.254  8.198   1.00 121.39 ? 7  DC A N4    1 
ATOM 141 C C5    . DC A 1 7  ? -2.956  1.689   8.601   1.00 130.01 ? 7  DC A C5    1 
ATOM 142 C C6    . DC A 1 7  ? -3.416  2.557   9.508   1.00 133.93 ? 7  DC A C6    1 
ATOM 143 P P     . DA A 1 8  ? -2.479  6.740   14.559  1.00 154.23 ? 8  DA A P     1 
ATOM 144 O OP1   . DA A 1 8  ? -3.047  7.504   15.691  1.00 166.65 ? 8  DA A OP1   1 
ATOM 145 O OP2   . DA A 1 8  ? -1.714  7.439   13.501  1.00 144.62 ? 8  DA A OP2   1 
ATOM 146 O "O5'" . DA A 1 8  ? -1.540  5.580   15.131  1.00 133.62 ? 8  DA A "O5'" 1 
ATOM 147 C "C5'" . DA A 1 8  ? -0.252  5.906   15.627  1.00 121.25 ? 8  DA A "C5'" 1 
ATOM 148 C "C4'" . DA A 1 8  ? 0.378   4.727   16.339  1.00 120.21 ? 8  DA A "C4'" 1 
ATOM 149 O "O4'" . DA A 1 8  ? 0.259   3.546   15.509  1.00 118.33 ? 8  DA A "O4'" 1 
ATOM 150 C "C3'" . DA A 1 8  ? 1.864   4.882   16.602  1.00 122.45 ? 8  DA A "C3'" 1 
ATOM 151 O "O3'" . DA A 1 8  ? 2.259   4.116   17.724  1.00 132.54 ? 8  DA A "O3'" 1 
ATOM 152 C "C2'" . DA A 1 8  ? 2.479   4.351   15.316  1.00 113.88 ? 8  DA A "C2'" 1 
ATOM 153 C "C1'" . DA A 1 8  ? 1.512   3.235   14.927  1.00 110.95 ? 8  DA A "C1'" 1 
ATOM 154 N N9    . DA A 1 8  ? 1.334   3.111   13.483  1.00 111.98 ? 8  DA A N9    1 
ATOM 155 C C8    . DA A 1 8  ? 0.623   3.945   12.668  1.00 113.87 ? 8  DA A C8    1 
ATOM 156 N N7    . DA A 1 8  ? 0.644   3.592   11.404  1.00 114.44 ? 8  DA A N7    1 
ATOM 157 C C5    . DA A 1 8  ? 1.427   2.451   11.390  1.00 114.63 ? 8  DA A C5    1 
ATOM 158 C C6    . DA A 1 8  ? 1.837   1.592   10.352  1.00 105.61 ? 8  DA A C6    1 
ATOM 159 N N6    . DA A 1 8  ? 1.491   1.770   9.072   1.00 100.17 ? 8  DA A N6    1 
ATOM 160 N N1    . DA A 1 8  ? 2.618   0.542   10.679  1.00 103.89 ? 8  DA A N1    1 
ATOM 161 C C2    . DA A 1 8  ? 2.966   0.371   11.961  1.00 105.20 ? 8  DA A C2    1 
ATOM 162 N N3    . DA A 1 8  ? 2.639   1.107   13.022  1.00 110.13 ? 8  DA A N3    1 
ATOM 163 C C4    . DA A 1 8  ? 1.863   2.141   12.666  1.00 113.54 ? 8  DA A C4    1 
ATOM 164 P P     . DC A 1 9  ? 3.667   4.422   18.435  1.00 152.08 ? 9  DC A P     1 
ATOM 165 O OP1   . DC A 1 9  ? 3.633   3.808   19.780  1.00 158.00 ? 9  DC A OP1   1 
ATOM 166 O OP2   . DC A 1 9  ? 3.929   5.873   18.289  1.00 170.43 ? 9  DC A OP2   1 
ATOM 167 O "O5'" . DC A 1 9  ? 4.732   3.634   17.538  1.00 135.18 ? 9  DC A "O5'" 1 
ATOM 168 C "C5'" . DC A 1 9  ? 4.651   2.220   17.429  1.00 127.26 ? 9  DC A "C5'" 1 
ATOM 169 C "C4'" . DC A 1 9  ? 5.635   1.691   16.400  1.00 120.11 ? 9  DC A "C4'" 1 
ATOM 170 O "O4'" . DC A 1 9  ? 5.063   1.776   15.069  1.00 115.50 ? 9  DC A "O4'" 1 
ATOM 171 C "C3'" . DC A 1 9  ? 6.981   2.429   16.333  1.00 117.88 ? 9  DC A "C3'" 1 
ATOM 172 O "O3'" . DC A 1 9  ? 8.047   1.492   16.491  1.00 122.25 ? 9  DC A "O3'" 1 
ATOM 173 C "C2'" . DC A 1 9  ? 6.976   3.054   14.930  1.00 109.97 ? 9  DC A "C2'" 1 
ATOM 174 C "C1'" . DC A 1 9  ? 6.104   2.067   14.178  1.00 110.36 ? 9  DC A "C1'" 1 
ATOM 175 N N1    . DC A 1 9  ? 5.537   2.592   12.896  1.00 108.51 ? 9  DC A N1    1 
ATOM 176 C C2    . DC A 1 9  ? 5.765   1.891   11.706  1.00 103.19 ? 9  DC A C2    1 
ATOM 177 O O2    . DC A 1 9  ? 6.429   0.846   11.741  1.00 101.17 ? 9  DC A O2    1 
ATOM 178 N N3    . DC A 1 9  ? 5.250   2.373   10.547  1.00 97.81  ? 9  DC A N3    1 
ATOM 179 C C4    . DC A 1 9  ? 4.539   3.503   10.552  1.00 99.58  ? 9  DC A C4    1 
ATOM 180 N N4    . DC A 1 9  ? 4.054   3.940   9.385   1.00 91.12  ? 9  DC A N4    1 
ATOM 181 C C5    . DC A 1 9  ? 4.299   4.235   11.754  1.00 107.00 ? 9  DC A C5    1 
ATOM 182 C C6    . DC A 1 9  ? 4.812   3.749   12.891  1.00 106.41 ? 9  DC A C6    1 
ATOM 183 P P     . DT A 1 10 ? 9.577   1.928   16.247  1.00 138.60 ? 10 DT A P     1 
ATOM 184 O OP1   . DT A 1 10 ? 10.433  0.945   16.950  1.00 135.00 ? 10 DT A OP1   1 
ATOM 185 O OP2   . DT A 1 10 ? 9.708   3.371   16.556  1.00 136.42 ? 10 DT A OP2   1 
ATOM 186 O "O5'" . DT A 1 10 ? 9.782   1.734   14.673  1.00 112.42 ? 10 DT A "O5'" 1 
ATOM 187 C "C5'" . DT A 1 10 ? 9.346   0.531   14.041  1.00 107.19 ? 10 DT A "C5'" 1 
ATOM 188 C "C4'" . DT A 1 10 ? 10.502  -0.189  13.374  1.00 106.97 ? 10 DT A "C4'" 1 
ATOM 189 O "O4'" . DT A 1 10 ? 10.302  -0.199  11.942  1.00 104.83 ? 10 DT A "O4'" 1 
ATOM 190 C "C3'" . DT A 1 10 ? 11.864  0.446   13.585  1.00 101.81 ? 10 DT A "C3'" 1 
ATOM 191 O "O3'" . DT A 1 10 ? 12.875  -0.546  13.499  1.00 108.42 ? 10 DT A "O3'" 1 
ATOM 192 C "C2'" . DT A 1 10 ? 11.952  1.438   12.429  1.00 97.80  ? 10 DT A "C2'" 1 
ATOM 193 C "C1'" . DT A 1 10 ? 11.177  0.726   11.319  1.00 97.52  ? 10 DT A "C1'" 1 
ATOM 194 N N1    . DT A 1 10 ? 10.359  1.650   10.473  1.00 88.15  ? 10 DT A N1    1 
ATOM 195 C C2    . DT A 1 10 ? 10.468  1.579   9.103   1.00 80.46  ? 10 DT A C2    1 
ATOM 196 O O2    . DT A 1 10 ? 11.206  0.797   8.530   1.00 82.29  ? 10 DT A O2    1 
ATOM 197 N N3    . DT A 1 10 ? 9.674   2.463   8.419   1.00 77.59  ? 10 DT A N3    1 
ATOM 198 C C4    . DT A 1 10 ? 8.801   3.392   8.954   1.00 85.02  ? 10 DT A C4    1 
ATOM 199 O O4    . DT A 1 10 ? 8.131   4.145   8.252   1.00 84.08  ? 10 DT A O4    1 
ATOM 200 C C5    . DT A 1 10 ? 8.734   3.415   10.396  1.00 90.51  ? 10 DT A C5    1 
ATOM 201 C C7    . DT A 1 10 ? 7.828   4.387   11.090  1.00 93.92  ? 10 DT A C7    1 
ATOM 202 C C6    . DT A 1 10 ? 9.508   2.554   11.079  1.00 90.92  ? 10 DT A C6    1 
ATOM 203 P P     . DG A 1 11 ? 14.396  -0.180  13.863  1.00 118.11 ? 11 DG A P     1 
ATOM 204 O OP1   . DG A 1 11 ? 15.051  -1.412  14.355  1.00 120.74 ? 11 DG A OP1   1 
ATOM 205 O OP2   . DG A 1 11 ? 14.357  1.021   14.727  1.00 112.78 ? 11 DG A OP2   1 
ATOM 206 O "O5'" . DG A 1 11 ? 15.038  0.229   12.454  1.00 115.12 ? 11 DG A "O5'" 1 
ATOM 207 C "C5'" . DG A 1 11 ? 14.900  -0.632  11.331  1.00 108.56 ? 11 DG A "C5'" 1 
ATOM 208 C "C4'" . DG A 1 11 ? 15.401  0.047   10.068  1.00 103.98 ? 11 DG A "C4'" 1 
ATOM 209 O "O4'" . DG A 1 11 ? 14.326  0.810   9.455   1.00 94.18  ? 11 DG A "O4'" 1 
ATOM 210 C "C3'" . DG A 1 11 ? 16.561  1.029   10.276  1.00 100.13 ? 11 DG A "C3'" 1 
ATOM 211 O "O3'" . DG A 1 11 ? 17.574  0.784   9.313   1.00 93.09  ? 11 DG A "O3'" 1 
ATOM 212 C "C2'" . DG A 1 11 ? 15.912  2.396   10.069  1.00 94.14  ? 11 DG A "C2'" 1 
ATOM 213 C "C1'" . DG A 1 11 ? 14.822  2.066   9.062   1.00 90.28  ? 11 DG A "C1'" 1 
ATOM 214 N N9    . DG A 1 11 ? 13.729  3.034   9.059   1.00 85.67  ? 11 DG A N9    1 
ATOM 215 C C8    . DG A 1 11 ? 13.102  3.574   10.155  1.00 86.63  ? 11 DG A C8    1 
ATOM 216 N N7    . DG A 1 11 ? 12.162  4.425   9.852   1.00 86.36  ? 11 DG A N7    1 
ATOM 217 C C5    . DG A 1 11 ? 12.170  4.460   8.463   1.00 82.03  ? 11 DG A C5    1 
ATOM 218 C C6    . DG A 1 11 ? 11.368  5.207   7.568   1.00 73.30  ? 11 DG A C6    1 
ATOM 219 O O6    . DG A 1 11 ? 10.463  6.010   7.833   1.00 70.55  ? 11 DG A O6    1 
ATOM 220 N N1    . DG A 1 11 ? 11.702  4.948   6.240   1.00 69.91  ? 11 DG A N1    1 
ATOM 221 C C2    . DG A 1 11 ? 12.686  4.078   5.832   1.00 73.59  ? 11 DG A C2    1 
ATOM 222 N N2    . DG A 1 11 ? 12.862  3.961   4.509   1.00 69.03  ? 11 DG A N2    1 
ATOM 223 N N3    . DG A 1 11 ? 13.444  3.373   6.662   1.00 78.45  ? 11 DG A N3    1 
ATOM 224 C C4    . DG A 1 11 ? 13.131  3.612   7.959   1.00 83.66  ? 11 DG A C4    1 
ATOM 225 P P     . DA A 1 12 ? 19.084  1.272   9.565   1.00 106.97 ? 12 DA A P     1 
ATOM 226 O OP1   . DA A 1 12 ? 19.859  0.079   9.973   1.00 105.80 ? 12 DA A OP1   1 
ATOM 227 O OP2   . DA A 1 12 ? 19.057  2.475   10.432  1.00 97.04  ? 12 DA A OP2   1 
ATOM 228 O "O5'" . DA A 1 12 ? 19.580  1.730   8.112   1.00 98.52  ? 12 DA A "O5'" 1 
ATOM 229 C "C5'" . DA A 1 12 ? 19.283  0.928   6.967   1.00 88.89  ? 12 DA A "C5'" 1 
ATOM 230 C "C4'" . DA A 1 12 ? 19.259  1.775   5.702   1.00 83.01  ? 12 DA A "C4'" 1 
ATOM 231 O "O4'" . DA A 1 12 ? 17.997  2.476   5.605   1.00 78.01  ? 12 DA A "O4'" 1 
ATOM 232 C "C3'" . DA A 1 12 ? 20.372  2.812   5.605   1.00 80.84  ? 12 DA A "C3'" 1 
ATOM 233 O "O3'" . DA A 1 12 ? 21.141  2.595   4.426   1.00 82.42  ? 12 DA A "O3'" 1 
ATOM 234 C "C2'" . DA A 1 12 ? 19.662  4.175   5.590   1.00 78.01  ? 12 DA A "C2'" 1 
ATOM 235 C "C1'" . DA A 1 12 ? 18.188  3.848   5.344   1.00 82.05  ? 12 DA A "C1'" 1 
ATOM 236 N N9    . DA A 1 12 ? 17.286  4.586   6.226   1.00 79.84  ? 12 DA A N9    1 
ATOM 237 C C8    . DA A 1 12 ? 17.266  4.534   7.592   1.00 82.38  ? 12 DA A C8    1 
ATOM 238 N N7    . DA A 1 12 ? 16.350  5.296   8.139   1.00 78.25  ? 12 DA A N7    1 
ATOM 239 C C5    . DA A 1 12 ? 15.719  5.886   7.059   1.00 74.80  ? 12 DA A C5    1 
ATOM 240 C C6    . DA A 1 12 ? 14.655  6.804   6.975   1.00 75.38  ? 12 DA A C6    1 
ATOM 241 N N6    . DA A 1 12 ? 14.024  7.297   8.046   1.00 70.84  ? 12 DA A N6    1 
ATOM 242 N N1    . DA A 1 12 ? 14.265  7.196   5.745   1.00 74.05  ? 12 DA A N1    1 
ATOM 243 C C2    . DA A 1 12 ? 14.900  6.697   4.677   1.00 77.05  ? 12 DA A C2    1 
ATOM 244 N N3    . DA A 1 12 ? 15.915  5.831   4.631   1.00 75.13  ? 12 DA A N3    1 
ATOM 245 C C4    . DA A 1 12 ? 16.281  5.459   5.870   1.00 75.39  ? 12 DA A C4    1 
ATOM 246 P P     . DC B 2 1  ? 16.511  9.369   -16.293 1.00 105.43 ? 12 DC B P     1 
ATOM 247 O OP1   . DC B 2 1  ? 16.812  10.756  -16.713 1.00 110.95 ? 12 DC B OP1   1 
ATOM 248 O OP2   . DC B 2 1  ? 17.616  8.426   -16.005 1.00 90.82  ? 12 DC B OP2   1 
ATOM 249 O "O5'" . DC B 2 1  ? 15.535  9.383   -15.023 1.00 92.43  ? 12 DC B "O5'" 1 
ATOM 250 C "C5'" . DC B 2 1  ? 14.439  8.488   -14.966 1.00 93.90  ? 12 DC B "C5'" 1 
ATOM 251 C "C4'" . DC B 2 1  ? 14.515  7.475   -16.091 1.00 92.07  ? 12 DC B "C4'" 1 
ATOM 252 O "O4'" . DC B 2 1  ? 15.031  6.214   -15.577 1.00 84.06  ? 12 DC B "O4'" 1 
ATOM 253 C "C3'" . DC B 2 1  ? 13.173  7.147   -16.727 1.00 91.79  ? 12 DC B "C3'" 1 
ATOM 254 O "O3'" . DC B 2 1  ? 13.327  6.873   -18.105 1.00 99.12  ? 12 DC B "O3'" 1 
ATOM 255 C "C2'" . DC B 2 1  ? 12.744  5.910   -15.962 1.00 84.43  ? 12 DC B "C2'" 1 
ATOM 256 C "C1'" . DC B 2 1  ? 14.070  5.197   -15.771 1.00 78.22  ? 12 DC B "C1'" 1 
ATOM 257 N N1    . DC B 2 1  ? 14.083  4.294   -14.585 1.00 74.72  ? 12 DC B N1    1 
ATOM 258 C C2    . DC B 2 1  ? 13.777  2.938   -14.742 1.00 74.57  ? 12 DC B C2    1 
ATOM 259 O O2    . DC B 2 1  ? 13.509  2.506   -15.871 1.00 72.85  ? 12 DC B O2    1 
ATOM 260 N N3    . DC B 2 1  ? 13.789  2.131   -13.651 1.00 73.94  ? 12 DC B N3    1 
ATOM 261 C C4    . DC B 2 1  ? 14.085  2.636   -12.451 1.00 73.30  ? 12 DC B C4    1 
ATOM 262 N N4    . DC B 2 1  ? 14.084  1.804   -11.405 1.00 72.62  ? 12 DC B N4    1 
ATOM 263 C C5    . DC B 2 1  ? 14.393  4.017   -12.272 1.00 75.70  ? 12 DC B C5    1 
ATOM 264 C C6    . DC B 2 1  ? 14.379  4.801   -13.354 1.00 79.74  ? 12 DC B C6    1 
ATOM 265 P P     . DG B 2 2  ? 12.157  7.281   -19.124 1.00 110.14 ? 13 DG B P     1 
ATOM 266 O OP1   . DG B 2 2  ? 12.367  6.537   -20.387 1.00 99.86  ? 13 DG B OP1   1 
ATOM 267 O OP2   . DG B 2 2  ? 12.087  8.761   -19.116 1.00 105.54 ? 13 DG B OP2   1 
ATOM 268 O "O5'" . DG B 2 2  ? 10.824  6.758   -18.408 1.00 91.95  ? 13 DG B "O5'" 1 
ATOM 269 C "C5'" . DG B 2 2  ? 9.816   6.097   -19.161 1.00 90.28  ? 13 DG B "C5'" 1 
ATOM 270 C "C4'" . DG B 2 2  ? 9.972   4.592   -19.053 1.00 82.27  ? 13 DG B "C4'" 1 
ATOM 271 O "O4'" . DG B 2 2  ? 10.584  4.268   -17.796 1.00 76.10  ? 13 DG B "O4'" 1 
ATOM 272 C "C3'" . DG B 2 2  ? 8.665   3.808   -19.078 1.00 90.12  ? 13 DG B "C3'" 1 
ATOM 273 O "O3'" . DG B 2 2  ? 8.434   3.295   -20.383 1.00 95.86  ? 13 DG B "O3'" 1 
ATOM 274 C "C2'" . DG B 2 2  ? 8.869   2.675   -18.052 1.00 83.96  ? 13 DG B "C2'" 1 
ATOM 275 C "C1'" . DG B 2 2  ? 10.248  2.949   -17.461 1.00 78.59  ? 13 DG B "C1'" 1 
ATOM 276 N N9    . DG B 2 2  ? 10.333  2.805   -16.006 1.00 79.39  ? 13 DG B N9    1 
ATOM 277 C C8    . DG B 2 2  ? 10.577  3.800   -15.092 1.00 76.79  ? 13 DG B C8    1 
ATOM 278 N N7    . DG B 2 2  ? 10.635  3.380   -13.862 1.00 71.00  ? 13 DG B N7    1 
ATOM 279 C C5    . DG B 2 2  ? 10.413  2.016   -13.962 1.00 77.02  ? 13 DG B C5    1 
ATOM 280 C C6    . DG B 2 2  ? 10.355  1.031   -12.954 1.00 79.47  ? 13 DG B C6    1 
ATOM 281 O O6    . DG B 2 2  ? 10.492  1.179   -11.731 1.00 75.34  ? 13 DG B O6    1 
ATOM 282 N N1    . DG B 2 2  ? 10.108  -0.234  -13.483 1.00 83.35  ? 13 DG B N1    1 
ATOM 283 C C2    . DG B 2 2  ? 9.938   -0.507  -14.820 1.00 82.43  ? 13 DG B C2    1 
ATOM 284 N N2    . DG B 2 2  ? 9.709   -1.788  -15.143 1.00 75.76  ? 13 DG B N2    1 
ATOM 285 N N3    . DG B 2 2  ? 9.992   0.410   -15.777 1.00 77.50  ? 13 DG B N3    1 
ATOM 286 C C4    . DG B 2 2  ? 10.231  1.644   -15.276 1.00 76.40  ? 13 DG B C4    1 
ATOM 287 P P     . DA B 2 3  ? 6.932   3.079   -20.910 1.00 96.99  ? 14 DA B P     1 
ATOM 288 O OP1   . DA B 2 3  ? 7.009   2.649   -22.322 1.00 95.48  ? 14 DA B OP1   1 
ATOM 289 O OP2   . DA B 2 3  ? 6.153   4.290   -20.567 1.00 96.22  ? 14 DA B OP2   1 
ATOM 290 O "O5'" . DA B 2 3  ? 6.389   1.862   -20.026 1.00 91.20  ? 14 DA B "O5'" 1 
ATOM 291 C "C5'" . DA B 2 3  ? 6.908   0.552   -20.227 1.00 93.79  ? 14 DA B "C5'" 1 
ATOM 292 C "C4'" . DA B 2 3  ? 6.312   -0.432  -19.234 1.00 94.98  ? 14 DA B "C4'" 1 
ATOM 293 O "O4'" . DA B 2 3  ? 6.845   -0.178  -17.907 1.00 89.77  ? 14 DA B "O4'" 1 
ATOM 294 C "C3'" . DA B 2 3  ? 4.792   -0.381  -19.095 1.00 96.44  ? 14 DA B "C3'" 1 
ATOM 295 O "O3'" . DA B 2 3  ? 4.295   -1.699  -18.923 1.00 90.94  ? 14 DA B "O3'" 1 
ATOM 296 C "C2'" . DA B 2 3  ? 4.598   0.455   -17.832 1.00 96.54  ? 14 DA B "C2'" 1 
ATOM 297 C "C1'" . DA B 2 3  ? 5.781   0.003   -16.995 1.00 90.75  ? 14 DA B "C1'" 1 
ATOM 298 N N9    . DA B 2 3  ? 6.197   0.975   -15.989 1.00 83.55  ? 14 DA B N9    1 
ATOM 299 C C8    . DA B 2 3  ? 6.376   2.319   -16.165 1.00 79.85  ? 14 DA B C8    1 
ATOM 300 N N7    . DA B 2 3  ? 6.769   2.950   -15.085 1.00 82.26  ? 14 DA B N7    1 
ATOM 301 C C5    . DA B 2 3  ? 6.842   1.952   -14.129 1.00 86.62  ? 14 DA B C5    1 
ATOM 302 C C6    . DA B 2 3  ? 7.192   1.969   -12.765 1.00 84.13  ? 14 DA B C6    1 
ATOM 303 N N6    . DA B 2 3  ? 7.550   3.079   -12.111 1.00 78.17  ? 14 DA B N6    1 
ATOM 304 N N1    . DA B 2 3  ? 7.162   0.796   -12.099 1.00 77.88  ? 14 DA B N1    1 
ATOM 305 C C2    . DA B 2 3  ? 6.804   -0.312  -12.756 1.00 74.73  ? 14 DA B C2    1 
ATOM 306 N N3    . DA B 2 3  ? 6.452   -0.453  -14.033 1.00 73.78  ? 14 DA B N3    1 
ATOM 307 C C4    . DA B 2 3  ? 6.493   0.729   -14.669 1.00 82.58  ? 14 DA B C4    1 
ATOM 308 P P     . DG B 2 4  ? 2.763   -2.047  -19.261 1.00 94.10  ? 15 DG B P     1 
ATOM 309 O OP1   . DG B 2 4  ? 2.663   -2.213  -20.728 1.00 103.54 ? 15 DG B OP1   1 
ATOM 310 O OP2   . DG B 2 4  ? 1.903   -1.058  -18.570 1.00 85.20  ? 15 DG B OP2   1 
ATOM 311 O "O5'" . DG B 2 4  ? 2.542   -3.478  -18.580 1.00 98.06  ? 15 DG B "O5'" 1 
ATOM 312 C "C5'" . DG B 2 4  ? 3.467   -3.956  -17.606 1.00 92.99  ? 15 DG B "C5'" 1 
ATOM 313 C "C4'" . DG B 2 4  ? 2.784   -4.167  -16.266 1.00 94.83  ? 15 DG B "C4'" 1 
ATOM 314 O "O4'" . DG B 2 4  ? 3.342   -3.247  -15.284 1.00 86.42  ? 15 DG B "O4'" 1 
ATOM 315 C "C3'" . DG B 2 4  ? 1.269   -3.919  -16.260 1.00 92.16  ? 15 DG B "C3'" 1 
ATOM 316 O "O3'" . DG B 2 4  ? 0.617   -4.902  -15.454 1.00 91.46  ? 15 DG B "O3'" 1 
ATOM 317 C "C2'" . DG B 2 4  ? 1.160   -2.532  -15.635 1.00 84.28  ? 15 DG B "C2'" 1 
ATOM 318 C "C1'" . DG B 2 4  ? 2.286   -2.595  -14.620 1.00 82.22  ? 15 DG B "C1'" 1 
ATOM 319 N N9    . DG B 2 4  ? 2.738   -1.285  -14.157 1.00 85.76  ? 15 DG B N9    1 
ATOM 320 C C8    . DG B 2 4  ? 2.836   -0.128  -14.894 1.00 88.88  ? 15 DG B C8    1 
ATOM 321 N N7    . DG B 2 4  ? 3.266   0.894   -14.203 1.00 93.04  ? 15 DG B N7    1 
ATOM 322 C C5    . DG B 2 4  ? 3.462   0.381   -12.926 1.00 91.15  ? 15 DG B C5    1 
ATOM 323 C C6    . DG B 2 4  ? 3.919   1.019   -11.747 1.00 84.38  ? 15 DG B C6    1 
ATOM 324 O O6    . DG B 2 4  ? 4.255   2.202   -11.595 1.00 82.72  ? 15 DG B O6    1 
ATOM 325 N N1    . DG B 2 4  ? 3.972   0.134   -10.671 1.00 79.20  ? 15 DG B N1    1 
ATOM 326 C C2    . DG B 2 4  ? 3.625   -1.195  -10.728 1.00 79.48  ? 15 DG B C2    1 
ATOM 327 N N2    . DG B 2 4  ? 3.741   -1.889  -9.587  1.00 73.75  ? 15 DG B N2    1 
ATOM 328 N N3    . DG B 2 4  ? 3.195   -1.803  -11.825 1.00 86.31  ? 15 DG B N3    1 
ATOM 329 C C4    . DG B 2 4  ? 3.139   -0.957  -12.882 1.00 90.19  ? 15 DG B C4    1 
ATOM 330 P P     . DG B 2 5  ? -0.941  -5.239  -15.675 1.00 97.02  ? 16 DG B P     1 
ATOM 331 O OP1   . DG B 2 5  ? -1.036  -6.470  -16.488 1.00 94.35  ? 16 DG B OP1   1 
ATOM 332 O OP2   . DG B 2 5  ? -1.613  -4.011  -16.154 1.00 86.45  ? 16 DG B OP2   1 
ATOM 333 O "O5'" . DG B 2 5  ? -1.473  -5.571  -14.202 1.00 90.89  ? 16 DG B "O5'" 1 
ATOM 334 C "C5'" . DG B 2 5  ? -0.926  -6.669  -13.472 1.00 84.52  ? 16 DG B "C5'" 1 
ATOM 335 C "C4'" . DG B 2 5  ? -0.802  -6.322  -11.999 1.00 83.40  ? 16 DG B "C4'" 1 
ATOM 336 O "O4'" . DG B 2 5  ? -0.095  -5.057  -11.867 1.00 82.48  ? 16 DG B "O4'" 1 
ATOM 337 C "C3'" . DG B 2 5  ? -2.137  -6.134  -11.269 1.00 84.91  ? 16 DG B "C3'" 1 
ATOM 338 O "O3'" . DG B 2 5  ? -2.064  -6.654  -9.943  1.00 88.60  ? 16 DG B "O3'" 1 
ATOM 339 C "C2'" . DG B 2 5  ? -2.301  -4.624  -11.257 1.00 80.99  ? 16 DG B "C2'" 1 
ATOM 340 C "C1'" . DG B 2 5  ? -0.865  -4.178  -11.077 1.00 80.48  ? 16 DG B "C1'" 1 
ATOM 341 N N9    . DG B 2 5  ? -0.646  -2.811  -11.521 1.00 85.70  ? 16 DG B N9    1 
ATOM 342 C C8    . DG B 2 5  ? -0.911  -2.291  -12.765 1.00 89.21  ? 16 DG B C8    1 
ATOM 343 N N7    . DG B 2 5  ? -0.636  -1.020  -12.865 1.00 88.37  ? 16 DG B N7    1 
ATOM 344 C C5    . DG B 2 5  ? -0.169  -0.674  -11.603 1.00 88.08  ? 16 DG B C5    1 
ATOM 345 C C6    . DG B 2 5  ? 0.283   0.571   -11.110 1.00 88.02  ? 16 DG B C6    1 
ATOM 346 O O6    . DG B 2 5  ? 0.361   1.651   -11.712 1.00 88.35  ? 16 DG B O6    1 
ATOM 347 N N1    . DG B 2 5  ? 0.669   0.487   -9.774  1.00 86.31  ? 16 DG B N1    1 
ATOM 348 C C2    . DG B 2 5  ? 0.626   -0.658  -9.013  1.00 85.14  ? 16 DG B C2    1 
ATOM 349 N N2    . DG B 2 5  ? 1.039   -0.544  -7.742  1.00 80.53  ? 16 DG B N2    1 
ATOM 350 N N3    . DG B 2 5  ? 0.204   -1.832  -9.464  1.00 88.14  ? 16 DG B N3    1 
ATOM 351 C C4    . DG B 2 5  ? -0.175  -1.765  -10.764 1.00 88.60  ? 16 DG B C4    1 
ATOM 352 P P     . DA B 2 6  ? -3.332  -6.540  -8.958  1.00 101.71 ? 17 DA B P     1 
ATOM 353 O OP1   . DA B 2 6  ? -3.409  -7.805  -8.196  1.00 102.67 ? 17 DA B OP1   1 
ATOM 354 O OP2   . DA B 2 6  ? -4.512  -6.123  -9.752  1.00 98.44  ? 17 DA B OP2   1 
ATOM 355 O "O5'" . DA B 2 6  ? -2.932  -5.369  -7.937  1.00 81.66  ? 17 DA B "O5'" 1 
ATOM 356 C "C5'" . DA B 2 6  ? -2.097  -5.665  -6.809  1.00 81.52  ? 17 DA B "C5'" 1 
ATOM 357 C "C4'" . DA B 2 6  ? -1.917  -4.443  -5.924  1.00 82.03  ? 17 DA B "C4'" 1 
ATOM 358 O "O4'" . DA B 2 6  ? -1.563  -3.300  -6.750  1.00 81.44  ? 17 DA B "O4'" 1 
ATOM 359 C "C3'" . DA B 2 6  ? -3.159  -4.024  -5.137  1.00 78.80  ? 17 DA B "C3'" 1 
ATOM 360 O "O3'" . DA B 2 6  ? -2.783  -3.535  -3.850  1.00 81.52  ? 17 DA B "O3'" 1 
ATOM 361 C "C2'" . DA B 2 6  ? -3.736  -2.915  -6.001  1.00 77.06  ? 17 DA B "C2'" 1 
ATOM 362 C "C1'" . DA B 2 6  ? -2.467  -2.250  -6.495  1.00 80.20  ? 17 DA B "C1'" 1 
ATOM 363 N N9    . DA B 2 6  ? -2.677  -1.492  -7.717  1.00 82.31  ? 17 DA B N9    1 
ATOM 364 C C8    . DA B 2 6  ? -3.222  -1.946  -8.884  1.00 85.97  ? 17 DA B C8    1 
ATOM 365 N N7    . DA B 2 6  ? -3.314  -1.027  -9.815  1.00 87.42  ? 17 DA B N7    1 
ATOM 366 C C5    . DA B 2 6  ? -2.803  0.109   -9.211  1.00 84.87  ? 17 DA B C5    1 
ATOM 367 C C6    . DA B 2 6  ? -2.623  1.428   -9.667  1.00 83.85  ? 17 DA B C6    1 
ATOM 368 N N6    . DA B 2 6  ? -2.955  1.829   -10.898 1.00 84.95  ? 17 DA B N6    1 
ATOM 369 N N1    . DA B 2 6  ? -2.088  2.321   -8.811  1.00 78.08  ? 17 DA B N1    1 
ATOM 370 C C2    . DA B 2 6  ? -1.758  1.913   -7.579  1.00 81.66  ? 17 DA B C2    1 
ATOM 371 N N3    . DA B 2 6  ? -1.879  0.705   -7.037  1.00 84.76  ? 17 DA B N3    1 
ATOM 372 C C4    . DA B 2 6  ? -2.414  -0.159  -7.913  1.00 84.13  ? 17 DA B C4    1 
ATOM 373 P P     . DC B 2 7  ? -3.686  -3.866  -2.561  1.00 94.83  ? 18 DC B P     1 
ATOM 374 O OP1   . DC B 2 7  ? -2.785  -4.423  -1.526  1.00 100.66 ? 18 DC B OP1   1 
ATOM 375 O OP2   . DC B 2 7  ? -4.861  -4.643  -3.015  1.00 91.62  ? 18 DC B OP2   1 
ATOM 376 O "O5'" . DC B 2 7  ? -4.204  -2.434  -2.069  1.00 80.78  ? 18 DC B "O5'" 1 
ATOM 377 C "C5'" . DC B 2 7  ? -4.764  -1.522  -3.003  1.00 86.35  ? 18 DC B "C5'" 1 
ATOM 378 C "C4'" . DC B 2 7  ? -4.045  -0.188  -2.948  1.00 87.63  ? 18 DC B "C4'" 1 
ATOM 379 O "O4'" . DC B 2 7  ? -3.772  0.275   -4.294  1.00 80.00  ? 18 DC B "O4'" 1 
ATOM 380 C "C3'" . DC B 2 7  ? -4.828  0.924   -2.263  1.00 89.00  ? 18 DC B "C3'" 1 
ATOM 381 O "O3'" . DC B 2 7  ? -3.980  1.670   -1.429  1.00 79.11  ? 18 DC B "O3'" 1 
ATOM 382 C "C2'" . DC B 2 7  ? -5.360  1.762   -3.418  1.00 84.06  ? 18 DC B "C2'" 1 
ATOM 383 C "C1'" . DC B 2 7  ? -4.278  1.579   -4.468  1.00 82.49  ? 18 DC B "C1'" 1 
ATOM 384 N N1    . DC B 2 7  ? -4.805  1.683   -5.836  1.00 81.25  ? 18 DC B N1    1 
ATOM 385 C C2    . DC B 2 7  ? -4.832  2.926   -6.472  1.00 86.01  ? 18 DC B C2    1 
ATOM 386 O O2    . DC B 2 7  ? -4.397  3.918   -5.876  1.00 86.80  ? 18 DC B O2    1 
ATOM 387 N N3    . DC B 2 7  ? -5.331  3.005   -7.728  1.00 88.39  ? 18 DC B N3    1 
ATOM 388 C C4    . DC B 2 7  ? -5.792  1.909   -8.334  1.00 86.34  ? 18 DC B C4    1 
ATOM 389 N N4    . DC B 2 7  ? -6.274  2.037   -9.574  1.00 86.36  ? 18 DC B N4    1 
ATOM 390 C C5    . DC B 2 7  ? -5.778  0.635   -7.697  1.00 81.97  ? 18 DC B C5    1 
ATOM 391 C C6    . DC B 2 7  ? -5.284  0.570   -6.458  1.00 81.44  ? 18 DC B C6    1 
ATOM 392 P P     . DT B 2 8  ? -4.537  2.182   -0.018  1.00 92.28  ? 19 DT B P     1 
ATOM 393 O OP1   . DT B 2 8  ? -3.417  2.792   0.736   1.00 95.39  ? 19 DT B OP1   1 
ATOM 394 O OP2   . DT B 2 8  ? -5.318  1.062   0.555   1.00 104.82 ? 19 DT B OP2   1 
ATOM 395 O "O5'" . DT B 2 8  ? -5.583  3.314   -0.424  1.00 89.36  ? 19 DT B "O5'" 1 
ATOM 396 C "C5'" . DT B 2 8  ? -5.705  4.471   0.367   1.00 95.12  ? 19 DT B "C5'" 1 
ATOM 397 C "C4'" . DT B 2 8  ? -5.677  5.719   -0.493  1.00 95.12  ? 19 DT B "C4'" 1 
ATOM 398 O "O4'" . DT B 2 8  ? -5.716  5.358   -1.906  1.00 96.67  ? 19 DT B "O4'" 1 
ATOM 399 C "C3'" . DT B 2 8  ? -6.860  6.662   -0.273  1.00 96.77  ? 19 DT B "C3'" 1 
ATOM 400 O "O3'" . DT B 2 8  ? -6.409  8.000   -0.259  1.00 97.51  ? 19 DT B "O3'" 1 
ATOM 401 C "C2'" . DT B 2 8  ? -7.737  6.386   -1.488  1.00 99.34  ? 19 DT B "C2'" 1 
ATOM 402 C "C1'" . DT B 2 8  ? -6.670  6.177   -2.538  1.00 97.33  ? 19 DT B "C1'" 1 
ATOM 403 N N1    . DT B 2 8  ? -7.155  5.520   -3.791  1.00 94.66  ? 19 DT B N1    1 
ATOM 404 C C2    . DT B 2 8  ? -6.951  6.159   -4.988  1.00 95.51  ? 19 DT B C2    1 
ATOM 405 O O2    . DT B 2 8  ? -6.380  7.230   -5.083  1.00 103.57 ? 19 DT B O2    1 
ATOM 406 N N3    . DT B 2 8  ? -7.424  5.490   -6.084  1.00 89.54  ? 19 DT B N3    1 
ATOM 407 C C4    . DT B 2 8  ? -8.080  4.275   -6.103  1.00 87.32  ? 19 DT B C4    1 
ATOM 408 O O4    . DT B 2 8  ? -8.470  3.758   -7.145  1.00 86.77  ? 19 DT B O4    1 
ATOM 409 C C5    . DT B 2 8  ? -8.272  3.658   -4.811  1.00 87.83  ? 19 DT B C5    1 
ATOM 410 C C7    . DT B 2 8  ? -8.974  2.335   -4.706  1.00 90.11  ? 19 DT B C7    1 
ATOM 411 C C6    . DT B 2 8  ? -7.810  4.305   -3.726  1.00 90.21  ? 19 DT B C6    1 
ATOM 412 P P     . DC B 2 9  ? -7.186  9.093   0.621   1.00 106.59 ? 20 DC B P     1 
ATOM 413 O OP1   . DC B 2 9  ? -6.630  10.421  0.271   1.00 111.34 ? 20 DC B OP1   1 
ATOM 414 O OP2   . DC B 2 9  ? -7.160  8.616   2.022   1.00 108.62 ? 20 DC B OP2   1 
ATOM 415 O "O5'" . DC B 2 9  ? -8.703  8.985   0.115   1.00 104.56 ? 20 DC B "O5'" 1 
ATOM 416 C "C5'" . DC B 2 9  ? -9.333  10.089  -0.534  1.00 111.23 ? 20 DC B "C5'" 1 
ATOM 417 C "C4'" . DC B 2 9  ? -8.865  10.225  -1.975  1.00 109.12 ? 20 DC B "C4'" 1 
ATOM 418 O "O4'" . DC B 2 9  ? -8.966  8.943   -2.650  1.00 104.39 ? 20 DC B "O4'" 1 
ATOM 419 C "C3'" . DC B 2 9  ? -9.665  11.217  -2.822  1.00 113.39 ? 20 DC B "C3'" 1 
ATOM 420 O "O3'" . DC B 2 9  ? -8.780  12.042  -3.572  1.00 108.20 ? 20 DC B "O3'" 1 
ATOM 421 C "C2'" . DC B 2 9  ? -10.503 10.316  -3.730  1.00 111.16 ? 20 DC B "C2'" 1 
ATOM 422 C "C1'" . DC B 2 9  ? -9.580  9.123   -3.902  1.00 107.53 ? 20 DC B "C1'" 1 
ATOM 423 N N1    . DC B 2 9  ? -10.287 7.862   -4.270  1.00 105.26 ? 20 DC B N1    1 
ATOM 424 C C2    . DC B 2 9  ? -10.561 7.590   -5.615  1.00 101.23 ? 20 DC B C2    1 
ATOM 425 O O2    . DC B 2 9  ? -10.216 8.406   -6.477  1.00 101.47 ? 20 DC B O2    1 
ATOM 426 N N3    . DC B 2 9  ? -11.201 6.438   -5.934  1.00 94.76  ? 20 DC B N3    1 
ATOM 427 C C4    . DC B 2 9  ? -11.555 5.583   -4.975  1.00 93.22  ? 20 DC B C4    1 
ATOM 428 N N4    . DC B 2 9  ? -12.184 4.461   -5.337  1.00 94.54  ? 20 DC B N4    1 
ATOM 429 C C5    . DC B 2 9  ? -11.285 5.842   -3.598  1.00 95.30  ? 20 DC B C5    1 
ATOM 430 C C6    . DC B 2 9  ? -10.656 6.982   -3.295  1.00 100.42 ? 20 DC B C6    1 
ATOM 431 P P     . DT C 3 1  ? 5.949   14.584  3.288   1.00 132.52 ? 0  DT C P     1 
ATOM 432 O OP1   . DT C 3 1  ? 5.299   15.031  2.034   1.00 132.96 ? 0  DT C OP1   1 
ATOM 433 O OP2   . DT C 3 1  ? 5.154   13.892  4.329   1.00 135.97 ? 0  DT C OP2   1 
ATOM 434 O "O5'" . DT C 3 1  ? 7.228   13.683  2.932   1.00 107.73 ? 0  DT C "O5'" 1 
ATOM 435 C "C5'" . DT C 3 1  ? 8.291   14.238  2.155   1.00 96.55  ? 0  DT C "C5'" 1 
ATOM 436 C "C4'" . DT C 3 1  ? 9.087   13.156  1.445   1.00 91.05  ? 0  DT C "C4'" 1 
ATOM 437 O "O4'" . DT C 3 1  ? 10.037  12.553  2.366   1.00 90.04  ? 0  DT C "O4'" 1 
ATOM 438 C "C3'" . DT C 3 1  ? 8.261   12.004  0.874   1.00 88.41  ? 0  DT C "C3'" 1 
ATOM 439 O "O3'" . DT C 3 1  ? 8.777   11.643  -0.405  1.00 91.04  ? 0  DT C "O3'" 1 
ATOM 440 C "C2'" . DT C 3 1  ? 8.478   10.893  1.905   1.00 78.87  ? 0  DT C "C2'" 1 
ATOM 441 C "C1'" . DT C 3 1  ? 9.924   11.152  2.285   1.00 82.80  ? 0  DT C "C1'" 1 
ATOM 442 N N1    . DT C 3 1  ? 10.345  10.560  3.595   1.00 78.87  ? 0  DT C N1    1 
ATOM 443 C C2    . DT C 3 1  ? 11.380  9.652   3.617   1.00 76.89  ? 0  DT C C2    1 
ATOM 444 O O2    . DT C 3 1  ? 11.972  9.286   2.617   1.00 77.36  ? 0  DT C O2    1 
ATOM 445 N N3    . DT C 3 1  ? 11.701  9.179   4.863   1.00 77.49  ? 0  DT C N3    1 
ATOM 446 C C4    . DT C 3 1  ? 11.105  9.517   6.064   1.00 77.70  ? 0  DT C C4    1 
ATOM 447 O O4    . DT C 3 1  ? 11.467  9.035   7.134   1.00 73.73  ? 0  DT C O4    1 
ATOM 448 C C5    . DT C 3 1  ? 10.029  10.478  5.973   1.00 79.06  ? 0  DT C C5    1 
ATOM 449 C C7    . DT C 3 1  ? 9.307   10.921  7.211   1.00 83.74  ? 0  DT C C7    1 
ATOM 450 C C6    . DT C 3 1  ? 9.706   10.950  4.756   1.00 80.65  ? 0  DT C C6    1 
ATOM 451 P P     . DC C 3 2  ? 7.810   11.066  -1.551  1.00 102.57 ? 1  DC C P     1 
ATOM 452 O OP1   . DC C 3 2  ? 7.912   11.969  -2.721  1.00 112.75 ? 1  DC C OP1   1 
ATOM 453 O OP2   . DC C 3 2  ? 6.493   10.797  -0.932  1.00 94.17  ? 1  DC C OP2   1 
ATOM 454 O "O5'" . DC C 3 2  ? 8.472   9.656   -1.914  1.00 87.79  ? 1  DC C "O5'" 1 
ATOM 455 C "C5'" . DC C 3 2  ? 8.807   8.760   -0.866  1.00 84.49  ? 1  DC C "C5'" 1 
ATOM 456 C "C4'" . DC C 3 2  ? 9.882   7.780   -1.290  1.00 83.59  ? 1  DC C "C4'" 1 
ATOM 457 O "O4'" . DC C 3 2  ? 10.674  7.416   -0.134  1.00 82.71  ? 1  DC C "O4'" 1 
ATOM 458 C "C3'" . DC C 3 2  ? 9.357   6.457   -1.800  1.00 82.23  ? 1  DC C "C3'" 1 
ATOM 459 O "O3'" . DC C 3 2  ? 10.388  5.783   -2.513  1.00 76.25  ? 1  DC C "O3'" 1 
ATOM 460 C "C2'" . DC C 3 2  ? 9.027   5.752   -0.485  1.00 76.81  ? 1  DC C "C2'" 1 
ATOM 461 C "C1'" . DC C 3 2  ? 10.197  6.188   0.399   1.00 76.74  ? 1  DC C "C1'" 1 
ATOM 462 N N1    . DC C 3 2  ? 9.846   6.421   1.839   1.00 71.34  ? 1  DC C N1    1 
ATOM 463 C C2    . DC C 3 2  ? 10.589  5.790   2.841   1.00 66.86  ? 1  DC C C2    1 
ATOM 464 O O2    . DC C 3 2  ? 11.504  5.023   2.516   1.00 71.23  ? 1  DC C O2    1 
ATOM 465 N N3    . DC C 3 2  ? 10.282  6.029   4.139   1.00 62.29  ? 1  DC C N3    1 
ATOM 466 C C4    . DC C 3 2  ? 9.288   6.864   4.447   1.00 69.85  ? 1  DC C C4    1 
ATOM 467 N N4    . DC C 3 2  ? 9.021   7.067   5.741   1.00 70.27  ? 1  DC C N4    1 
ATOM 468 C C5    . DC C 3 2  ? 8.524   7.525   3.443   1.00 74.04  ? 1  DC C C5    1 
ATOM 469 C C6    . DC C 3 2  ? 8.837   7.282   2.165   1.00 73.13  ? 1  DC C C6    1 
ATOM 470 P P     . DA C 3 3  ? 10.031  4.767   -3.705  1.00 85.70  ? 2  DA C P     1 
ATOM 471 O OP1   . DA C 3 3  ? 11.248  4.645   -4.542  1.00 80.60  ? 2  DA C OP1   1 
ATOM 472 O OP2   . DA C 3 3  ? 8.768   5.214   -4.338  1.00 88.00  ? 2  DA C OP2   1 
ATOM 473 O "O5'" . DA C 3 3  ? 9.788   3.373   -2.953  1.00 83.78  ? 2  DA C "O5'" 1 
ATOM 474 C "C5'" . DA C 3 3  ? 10.907  2.647   -2.446  1.00 84.47  ? 2  DA C "C5'" 1 
ATOM 475 C "C4'" . DA C 3 3  ? 10.512  1.752   -1.283  1.00 80.80  ? 2  DA C "C4'" 1 
ATOM 476 O "O4'" . DA C 3 3  ? 10.090  2.553   -0.146  1.00 74.76  ? 2  DA C "O4'" 1 
ATOM 477 C "C3'" . DA C 3 3  ? 9.358   0.772   -1.560  1.00 76.79  ? 2  DA C "C3'" 1 
ATOM 478 O "O3'" . DA C 3 3  ? 9.789   -0.568  -1.316  1.00 73.87  ? 2  DA C "O3'" 1 
ATOM 479 C "C2'" . DA C 3 3  ? 8.278   1.200   -0.555  1.00 73.80  ? 2  DA C "C2'" 1 
ATOM 480 C "C1'" . DA C 3 3  ? 9.134   1.801   0.543   1.00 65.68  ? 2  DA C "C1'" 1 
ATOM 481 N N9    . DA C 3 3  ? 8.410   2.648   1.497   1.00 62.93  ? 2  DA C N9    1 
ATOM 482 C C8    . DA C 3 3  ? 7.404   3.539   1.231   1.00 63.84  ? 2  DA C C8    1 
ATOM 483 N N7    . DA C 3 3  ? 6.941   4.153   2.299   1.00 65.04  ? 2  DA C N7    1 
ATOM 484 C C5    . DA C 3 3  ? 7.684   3.616   3.338   1.00 68.15  ? 2  DA C C5    1 
ATOM 485 C C6    . DA C 3 3  ? 7.675   3.844   4.729   1.00 65.34  ? 2  DA C C6    1 
ATOM 486 N N6    . DA C 3 3  ? 6.854   4.714   5.328   1.00 62.90  ? 2  DA C N6    1 
ATOM 487 N N1    . DA C 3 3  ? 8.546   3.141   5.483   1.00 64.19  ? 2  DA C N1    1 
ATOM 488 C C2    . DA C 3 3  ? 9.366   2.272   4.879   1.00 63.92  ? 2  DA C C2    1 
ATOM 489 N N3    . DA C 3 3  ? 9.466   1.972   3.586   1.00 68.14  ? 2  DA C N3    1 
ATOM 490 C C4    . DA C 3 3  ? 8.589   2.686   2.862   1.00 70.30  ? 2  DA C C4    1 
ATOM 491 P P     . DT C 3 4  ? 9.956   -1.610  -2.529  1.00 79.59  ? 3  DT C P     1 
ATOM 492 O OP1   . DT C 3 4  ? 11.055  -2.537  -2.175  1.00 85.72  ? 3  DT C OP1   1 
ATOM 493 O OP2   . DT C 3 4  ? 10.024  -0.835  -3.788  1.00 86.25  ? 3  DT C OP2   1 
ATOM 494 O "O5'" . DT C 3 4  ? 8.600   -2.465  -2.505  1.00 84.60  ? 3  DT C "O5'" 1 
ATOM 495 C "C5'" . DT C 3 4  ? 7.500   -2.106  -3.347  1.00 80.63  ? 3  DT C "C5'" 1 
ATOM 496 C "C4'" . DT C 3 4  ? 7.391   -3.052  -4.530  1.00 78.54  ? 3  DT C "C4'" 1 
ATOM 497 O "O4'" . DT C 3 4  ? 6.914   -2.313  -5.692  1.00 78.68  ? 3  DT C "O4'" 1 
ATOM 498 C "C3'" . DT C 3 4  ? 8.719   -3.679  -4.952  1.00 74.03  ? 3  DT C "C3'" 1 
ATOM 499 O "O3'" . DT C 3 4  ? 8.544   -5.011  -5.393  1.00 68.58  ? 3  DT C "O3'" 1 
ATOM 500 C "C2'" . DT C 3 4  ? 9.160   -2.781  -6.086  1.00 78.08  ? 3  DT C "C2'" 1 
ATOM 501 C "C1'" . DT C 3 4  ? 7.831   -2.475  -6.750  1.00 76.39  ? 3  DT C "C1'" 1 
ATOM 502 N N1    . DT C 3 4  ? 7.881   -1.235  -7.568  1.00 72.69  ? 3  DT C N1    1 
ATOM 503 C C2    . DT C 3 4  ? 7.393   -1.259  -8.852  1.00 74.74  ? 3  DT C C2    1 
ATOM 504 O O2    . DT C 3 4  ? 6.880   -2.244  -9.351  1.00 76.37  ? 3  DT C O2    1 
ATOM 505 N N3    . DT C 3 4  ? 7.513   -0.075  -9.530  1.00 79.79  ? 3  DT C N3    1 
ATOM 506 C C4    . DT C 3 4  ? 8.078   1.099   -9.066  1.00 84.83  ? 3  DT C C4    1 
ATOM 507 O O4    . DT C 3 4  ? 8.139   2.115   -9.749  1.00 80.90  ? 3  DT C O4    1 
ATOM 508 C C5    . DT C 3 4  ? 8.581   1.050   -7.715  1.00 83.49  ? 3  DT C C5    1 
ATOM 509 C C7    . DT C 3 4  ? 9.213   2.264   -7.102  1.00 85.64  ? 3  DT C C7    1 
ATOM 510 C C6    . DT C 3 4  ? 8.468   -0.104  -7.043  1.00 77.16  ? 3  DT C C6    1 
ATOM 511 P P     . DC C 3 5  ? 9.809   -6.004  -5.393  1.00 86.22  ? 4  DC C P     1 
ATOM 512 O OP1   . DC C 3 5  ? 9.906   -6.553  -4.022  1.00 88.85  ? 4  DC C OP1   1 
ATOM 513 O OP2   . DC C 3 5  ? 10.962  -5.301  -6.007  1.00 65.84  ? 4  DC C OP2   1 
ATOM 514 O "O5'" . DC C 3 5  ? 9.389   -7.178  -6.389  1.00 77.85  ? 4  DC C "O5'" 1 
ATOM 515 C "C5'" . DC C 3 5  ? 10.268  -7.554  -7.434  1.00 75.51  ? 4  DC C "C5'" 1 
ATOM 516 C "C4'" . DC C 3 5  ? 9.745   -7.091  -8.782  1.00 75.44  ? 4  DC C "C4'" 1 
ATOM 517 O "O4'" . DC C 3 5  ? 9.475   -5.675  -8.756  1.00 68.57  ? 4  DC C "O4'" 1 
ATOM 518 C "C3'" . DC C 3 5  ? 10.725  -7.256  -9.924  1.00 76.04  ? 4  DC C "C3'" 1 
ATOM 519 O "O3'" . DC C 3 5  ? 10.650  -8.582  -10.437 1.00 79.00  ? 4  DC C "O3'" 1 
ATOM 520 C "C2'" . DC C 3 5  ? 10.238  -6.219  -10.944 1.00 73.06  ? 4  DC C "C2'" 1 
ATOM 521 C "C1'" . DC C 3 5  ? 9.483   -5.193  -10.087 1.00 70.35  ? 4  DC C "C1'" 1 
ATOM 522 N N1    . DC C 3 5  ? 10.061  -3.798  -10.107 1.00 72.04  ? 4  DC C N1    1 
ATOM 523 C C2    . DC C 3 5  ? 9.977   -3.018  -11.272 1.00 77.81  ? 4  DC C C2    1 
ATOM 524 O O2    . DC C 3 5  ? 9.454   -3.495  -12.285 1.00 83.82  ? 4  DC C O2    1 
ATOM 525 N N3    . DC C 3 5  ? 10.485  -1.759  -11.255 1.00 76.27  ? 4  DC C N3    1 
ATOM 526 C C4    . DC C 3 5  ? 11.043  -1.277  -10.141 1.00 78.43  ? 4  DC C C4    1 
ATOM 527 N N4    . DC C 3 5  ? 11.527  -0.031  -10.171 1.00 78.50  ? 4  DC C N4    1 
ATOM 528 C C5    . DC C 3 5  ? 11.125  -2.051  -8.949  1.00 80.36  ? 4  DC C C5    1 
ATOM 529 C C6    . DC C 3 5  ? 10.627  -3.292  -8.978  1.00 74.03  ? 4  DC C C6    1 
ATOM 530 P P     . DG C 3 6  ? 11.931  -9.262  -11.132 1.00 99.28  ? 5  DG C P     1 
ATOM 531 O OP1   . DG C 3 6  ? 11.646  -10.709 -11.228 1.00 105.44 ? 5  DG C OP1   1 
ATOM 532 O OP2   . DG C 3 6  ? 13.168  -8.804  -10.457 1.00 97.36  ? 5  DG C OP2   1 
ATOM 533 O "O5'" . DG C 3 6  ? 11.928  -8.652  -12.607 1.00 85.92  ? 5  DG C "O5'" 1 
ATOM 534 C "C5'" . DG C 3 6  ? 10.746  -8.721  -13.396 1.00 88.20  ? 5  DG C "C5'" 1 
ATOM 535 C "C4'" . DG C 3 6  ? 10.831  -7.769  -14.569 1.00 90.67  ? 5  DG C "C4'" 1 
ATOM 536 O "O4'" . DG C 3 6  ? 10.930  -6.408  -14.077 1.00 91.15  ? 5  DG C "O4'" 1 
ATOM 537 C "C3'" . DG C 3 6  ? 12.032  -7.988  -15.486 1.00 88.28  ? 5  DG C "C3'" 1 
ATOM 538 O "O3'" . DG C 3 6  ? 11.617  -7.923  -16.842 1.00 94.88  ? 5  DG C "O3'" 1 
ATOM 539 C "C2'" . DG C 3 6  ? 12.982  -6.846  -15.123 1.00 80.91  ? 5  DG C "C2'" 1 
ATOM 540 C "C1'" . DG C 3 6  ? 12.020  -5.754  -14.686 1.00 86.70  ? 5  DG C "C1'" 1 
ATOM 541 N N9    . DG C 3 6  ? 12.600  -4.825  -13.715 1.00 81.77  ? 5  DG C N9    1 
ATOM 542 C C8    . DG C 3 6  ? 12.933  -5.093  -12.411 1.00 82.28  ? 5  DG C C8    1 
ATOM 543 N N7    . DG C 3 6  ? 13.433  -4.068  -11.780 1.00 76.22  ? 5  DG C N7    1 
ATOM 544 C C5    . DG C 3 6  ? 13.442  -3.055  -12.726 1.00 75.67  ? 5  DG C C5    1 
ATOM 545 C C6    . DG C 3 6  ? 13.876  -1.711  -12.619 1.00 77.94  ? 5  DG C C6    1 
ATOM 546 O O6    . DG C 3 6  ? 14.356  -1.136  -11.630 1.00 76.26  ? 5  DG C O6    1 
ATOM 547 N N1    . DG C 3 6  ? 13.711  -1.020  -13.815 1.00 79.24  ? 5  DG C N1    1 
ATOM 548 C C2    . DG C 3 6  ? 13.192  -1.559  -14.970 1.00 81.12  ? 5  DG C C2    1 
ATOM 549 N N2    . DG C 3 6  ? 13.111  -0.738  -16.025 1.00 72.86  ? 5  DG C N2    1 
ATOM 550 N N3    . DG C 3 6  ? 12.781  -2.818  -15.083 1.00 79.21  ? 5  DG C N3    1 
ATOM 551 C C4    . DG C 3 6  ? 12.935  -3.504  -13.928 1.00 77.38  ? 5  DG C C4    1 
ATOM 552 O "O5'" . DT D 4 1  ? -18.781 -1.011  -6.074  1.00 126.59 ? 2  DT D "O5'" 1 
ATOM 553 C "C5'" . DT D 4 1  ? -19.490 -1.715  -7.084  1.00 122.41 ? 2  DT D "C5'" 1 
ATOM 554 C "C4'" . DT D 4 1  ? -19.816 -0.798  -8.248  1.00 121.03 ? 2  DT D "C4'" 1 
ATOM 555 O "O4'" . DT D 4 1  ? -20.025 0.553   -7.752  1.00 119.70 ? 2  DT D "O4'" 1 
ATOM 556 C "C3'" . DT D 4 1  ? -18.728 -0.688  -9.317  1.00 119.13 ? 2  DT D "C3'" 1 
ATOM 557 O "O3'" . DT D 4 1  ? -19.337 -0.551  -10.609 1.00 122.43 ? 2  DT D "O3'" 1 
ATOM 558 C "C2'" . DT D 4 1  ? -17.992 0.582   -8.902  1.00 114.58 ? 2  DT D "C2'" 1 
ATOM 559 C "C1'" . DT D 4 1  ? -19.145 1.439   -8.411  1.00 115.26 ? 2  DT D "C1'" 1 
ATOM 560 N N1    . DT D 4 1  ? -18.736 2.502   -7.453  1.00 123.04 ? 2  DT D N1    1 
ATOM 561 C C2    . DT D 4 1  ? -18.572 3.789   -7.908  1.00 126.93 ? 2  DT D C2    1 
ATOM 562 O O2    . DT D 4 1  ? -18.745 4.113   -9.069  1.00 123.40 ? 2  DT D O2    1 
ATOM 563 N N3    . DT D 4 1  ? -18.193 4.691   -6.949  1.00 129.22 ? 2  DT D N3    1 
ATOM 564 C C4    . DT D 4 1  ? -17.972 4.440   -5.607  1.00 128.94 ? 2  DT D C4    1 
ATOM 565 O O4    . DT D 4 1  ? -17.636 5.322   -4.821  1.00 126.96 ? 2  DT D O4    1 
ATOM 566 C C5    . DT D 4 1  ? -18.163 3.069   -5.196  1.00 128.43 ? 2  DT D C5    1 
ATOM 567 C C7    . DT D 4 1  ? -17.947 2.675   -3.766  1.00 123.94 ? 2  DT D C7    1 
ATOM 568 C C6    . DT D 4 1  ? -18.530 2.178   -6.129  1.00 125.60 ? 2  DT D C6    1 
ATOM 569 P P     . DC D 4 2  ? -18.456 -0.553  -11.958 1.00 127.09 ? 3  DC D P     1 
ATOM 570 O OP1   . DC D 4 2  ? -18.930 -1.677  -12.797 1.00 120.25 ? 3  DC D OP1   1 
ATOM 571 O OP2   . DC D 4 2  ? -17.023 -0.462  -11.606 1.00 124.91 ? 3  DC D OP2   1 
ATOM 572 O "O5'" . DC D 4 2  ? -18.877 0.808   -12.692 1.00 125.14 ? 3  DC D "O5'" 1 
ATOM 573 C "C5'" . DC D 4 2  ? -18.562 2.072   -12.107 1.00 114.13 ? 3  DC D "C5'" 1 
ATOM 574 C "C4'" . DC D 4 2  ? -17.708 2.903   -13.051 1.00 119.16 ? 3  DC D "C4'" 1 
ATOM 575 O "O4'" . DC D 4 2  ? -17.301 4.119   -12.382 1.00 115.62 ? 3  DC D "O4'" 1 
ATOM 576 C "C3'" . DC D 4 2  ? -16.441 2.202   -13.533 1.00 125.36 ? 3  DC D "C3'" 1 
ATOM 577 O "O3'" . DC D 4 2  ? -16.379 2.100   -14.996 1.00 135.52 ? 3  DC D "O3'" 1 
ATOM 578 C "C2'" . DC D 4 2  ? -15.267 2.981   -12.933 1.00 121.07 ? 3  DC D "C2'" 1 
ATOM 579 C "C1'" . DC D 4 2  ? -15.902 4.156   -12.187 1.00 117.59 ? 3  DC D "C1'" 1 
ATOM 580 N N1    . DC D 4 2  ? -15.616 4.156   -10.715 1.00 117.28 ? 3  DC D N1    1 
ATOM 581 C C2    . DC D 4 2  ? -15.301 5.358   -10.070 1.00 113.29 ? 3  DC D C2    1 
ATOM 582 O O2    . DC D 4 2  ? -15.278 6.406   -10.724 1.00 109.84 ? 3  DC D O2    1 
ATOM 583 N N3    . DC D 4 2  ? -15.039 5.338   -8.738  1.00 111.83 ? 3  DC D N3    1 
ATOM 584 C C4    . DC D 4 2  ? -15.075 4.186   -8.067  1.00 112.45 ? 3  DC D C4    1 
ATOM 585 N N4    . DC D 4 2  ? -14.810 4.215   -6.758  1.00 111.32 ? 3  DC D N4    1 
ATOM 586 C C5    . DC D 4 2  ? -15.387 2.951   -8.708  1.00 115.90 ? 3  DC D C5    1 
ATOM 587 C C6    . DC D 4 2  ? -15.645 2.982   -10.020 1.00 116.72 ? 3  DC D C6    1 
ATOM 588 P P     . DG D 4 3  ? -16.587 3.355   -15.994 1.00 149.45 ? 4  DG D P     1 
ATOM 589 O OP1   . DG D 4 3  ? -17.982 3.847   -15.939 1.00 143.56 ? 4  DG D OP1   1 
ATOM 590 O OP2   . DG D 4 3  ? -16.055 2.902   -17.296 1.00 137.72 ? 4  DG D OP2   1 
ATOM 591 O "O5'" . DG D 4 3  ? -15.586 4.489   -15.475 1.00 132.21 ? 4  DG D "O5'" 1 
ATOM 592 C "C5'" . DG D 4 3  ? -14.453 4.850   -16.273 1.00 129.72 ? 4  DG D "C5'" 1 
ATOM 593 C "C4'" . DG D 4 3  ? -13.746 6.064   -15.699 1.00 123.18 ? 4  DG D "C4'" 1 
ATOM 594 O "O4'" . DG D 4 3  ? -13.708 5.957   -14.246 1.00 120.25 ? 4  DG D "O4'" 1 
ATOM 595 C "C3'" . DG D 4 3  ? -12.285 6.223   -16.137 1.00 123.20 ? 4  DG D "C3'" 1 
ATOM 596 O "O3'" . DG D 4 3  ? -11.957 7.627   -16.289 1.00 122.58 ? 4  DG D "O3'" 1 
ATOM 597 C "C2'" . DG D 4 3  ? -11.537 5.582   -14.970 1.00 118.13 ? 4  DG D "C2'" 1 
ATOM 598 C "C1'" . DG D 4 3  ? -12.373 6.103   -13.819 1.00 116.14 ? 4  DG D "C1'" 1 
ATOM 599 N N9    . DG D 4 3  ? -12.178 5.413   -12.552 1.00 112.26 ? 4  DG D N9    1 
ATOM 600 C C8    . DG D 4 3  ? -12.282 4.068   -12.313 1.00 112.24 ? 4  DG D C8    1 
ATOM 601 N N7    . DG D 4 3  ? -12.066 3.743   -11.070 1.00 108.77 ? 4  DG D N7    1 
ATOM 602 C C5    . DG D 4 3  ? -11.792 4.952   -10.445 1.00 104.49 ? 4  DG D C5    1 
ATOM 603 C C6    . DG D 4 3  ? -11.476 5.228   -9.093  1.00 99.48  ? 4  DG D C6    1 
ATOM 604 O O6    . DG D 4 3  ? -11.374 4.430   -8.151  1.00 95.21  ? 4  DG D O6    1 
ATOM 605 N N1    . DG D 4 3  ? -11.270 6.589   -8.879  1.00 98.83  ? 4  DG D N1    1 
ATOM 606 C C2    . DG D 4 3  ? -11.356 7.558   -9.849  1.00 100.31 ? 4  DG D C2    1 
ATOM 607 N N2    . DG D 4 3  ? -11.118 8.817   -9.454  1.00 98.69  ? 4  DG D N2    1 
ATOM 608 N N3    . DG D 4 3  ? -11.651 7.312   -11.120 1.00 101.03 ? 4  DG D N3    1 
ATOM 609 C C4    . DG D 4 3  ? -11.855 5.990   -11.343 1.00 105.61 ? 4  DG D C4    1 
ATOM 610 P P     . DA D 4 4  ? -10.541 8.188   -15.761 1.00 126.09 ? 5  DA D P     1 
ATOM 611 O OP1   . DA D 4 4  ? -9.474  7.337   -16.335 1.00 124.26 ? 5  DA D OP1   1 
ATOM 612 O OP2   . DA D 4 4  ? -10.671 8.413   -14.306 1.00 114.84 ? 5  DA D OP2   1 
ATOM 613 O "O5'" . DA D 4 4  ? -10.379 9.639   -16.406 1.00 123.08 ? 5  DA D "O5'" 1 
ATOM 614 C "C5'" . DA D 4 4  ? -9.064  10.189  -16.556 1.00 121.19 ? 5  DA D "C5'" 1 
ATOM 615 C "C4'" . DA D 4 4  ? -8.599  10.937  -15.305 1.00 120.15 ? 5  DA D "C4'" 1 
ATOM 616 O "O4'" . DA D 4 4  ? -8.930  10.188  -14.102 1.00 117.20 ? 5  DA D "O4'" 1 
ATOM 617 C "C3'" . DA D 4 4  ? -7.095  11.149  -15.220 1.00 118.21 ? 5  DA D "C3'" 1 
ATOM 618 O "O3'" . DA D 4 4  ? -6.819  12.286  -14.423 1.00 119.81 ? 5  DA D "O3'" 1 
ATOM 619 C "C2'" . DA D 4 4  ? -6.647  9.874   -14.523 1.00 112.28 ? 5  DA D "C2'" 1 
ATOM 620 C "C1'" . DA D 4 4  ? -7.738  9.734   -13.476 1.00 114.30 ? 5  DA D "C1'" 1 
ATOM 621 N N9    . DA D 4 4  ? -7.929  8.355   -13.021 1.00 109.80 ? 5  DA D N9    1 
ATOM 622 C C8    . DA D 4 4  ? -8.086  7.249   -13.804 1.00 107.97 ? 5  DA D C8    1 
ATOM 623 N N7    . DA D 4 4  ? -8.236  6.137   -13.131 1.00 101.59 ? 5  DA D N7    1 
ATOM 624 C C5    . DA D 4 4  ? -8.150  6.533   -11.810 1.00 101.15 ? 5  DA D C5    1 
ATOM 625 C C6    . DA D 4 4  ? -8.224  5.817   -10.601 1.00 92.17  ? 5  DA D C6    1 
ATOM 626 N N6    . DA D 4 4  ? -8.409  4.492   -10.542 1.00 87.20  ? 5  DA D N6    1 
ATOM 627 N N1    . DA D 4 4  ? -8.100  6.513   -9.453  1.00 88.97  ? 5  DA D N1    1 
ATOM 628 C C2    . DA D 4 4  ? -7.915  7.839   -9.520  1.00 94.87  ? 5  DA D C2    1 
ATOM 629 N N3    . DA D 4 4  ? -7.830  8.621   -10.596 1.00 100.99 ? 5  DA D N3    1 
ATOM 630 C C4    . DA D 4 4  ? -7.956  7.901   -11.720 1.00 103.92 ? 5  DA D C4    1 
ATOM 631 P P     . DG D 4 5  ? -5.364  12.963  -14.456 1.00 129.60 ? 6  DG D P     1 
ATOM 632 O OP1   . DG D 4 5  ? -5.489  14.174  -15.294 1.00 131.91 ? 6  DG D OP1   1 
ATOM 633 O OP2   . DG D 4 5  ? -4.362  11.935  -14.820 1.00 125.53 ? 6  DG D OP2   1 
ATOM 634 O "O5'" . DG D 4 5  ? -5.119  13.394  -12.935 1.00 128.20 ? 6  DG D "O5'" 1 
ATOM 635 C "C5'" . DG D 4 5  ? -5.815  12.722  -11.888 1.00 115.49 ? 6  DG D "C5'" 1 
ATOM 636 C "C4'" . DG D 4 5  ? -4.838  12.166  -10.873 1.00 115.01 ? 6  DG D "C4'" 1 
ATOM 637 O "O4'" . DG D 4 5  ? -5.157  10.776  -10.596 1.00 113.28 ? 6  DG D "O4'" 1 
ATOM 638 C "C3'" . DG D 4 5  ? -3.370  12.190  -11.315 1.00 116.64 ? 6  DG D "C3'" 1 
ATOM 639 O "O3'" . DG D 4 5  ? -2.567  12.785  -10.288 1.00 114.94 ? 6  DG D "O3'" 1 
ATOM 640 C "C2'" . DG D 4 5  ? -3.037  10.711  -11.539 1.00 102.66 ? 6  DG D "C2'" 1 
ATOM 641 C "C1'" . DG D 4 5  ? -3.962  10.033  -10.552 1.00 105.94 ? 6  DG D "C1'" 1 
ATOM 642 N N9    . DG D 4 5  ? -4.256  8.644   -10.891 1.00 103.93 ? 6  DG D N9    1 
ATOM 643 C C8    . DG D 4 5  ? -4.394  8.109   -12.150 1.00 103.34 ? 6  DG D C8    1 
ATOM 644 N N7    . DG D 4 5  ? -4.654  6.831   -12.145 1.00 94.95  ? 6  DG D N7    1 
ATOM 645 C C5    . DG D 4 5  ? -4.689  6.497   -10.798 1.00 92.18  ? 6  DG D C5    1 
ATOM 646 C C6    . DG D 4 5  ? -4.927  5.249   -10.175 1.00 84.90  ? 6  DG D C6    1 
ATOM 647 O O6    . DG D 4 5  ? -5.165  4.158   -10.711 1.00 79.65  ? 6  DG D O6    1 
ATOM 648 N N1    . DG D 4 5  ? -4.873  5.347   -8.787  1.00 84.13  ? 6  DG D N1    1 
ATOM 649 C C2    . DG D 4 5  ? -4.617  6.505   -8.090  1.00 87.89  ? 6  DG D C2    1 
ATOM 650 N N2    . DG D 4 5  ? -4.600  6.404   -6.755  1.00 84.92  ? 6  DG D N2    1 
ATOM 651 N N3    . DG D 4 5  ? -4.392  7.680   -8.662  1.00 89.94  ? 6  DG D N3    1 
ATOM 652 C C4    . DG D 4 5  ? -4.443  7.600   -10.014 1.00 96.06  ? 6  DG D C4    1 
ATOM 653 P P     . DT D 4 6  ? -0.963  12.633  -10.266 1.00 112.47 ? 7  DT D P     1 
ATOM 654 O OP1   . DT D 4 6  ? -0.432  13.918  -9.760  1.00 104.76 ? 7  DT D OP1   1 
ATOM 655 O OP2   . DT D 4 6  ? -0.453  12.119  -11.558 1.00 114.46 ? 7  DT D OP2   1 
ATOM 656 O "O5'" . DT D 4 6  ? -0.717  11.534  -9.134  1.00 103.71 ? 7  DT D "O5'" 1 
ATOM 657 C "C5'" . DT D 4 6  ? -1.248  11.753  -7.831  1.00 98.53  ? 7  DT D "C5'" 1 
ATOM 658 C "C4'" . DT D 4 6  ? -0.977  10.575  -6.915  1.00 92.93  ? 7  DT D "C4'" 1 
ATOM 659 O "O4'" . DT D 4 6  ? -1.538  9.370   -7.491  1.00 89.85  ? 7  DT D "O4'" 1 
ATOM 660 C "C3'" . DT D 4 6  ? 0.503   10.279  -6.648  1.00 92.79  ? 7  DT D "C3'" 1 
ATOM 661 O "O3'" . DT D 4 6  ? 0.727   10.158  -5.248  1.00 96.23  ? 7  DT D "O3'" 1 
ATOM 662 C "C2'" . DT D 4 6  ? 0.747   8.955   -7.373  1.00 82.32  ? 7  DT D "C2'" 1 
ATOM 663 C "C1'" . DT D 4 6  ? -0.628  8.314   -7.317  1.00 81.12  ? 7  DT D "C1'" 1 
ATOM 664 N N1    . DT D 4 6  ? -0.859  7.315   -8.390  1.00 83.86  ? 7  DT D N1    1 
ATOM 665 C C2    . DT D 4 6  ? -1.238  6.037   -8.049  1.00 87.21  ? 7  DT D C2    1 
ATOM 666 O O2    . DT D 4 6  ? -1.401  5.671   -6.898  1.00 86.38  ? 7  DT D O2    1 
ATOM 667 N N3    . DT D 4 6  ? -1.424  5.194   -9.113  1.00 90.15  ? 7  DT D N3    1 
ATOM 668 C C4    . DT D 4 6  ? -1.270  5.495   -10.455 1.00 91.87  ? 7  DT D C4    1 
ATOM 669 O O4    . DT D 4 6  ? -1.461  4.666   -11.339 1.00 92.32  ? 7  DT D O4    1 
ATOM 670 C C5    . DT D 4 6  ? -0.869  6.853   -10.741 1.00 95.33  ? 7  DT D C5    1 
ATOM 671 C C7    . DT D 4 6  ? -0.670  7.298   -12.158 1.00 99.66  ? 7  DT D C7    1 
ATOM 672 C C6    . DT D 4 6  ? -0.685  7.686   -9.707  1.00 93.92  ? 7  DT D C6    1 
ATOM 673 P P     . DC D 4 7  ? 2.196   9.831   -4.681  1.00 79.46  ? 8  DC D P     1 
ATOM 674 O OP1   . DC D 4 7  ? 2.279   10.431  -3.330  1.00 89.99  ? 8  DC D OP1   1 
ATOM 675 O OP2   . DC D 4 7  ? 3.191   10.218  -5.705  1.00 75.18  ? 8  DC D OP2   1 
ATOM 676 O "O5'" . DC D 4 7  ? 2.205   8.235   -4.525  1.00 76.70  ? 8  DC D "O5'" 1 
ATOM 677 C "C5'" . DC D 4 7  ? 1.528   7.629   -3.420  1.00 74.22  ? 8  DC D "C5'" 1 
ATOM 678 C "C4'" . DC D 4 7  ? 1.664   6.112   -3.445  1.00 71.68  ? 8  DC D "C4'" 1 
ATOM 679 O "O4'" . DC D 4 7  ? 1.074   5.595   -4.651  1.00 74.55  ? 8  DC D "O4'" 1 
ATOM 680 C "C3'" . DC D 4 7  ? 3.093   5.580   -3.456  1.00 71.66  ? 8  DC D "C3'" 1 
ATOM 681 O "O3'" . DC D 4 7  ? 3.625   5.405   -2.101  1.00 77.26  ? 8  DC D "O3'" 1 
ATOM 682 C "C2'" . DC D 4 7  ? 2.992   4.258   -4.226  1.00 67.13  ? 8  DC D "C2'" 1 
ATOM 683 C "C1'" . DC D 4 7  ? 1.633   4.330   -4.931  1.00 74.96  ? 8  DC D "C1'" 1 
ATOM 684 N N1    . DC D 4 7  ? 1.720   4.165   -6.414  1.00 79.30  ? 8  DC D N1    1 
ATOM 685 C C2    . DC D 4 7  ? 1.378   2.938   -7.002  1.00 83.29  ? 8  DC D C2    1 
ATOM 686 O O2    . DC D 4 7  ? 1.014   1.999   -6.281  1.00 83.26  ? 8  DC D O2    1 
ATOM 687 N N3    . DC D 4 7  ? 1.457   2.814   -8.351  1.00 81.85  ? 8  DC D N3    1 
ATOM 688 C C4    . DC D 4 7  ? 1.854   3.847   -9.096  1.00 86.03  ? 8  DC D C4    1 
ATOM 689 N N4    . DC D 4 7  ? 1.917   3.677   -10.420 1.00 87.84  ? 8  DC D N4    1 
ATOM 690 C C5    . DC D 4 7  ? 2.203   5.103   -8.514  1.00 84.73  ? 8  DC D C5    1 
ATOM 691 C C6    . DC D 4 7  ? 2.121   5.216   -7.185  1.00 77.67  ? 8  DC D C6    1 
ATOM 692 P P     . DC D 4 8  ? 3.069   4.293   -1.065  1.00 90.47  ? 9  DC D P     1 
ATOM 693 O OP1   . DC D 4 8  ? 1.592   4.340   -1.001  1.00 85.95  ? 9  DC D OP1   1 
ATOM 694 O OP2   . DC D 4 8  ? 3.870   4.466   0.167   1.00 77.98  ? 9  DC D OP2   1 
ATOM 695 O "O5'" . DC D 4 8  ? 3.530   2.878   -1.663  1.00 83.12  ? 9  DC D "O5'" 1 
ATOM 696 C "C5'" . DC D 4 8  ? 2.599   1.795   -1.696  1.00 79.53  ? 9  DC D "C5'" 1 
ATOM 697 C "C4'" . DC D 4 8  ? 3.209   0.547   -2.318  1.00 74.37  ? 9  DC D "C4'" 1 
ATOM 698 O "O4'" . DC D 4 8  ? 3.215   0.659   -3.768  1.00 79.02  ? 9  DC D "O4'" 1 
ATOM 699 C "C3'" . DC D 4 8  ? 4.657   0.246   -1.916  1.00 74.34  ? 9  DC D "C3'" 1 
ATOM 700 O "O3'" . DC D 4 8  ? 4.814   -1.153  -1.722  1.00 71.04  ? 9  DC D "O3'" 1 
ATOM 701 C "C2'" . DC D 4 8  ? 5.438   0.710   -3.141  1.00 79.93  ? 9  DC D "C2'" 1 
ATOM 702 C "C1'" . DC D 4 8  ? 4.485   0.266   -4.232  1.00 79.67  ? 9  DC D "C1'" 1 
ATOM 703 N N1    . DC D 4 8  ? 4.735   0.888   -5.560  1.00 76.77  ? 9  DC D N1    1 
ATOM 704 C C2    . DC D 4 8  ? 4.537   0.129   -6.717  1.00 74.64  ? 9  DC D C2    1 
ATOM 705 O O2    . DC D 4 8  ? 4.152   -1.042  -6.610  1.00 76.11  ? 9  DC D O2    1 
ATOM 706 N N3    . DC D 4 8  ? 4.767   0.700   -7.924  1.00 73.93  ? 9  DC D N3    1 
ATOM 707 C C4    . DC D 4 8  ? 5.179   1.967   -7.994  1.00 79.46  ? 9  DC D C4    1 
ATOM 708 N N4    . DC D 4 8  ? 5.393   2.488   -9.206  1.00 88.69  ? 9  DC D N4    1 
ATOM 709 C C5    . DC D 4 8  ? 5.390   2.756   -6.823  1.00 76.58  ? 9  DC D C5    1 
ATOM 710 C C6    . DC D 4 8  ? 5.164   2.179   -5.639  1.00 76.67  ? 9  DC D C6    1 
ATOM 711 P P     . DG D 4 9  ? 4.187   -1.878  -0.433  1.00 76.76  ? 10 DG D P     1 
ATOM 712 O OP1   . DG D 4 9  ? 3.232   -2.902  -0.915  1.00 78.50  ? 10 DG D OP1   1 
ATOM 713 O OP2   . DG D 4 9  ? 3.728   -0.844  0.520   1.00 78.97  ? 10 DG D OP2   1 
ATOM 714 O "O5'" . DG D 4 9  ? 5.443   -2.602  0.227   1.00 76.69  ? 10 DG D "O5'" 1 
ATOM 715 C "C5'" . DG D 4 9  ? 6.728   -2.016  0.114   1.00 74.90  ? 10 DG D "C5'" 1 
ATOM 716 C "C4'" . DG D 4 9  ? 7.469   -2.100  1.429   1.00 75.42  ? 10 DG D "C4'" 1 
ATOM 717 O "O4'" . DG D 4 9  ? 7.549   -0.790  2.017   1.00 62.68  ? 10 DG D "O4'" 1 
ATOM 718 C "C3'" . DG D 4 9  ? 6.790   -2.953  2.484   1.00 80.64  ? 10 DG D "C3'" 1 
ATOM 719 O "O3'" . DG D 4 9  ? 7.172   -4.308  2.316   1.00 80.38  ? 10 DG D "O3'" 1 
ATOM 720 C "C2'" . DG D 4 9  ? 7.336   -2.373  3.787   1.00 77.32  ? 10 DG D "C2'" 1 
ATOM 721 C "C1'" . DG D 4 9  ? 7.612   -0.907  3.425   1.00 65.79  ? 10 DG D "C1'" 1 
ATOM 722 N N9    . DG D 4 9  ? 6.671   0.042   4.011   1.00 62.64  ? 10 DG D N9    1 
ATOM 723 C C8    . DG D 4 9  ? 5.841   0.908   3.338   1.00 60.25  ? 10 DG D C8    1 
ATOM 724 N N7    . DG D 4 9  ? 5.113   1.648   4.127   1.00 64.09  ? 10 DG D N7    1 
ATOM 725 C C5    . DG D 4 9  ? 5.483   1.249   5.405   1.00 68.31  ? 10 DG D C5    1 
ATOM 726 C C6    . DG D 4 9  ? 5.029   1.700   6.666   1.00 69.85  ? 10 DG D C6    1 
ATOM 727 O O6    . DG D 4 9  ? 4.182   2.570   6.909   1.00 75.25  ? 10 DG D O6    1 
ATOM 728 N N1    . DG D 4 9  ? 5.664   1.033   7.712   1.00 67.39  ? 10 DG D N1    1 
ATOM 729 C C2    . DG D 4 9  ? 6.616   0.054   7.557   1.00 74.28  ? 10 DG D C2    1 
ATOM 730 N N2    . DG D 4 9  ? 7.115   -0.475  8.683   1.00 79.04  ? 10 DG D N2    1 
ATOM 731 N N3    . DG D 4 9  ? 7.051   -0.378  6.379   1.00 73.59  ? 10 DG D N3    1 
ATOM 732 C C4    . DG D 4 9  ? 6.442   0.263   5.351   1.00 71.04  ? 10 DG D C4    1 
ATOM 733 P P     . DT D 4 10 ? 6.596   -5.441  3.297   1.00 77.71  ? 11 DT D P     1 
ATOM 734 O OP1   . DT D 4 10 ? 6.645   -6.730  2.569   1.00 83.38  ? 11 DT D OP1   1 
ATOM 735 O OP2   . DT D 4 10 ? 5.313   -4.958  3.853   1.00 69.88  ? 11 DT D OP2   1 
ATOM 736 O "O5'" . DT D 4 10 ? 7.647   -5.477  4.503   1.00 72.16  ? 11 DT D "O5'" 1 
ATOM 737 C "C5'" . DT D 4 10 ? 7.641   -6.575  5.405   1.00 82.45  ? 11 DT D "C5'" 1 
ATOM 738 C "C4'" . DT D 4 10 ? 7.641   -6.102  6.847   1.00 80.23  ? 11 DT D "C4'" 1 
ATOM 739 O "O4'" . DT D 4 10 ? 7.122   -4.747  6.928   1.00 64.09  ? 11 DT D "O4'" 1 
ATOM 740 C "C3'" . DT D 4 10 ? 6.783   -6.938  7.801   1.00 85.73  ? 11 DT D "C3'" 1 
ATOM 741 O "O3'" . DT D 4 10 ? 7.492   -7.150  9.007   1.00 96.73  ? 11 DT D "O3'" 1 
ATOM 742 C "C2'" . DT D 4 10 ? 5.560   -6.050  8.024   1.00 82.54  ? 11 DT D "C2'" 1 
ATOM 743 C "C1'" . DT D 4 10 ? 6.203   -4.680  7.992   1.00 70.53  ? 11 DT D "C1'" 1 
ATOM 744 N N1    . DT D 4 10 ? 5.241   -3.577  7.730   1.00 74.64  ? 11 DT D N1    1 
ATOM 745 C C2    . DT D 4 10 ? 4.663   -2.915  8.792   1.00 81.64  ? 11 DT D C2    1 
ATOM 746 O O2    . DT D 4 10 ? 4.900   -3.184  9.955   1.00 84.42  ? 11 DT D O2    1 
ATOM 747 N N3    . DT D 4 10 ? 3.791   -1.919  8.438   1.00 79.12  ? 11 DT D N3    1 
ATOM 748 C C4    . DT D 4 10 ? 3.448   -1.529  7.157   1.00 76.96  ? 11 DT D C4    1 
ATOM 749 O O4    . DT D 4 10 ? 2.655   -0.621  6.935   1.00 74.47  ? 11 DT D O4    1 
ATOM 750 C C5    . DT D 4 10 ? 4.091   -2.267  6.095   1.00 72.97  ? 11 DT D C5    1 
ATOM 751 C C7    . DT D 4 10 ? 3.798   -1.937  4.664   1.00 64.12  ? 11 DT D C7    1 
ATOM 752 C C6    . DT D 4 10 ? 4.944   -3.242  6.430   1.00 71.54  ? 11 DT D C6    1 
ATOM 753 P P     . DG D 4 11 ? 6.976   -8.226  10.083  1.00 115.08 ? 12 DG D P     1 
ATOM 754 O OP1   . DG D 4 11 ? 8.067   -9.210  10.268  1.00 113.11 ? 12 DG D OP1   1 
ATOM 755 O OP2   . DG D 4 11 ? 5.630   -8.694  9.678   1.00 107.29 ? 12 DG D OP2   1 
ATOM 756 O "O5'" . DG D 4 11 ? 6.828   -7.368  11.425  1.00 104.04 ? 12 DG D "O5'" 1 
ATOM 757 C "C5'" . DG D 4 11 ? 6.151   -6.117  11.401  1.00 95.00  ? 12 DG D "C5'" 1 
ATOM 758 C "C4'" . DG D 4 11 ? 5.666   -5.747  12.786  1.00 103.53 ? 12 DG D "C4'" 1 
ATOM 759 O "O4'" . DG D 4 11 ? 4.684   -4.688  12.688  1.00 104.27 ? 12 DG D "O4'" 1 
ATOM 760 C "C3'" . DG D 4 11 ? 4.953   -6.859  13.522  1.00 116.76 ? 12 DG D "C3'" 1 
ATOM 761 O "O3'" . DG D 4 11 ? 5.010   -6.610  14.920  1.00 128.51 ? 12 DG D "O3'" 1 
ATOM 762 C "C2'" . DG D 4 11 ? 3.531   -6.741  12.974  1.00 113.09 ? 12 DG D "C2'" 1 
ATOM 763 C "C1'" . DG D 4 11 ? 3.377   -5.231  12.782  1.00 107.15 ? 12 DG D "C1'" 1 
ATOM 764 N N9    . DG D 4 11 ? 2.660   -4.874  11.564  1.00 104.32 ? 12 DG D N9    1 
ATOM 765 C C8    . DG D 4 11 ? 2.689   -5.547  10.369  1.00 101.76 ? 12 DG D C8    1 
ATOM 766 N N7    . DG D 4 11 ? 1.963   -4.991  9.441   1.00 103.43 ? 12 DG D N7    1 
ATOM 767 C C5    . DG D 4 11 ? 1.421   -3.872  10.059  1.00 105.51 ? 12 DG D C5    1 
ATOM 768 C C6    . DG D 4 11 ? 0.552   -2.885  9.543   1.00 106.59 ? 12 DG D C6    1 
ATOM 769 O O6    . DG D 4 11 ? 0.076   -2.806  8.403   1.00 104.18 ? 12 DG D O6    1 
ATOM 770 N N1    . DG D 4 11 ? 0.240   -1.921  10.496  1.00 107.92 ? 12 DG D N1    1 
ATOM 771 C C2    . DG D 4 11 ? 0.710   -1.912  11.787  1.00 110.89 ? 12 DG D C2    1 
ATOM 772 N N2    . DG D 4 11 ? 0.295   -0.896  12.561  1.00 115.88 ? 12 DG D N2    1 
ATOM 773 N N3    . DG D 4 11 ? 1.531   -2.832  12.286  1.00 107.65 ? 12 DG D N3    1 
ATOM 774 C C4    . DG D 4 11 ? 1.842   -3.780  11.366  1.00 105.36 ? 12 DG D C4    1 
ATOM 775 P P     . DT D 4 12 ? 4.127   -7.475  15.947  1.00 137.10 ? 13 DT D P     1 
ATOM 776 O OP1   . DT D 4 12 ? 4.827   -7.448  17.251  1.00 129.32 ? 13 DT D OP1   1 
ATOM 777 O OP2   . DT D 4 12 ? 3.810   -8.776  15.313  1.00 132.38 ? 13 DT D OP2   1 
ATOM 778 O "O5'" . DT D 4 12 ? 2.776   -6.632  16.086  1.00 123.05 ? 13 DT D "O5'" 1 
ATOM 779 C "C5'" . DT D 4 12 ? 2.841   -5.228  16.321  1.00 123.34 ? 13 DT D "C5'" 1 
ATOM 780 C "C4'" . DT D 4 12 ? 1.470   -4.662  16.641  1.00 133.28 ? 13 DT D "C4'" 1 
ATOM 781 O "O4'" . DT D 4 12 ? 0.837   -4.163  15.433  1.00 126.86 ? 13 DT D "O4'" 1 
ATOM 782 C "C3'" . DT D 4 12 ? 0.484   -5.656  17.258  1.00 145.82 ? 13 DT D "C3'" 1 
ATOM 783 O "O3'" . DT D 4 12 ? -0.125  -5.066  18.395  1.00 165.64 ? 13 DT D "O3'" 1 
ATOM 784 C "C2'" . DT D 4 12 ? -0.530  -5.895  16.134  1.00 139.02 ? 13 DT D "C2'" 1 
ATOM 785 C "C1'" . DT D 4 12 ? -0.516  -4.547  15.438  1.00 129.58 ? 13 DT D "C1'" 1 
ATOM 786 N N1    . DT D 4 12 ? -0.997  -4.583  14.024  1.00 126.76 ? 13 DT D N1    1 
ATOM 787 C C2    . DT D 4 12 ? -1.685  -3.501  13.520  1.00 126.51 ? 13 DT D C2    1 
ATOM 788 O O2    . DT D 4 12 ? -1.936  -2.506  14.174  1.00 122.26 ? 13 DT D O2    1 
ATOM 789 N N3    . DT D 4 12 ? -2.071  -3.628  12.212  1.00 126.01 ? 13 DT D N3    1 
ATOM 790 C C4    . DT D 4 12 ? -1.842  -4.704  11.375  1.00 124.28 ? 13 DT D C4    1 
ATOM 791 O O4    . DT D 4 12 ? -2.231  -4.726  10.211  1.00 119.23 ? 13 DT D O4    1 
ATOM 792 C C5    . DT D 4 12 ? -1.114  -5.803  11.966  1.00 122.66 ? 13 DT D C5    1 
ATOM 793 C C7    . DT D 4 12 ? -0.805  -7.025  11.157  1.00 115.85 ? 13 DT D C7    1 
ATOM 794 C C6    . DT D 4 12 ? -0.730  -5.688  13.247  1.00 123.97 ? 13 DT D C6    1 
ATOM 795 P P     . DC D 4 13 ? -0.825  -5.983  19.511  1.00 175.25 ? 14 DC D P     1 
ATOM 796 O OP1   . DC D 4 13 ? -1.192  -5.096  20.636  1.00 165.26 ? 14 DC D OP1   1 
ATOM 797 O OP2   . DC D 4 13 ? 0.036   -7.162  19.757  1.00 171.85 ? 14 DC D OP2   1 
ATOM 798 O "O5'" . DC D 4 13 ? -2.153  -6.503  18.791  1.00 156.01 ? 14 DC D "O5'" 1 
ATOM 799 C "C5'" . DC D 4 13 ? -3.408  -6.362  19.432  1.00 155.33 ? 14 DC D "C5'" 1 
ATOM 800 C "C4'" . DC D 4 13 ? -4.074  -5.054  19.040  1.00 150.14 ? 14 DC D "C4'" 1 
ATOM 801 O "O4'" . DC D 4 13 ? -3.532  -4.596  17.784  1.00 142.93 ? 14 DC D "O4'" 1 
ATOM 802 C "C3'" . DC D 4 13 ? -5.574  -5.156  18.836  1.00 157.03 ? 14 DC D "C3'" 1 
ATOM 803 O "O3'" . DC D 4 13 ? -6.241  -4.829  20.044  1.00 167.18 ? 14 DC D "O3'" 1 
ATOM 804 C "C2'" . DC D 4 13 ? -5.873  -4.133  17.738  1.00 150.47 ? 14 DC D "C2'" 1 
ATOM 805 C "C1'" . DC D 4 13 ? -4.548  -4.022  16.983  1.00 141.91 ? 14 DC D "C1'" 1 
ATOM 806 N N1    . DC D 4 13 ? -4.524  -4.697  15.646  1.00 136.19 ? 14 DC D N1    1 
ATOM 807 C C2    . DC D 4 13 ? -5.079  -4.056  14.530  1.00 136.51 ? 14 DC D C2    1 
ATOM 808 O O2    . DC D 4 13 ? -5.616  -2.952  14.672  1.00 135.96 ? 14 DC D O2    1 
ATOM 809 N N3    . DC D 4 13 ? -5.021  -4.676  13.323  1.00 136.24 ? 14 DC D N3    1 
ATOM 810 C C4    . DC D 4 13 ? -4.432  -5.869  13.210  1.00 135.47 ? 14 DC D C4    1 
ATOM 811 N N4    . DC D 4 13 ? -4.399  -6.441  12.001  1.00 134.35 ? 14 DC D N4    1 
ATOM 812 C C5    . DC D 4 13 ? -3.853  -6.529  14.334  1.00 131.36 ? 14 DC D C5    1 
ATOM 813 C C6    . DC D 4 13 ? -3.917  -5.910  15.517  1.00 131.62 ? 14 DC D C6    1 
ATOM 814 P P     . DG D 4 14 ? -7.704  -5.420  20.334  1.00 170.82 ? 15 DG D P     1 
ATOM 815 O OP1   . DG D 4 14 ? -8.002  -5.226  21.770  1.00 170.85 ? 15 DG D OP1   1 
ATOM 816 O OP2   . DG D 4 14 ? -7.739  -6.783  19.760  1.00 163.81 ? 15 DG D OP2   1 
ATOM 817 O "O5'" . DG D 4 14 ? -8.667  -4.475  19.475  1.00 159.27 ? 15 DG D "O5'" 1 
ATOM 818 C "C5'" . DG D 4 14 ? -9.949  -4.940  19.098  1.00 159.50 ? 15 DG D "C5'" 1 
ATOM 819 C "C4'" . DG D 4 14 ? -10.460 -4.203  17.874  1.00 157.66 ? 15 DG D "C4'" 1 
ATOM 820 O "O4'" . DG D 4 14 ? -9.352  -3.921  16.974  1.00 152.36 ? 15 DG D "O4'" 1 
ATOM 821 C "C3'" . DG D 4 14 ? -11.463 -4.984  17.037  1.00 157.93 ? 15 DG D "C3'" 1 
ATOM 822 O "O3'" . DG D 4 14 ? -12.810 -4.772  17.519  1.00 160.11 ? 15 DG D "O3'" 1 
ATOM 823 C "C2'" . DG D 4 14 ? -11.225 -4.430  15.638  1.00 155.81 ? 15 DG D "C2'" 1 
ATOM 824 C "C1'" . DG D 4 14 ? -9.709  -4.262  15.644  1.00 150.17 ? 15 DG D "C1'" 1 
ATOM 825 N N9    . DG D 4 14 ? -8.982  -5.475  15.267  1.00 146.46 ? 15 DG D N9    1 
ATOM 826 C C8    . DG D 4 14 ? -8.380  -6.372  16.119  1.00 145.10 ? 15 DG D C8    1 
ATOM 827 N N7    . DG D 4 14 ? -7.800  -7.364  15.505  1.00 142.85 ? 15 DG D N7    1 
ATOM 828 C C5    . DG D 4 14 ? -8.028  -7.113  14.157  1.00 140.94 ? 15 DG D C5    1 
ATOM 829 C C6    . DG D 4 14 ? -7.632  -7.848  13.015  1.00 133.78 ? 15 DG D C6    1 
ATOM 830 O O6    . DG D 4 14 ? -6.982  -8.901  12.967  1.00 128.67 ? 15 DG D O6    1 
ATOM 831 N N1    . DG D 4 14 ? -8.068  -7.246  11.838  1.00 135.06 ? 15 DG D N1    1 
ATOM 832 C C2    . DG D 4 14 ? -8.794  -6.081  11.773  1.00 137.01 ? 15 DG D C2    1 
ATOM 833 N N2    . DG D 4 14 ? -9.126  -5.658  10.545  1.00 136.47 ? 15 DG D N2    1 
ATOM 834 N N3    . DG D 4 14 ? -9.172  -5.379  12.836  1.00 141.55 ? 15 DG D N3    1 
ATOM 835 C C4    . DG D 4 14 ? -8.755  -5.953  13.992  1.00 143.96 ? 15 DG D C4    1 
ATOM 836 P P     . DT D 4 15 ? -13.664 -3.463  17.133  1.00 177.77 ? 16 DT D P     1 
ATOM 837 O OP1   . DT D 4 15 ? -12.798 -2.264  17.151  1.00 180.20 ? 16 DT D OP1   1 
ATOM 838 O OP2   . DT D 4 15 ? -14.866 -3.493  17.996  1.00 192.22 ? 16 DT D OP2   1 
ATOM 839 O "O5'" . DT D 4 15 ? -14.157 -3.738  15.637  1.00 173.11 ? 16 DT D "O5'" 1 
ATOM 840 C "C5'" . DT D 4 15 ? -14.357 -2.647  14.747  1.00 167.99 ? 16 DT D "C5'" 1 
ATOM 841 C "C4'" . DT D 4 15 ? -14.449 -3.129  13.311  1.00 160.04 ? 16 DT D "C4'" 1 
ATOM 842 O "O4'" . DT D 4 15 ? -13.393 -4.091  13.052  1.00 160.36 ? 16 DT D "O4'" 1 
ATOM 843 C "C3'" . DT D 4 15 ? -15.764 -3.827  12.944  1.00 150.14 ? 16 DT D "C3'" 1 
ATOM 844 O "O3'" . DT D 4 15 ? -16.269 -3.299  11.724  1.00 139.80 ? 16 DT D "O3'" 1 
ATOM 845 C "C2'" . DT D 4 15 ? -15.365 -5.297  12.797  1.00 148.83 ? 16 DT D "C2'" 1 
ATOM 846 C "C1'" . DT D 4 15 ? -13.924 -5.174  12.331  1.00 154.82 ? 16 DT D "C1'" 1 
ATOM 847 N N1    . DT D 4 15 ? -13.098 -6.385  12.609  1.00 151.49 ? 16 DT D N1    1 
ATOM 848 C C2    . DT D 4 15 ? -12.496 -7.042  11.561  1.00 140.95 ? 16 DT D C2    1 
ATOM 849 O O2    . DT D 4 15 ? -12.599 -6.684  10.402  1.00 138.73 ? 16 DT D O2    1 
ATOM 850 N N3    . DT D 4 15 ? -11.762 -8.140  11.921  1.00 135.10 ? 16 DT D N3    1 
ATOM 851 C C4    . DT D 4 15 ? -11.572 -8.637  13.197  1.00 134.03 ? 16 DT D C4    1 
ATOM 852 O O4    . DT D 4 15 ? -10.893 -9.634  13.420  1.00 126.74 ? 16 DT D O4    1 
ATOM 853 C C5    . DT D 4 15 ? -12.233 -7.902  14.249  1.00 141.90 ? 16 DT D C5    1 
ATOM 854 C C7    . DT D 4 15 ? -12.103 -8.346  15.675  1.00 141.00 ? 16 DT D C7    1 
ATOM 855 C C6    . DT D 4 15 ? -12.957 -6.826  13.908  1.00 147.94 ? 16 DT D C6    1 
# 
loop_
_pdbx_poly_seq_scheme.asym_id 
_pdbx_poly_seq_scheme.entity_id 
_pdbx_poly_seq_scheme.seq_id 
_pdbx_poly_seq_scheme.mon_id 
_pdbx_poly_seq_scheme.ndb_seq_num 
_pdbx_poly_seq_scheme.pdb_seq_num 
_pdbx_poly_seq_scheme.auth_seq_num 
_pdbx_poly_seq_scheme.pdb_mon_id 
_pdbx_poly_seq_scheme.auth_mon_id 
_pdbx_poly_seq_scheme.pdb_strand_id 
_pdbx_poly_seq_scheme.pdb_ins_code 
_pdbx_poly_seq_scheme.hetero 
A 1 1  DG 1  1  1  DG DG A . n 
A 1 2  DA 2  2  2  DA DA A . n 
A 1 3  DA 3  3  3  DA DA A . n 
A 1 4  DC 4  4  4  DC DC A . n 
A 1 5  DG 5  5  5  DG DG A . n 
A 1 6  DA 6  6  6  DA DA A . n 
A 1 7  DC 7  7  7  DC DC A . n 
A 1 8  DA 8  8  8  DA DA A . n 
A 1 9  DC 9  9  9  DC DC A . n 
A 1 10 DT 10 10 10 DT DT A . n 
A 1 11 DG 11 11 11 DG DG A . n 
A 1 12 DA 12 12 12 DA DA A . n 
B 2 1  DC 1  12 12 DC DC B . n 
B 2 2  DG 2  13 13 DG DG B . n 
B 2 3  DA 3  14 14 DA DA B . n 
B 2 4  DG 4  15 15 DG DG B . n 
B 2 5  DG 5  16 16 DG DG B . n 
B 2 6  DA 6  17 17 DA DA B . n 
B 2 7  DC 7  18 18 DC DC B . n 
B 2 8  DT 8  19 19 DT DT B . n 
B 2 9  DC 9  20 20 DC DC B . n 
C 3 1  DT 1  0  0  DT DT C . n 
C 3 2  DC 2  1  1  DC DC C . n 
C 3 3  DA 3  2  2  DA DA C . n 
C 3 4  DT 4  3  3  DT DT C . n 
C 3 5  DC 5  4  4  DC DC C . n 
C 3 6  DG 6  5  5  DG DG C . n 
D 4 1  DT 1  2  2  DT DT D . n 
D 4 2  DC 2  3  3  DC DC D . n 
D 4 3  DG 3  4  4  DG DG D . n 
D 4 4  DA 4  5  5  DA DA D . n 
D 4 5  DG 5  6  6  DG DG D . n 
D 4 6  DT 6  7  7  DT DT D . n 
D 4 7  DC 7  8  8  DC DC D . n 
D 4 8  DC 8  9  9  DC DC D . n 
D 4 9  DG 9  10 10 DG DG D . n 
D 4 10 DT 10 11 11 DT DT D . n 
D 4 11 DG 11 12 12 DG DG D . n 
D 4 12 DT 12 13 13 DT DT D . n 
D 4 13 DC 13 14 14 DC DC D . n 
D 4 14 DG 14 15 15 DG DG D . n 
D 4 15 DT 15 16 16 DT DT D . n 
# 
_pdbx_struct_assembly.id                   1 
_pdbx_struct_assembly.details              author_defined_assembly 
_pdbx_struct_assembly.method_details       ? 
_pdbx_struct_assembly.oligomeric_details   tetrameric 
_pdbx_struct_assembly.oligomeric_count     4 
# 
_pdbx_struct_assembly_gen.assembly_id       1 
_pdbx_struct_assembly_gen.oper_expression   1 
_pdbx_struct_assembly_gen.asym_id_list      A,B,C,D 
# 
_pdbx_struct_oper_list.id                   1 
_pdbx_struct_oper_list.type                 'identity operation' 
_pdbx_struct_oper_list.name                 1_555 
_pdbx_struct_oper_list.symmetry_operation   x,y,z 
_pdbx_struct_oper_list.matrix[1][1]         1.0000000000 
_pdbx_struct_oper_list.matrix[1][2]         0.0000000000 
_pdbx_struct_oper_list.matrix[1][3]         0.0000000000 
_pdbx_struct_oper_list.vector[1]            0.0000000000 
_pdbx_struct_oper_list.matrix[2][1]         0.0000000000 
_pdbx_struct_oper_list.matrix[2][2]         1.0000000000 
_pdbx_struct_oper_list.matrix[2][3]         0.0000000000 
_pdbx_struct_oper_list.vector[2]            0.0000000000 
_pdbx_struct_oper_list.matrix[3][1]         0.0000000000 
_pdbx_struct_oper_list.matrix[3][2]         0.0000000000 
_pdbx_struct_oper_list.matrix[3][3]         1.0000000000 
_pdbx_struct_oper_list.vector[3]            0.0000000000 
# 
loop_
_pdbx_audit_revision_history.ordinal 
_pdbx_audit_revision_history.data_content_type 
_pdbx_audit_revision_history.major_revision 
_pdbx_audit_revision_history.minor_revision 
_pdbx_audit_revision_history.revision_date 
1 'Structure model' 1 0 2021-07-14 
2 'Structure model' 1 1 2022-07-06 
3 'Structure model' 1 2 2023-10-18 
# 
_pdbx_audit_revision_details.ordinal             1 
_pdbx_audit_revision_details.revision_ordinal    1 
_pdbx_audit_revision_details.data_content_type   'Structure model' 
_pdbx_audit_revision_details.provider            repository 
_pdbx_audit_revision_details.type                'Initial release' 
_pdbx_audit_revision_details.description         ? 
_pdbx_audit_revision_details.details             ? 
# 
loop_
_pdbx_audit_revision_group.ordinal 
_pdbx_audit_revision_group.revision_ordinal 
_pdbx_audit_revision_group.data_content_type 
_pdbx_audit_revision_group.group 
1 2 'Structure model' 'Database references'    
2 3 'Structure model' 'Data collection'        
3 3 'Structure model' 'Refinement description' 
# 
loop_
_pdbx_audit_revision_category.ordinal 
_pdbx_audit_revision_category.revision_ordinal 
_pdbx_audit_revision_category.data_content_type 
_pdbx_audit_revision_category.category 
1 2 'Structure model' citation                      
2 2 'Structure model' citation_author               
3 2 'Structure model' database_2                    
4 3 'Structure model' chem_comp_atom                
5 3 'Structure model' chem_comp_bond                
6 3 'Structure model' pdbx_initial_refinement_model 
# 
loop_
_pdbx_audit_revision_item.ordinal 
_pdbx_audit_revision_item.revision_ordinal 
_pdbx_audit_revision_item.data_content_type 
_pdbx_audit_revision_item.item 
1  2 'Structure model' '_citation.country'                   
2  2 'Structure model' '_citation.journal_abbrev'            
3  2 'Structure model' '_citation.journal_id_CSD'            
4  2 'Structure model' '_citation.journal_id_ISSN'           
5  2 'Structure model' '_citation.journal_volume'            
6  2 'Structure model' '_citation.page_first'                
7  2 'Structure model' '_citation.page_last'                 
8  2 'Structure model' '_citation.pdbx_database_id_DOI'      
9  2 'Structure model' '_citation.pdbx_database_id_PubMed'   
10 2 'Structure model' '_citation.title'                     
11 2 'Structure model' '_citation.year'                      
12 2 'Structure model' '_database_2.pdbx_DOI'                
13 2 'Structure model' '_database_2.pdbx_database_accession' 
# 
loop_
_software.citation_id 
_software.classification 
_software.compiler_name 
_software.compiler_version 
_software.contact_author 
_software.contact_author_email 
_software.date 
_software.description 
_software.dependencies 
_software.hardware 
_software.language 
_software.location 
_software.mods 
_software.name 
_software.os 
_software.os_version 
_software.type 
_software.version 
_software.pdbx_ordinal 
? 'data reduction'  ? ? ? ? ? ? ? ? ? ? ? HKL-2000    ? ? ? .           1 
? 'data scaling'    ? ? ? ? ? ? ? ? ? ? ? HKL-2000    ? ? ? .           2 
? refinement        ? ? ? ? ? ? ? ? ? ? ? PHENIX      ? ? ? 1.11.1_2575 3 
? 'data extraction' ? ? ? ? ? ? ? ? ? ? ? PDB_EXTRACT ? ? ? 3.25        4 
? phasing           ? ? ? ? ? ? ? ? ? ? ? PHASER      ? ? ? .           5 
# 
_pdbx_validate_rmsd_angle.id                         1 
_pdbx_validate_rmsd_angle.PDB_model_num              1 
_pdbx_validate_rmsd_angle.auth_atom_id_1             "O4'" 
_pdbx_validate_rmsd_angle.auth_asym_id_1             C 
_pdbx_validate_rmsd_angle.auth_comp_id_1             DA 
_pdbx_validate_rmsd_angle.auth_seq_id_1              2 
_pdbx_validate_rmsd_angle.PDB_ins_code_1             ? 
_pdbx_validate_rmsd_angle.label_alt_id_1             ? 
_pdbx_validate_rmsd_angle.auth_atom_id_2             "C1'" 
_pdbx_validate_rmsd_angle.auth_asym_id_2             C 
_pdbx_validate_rmsd_angle.auth_comp_id_2             DA 
_pdbx_validate_rmsd_angle.auth_seq_id_2              2 
_pdbx_validate_rmsd_angle.PDB_ins_code_2             ? 
_pdbx_validate_rmsd_angle.label_alt_id_2             ? 
_pdbx_validate_rmsd_angle.auth_atom_id_3             N9 
_pdbx_validate_rmsd_angle.auth_asym_id_3             C 
_pdbx_validate_rmsd_angle.auth_comp_id_3             DA 
_pdbx_validate_rmsd_angle.auth_seq_id_3              2 
_pdbx_validate_rmsd_angle.PDB_ins_code_3             ? 
_pdbx_validate_rmsd_angle.label_alt_id_3             ? 
_pdbx_validate_rmsd_angle.angle_value                110.32 
_pdbx_validate_rmsd_angle.angle_target_value         108.30 
_pdbx_validate_rmsd_angle.angle_deviation            2.02 
_pdbx_validate_rmsd_angle.angle_standard_deviation   0.30 
_pdbx_validate_rmsd_angle.linker_flag                N 
# 
loop_
_chem_comp_atom.comp_id 
_chem_comp_atom.atom_id 
_chem_comp_atom.type_symbol 
_chem_comp_atom.pdbx_aromatic_flag 
_chem_comp_atom.pdbx_stereo_config 
_chem_comp_atom.pdbx_ordinal 
DA OP3    O N N 1   
DA P      P N N 2   
DA OP1    O N N 3   
DA OP2    O N N 4   
DA "O5'"  O N N 5   
DA "C5'"  C N N 6   
DA "C4'"  C N R 7   
DA "O4'"  O N N 8   
DA "C3'"  C N S 9   
DA "O3'"  O N N 10  
DA "C2'"  C N N 11  
DA "C1'"  C N R 12  
DA N9     N Y N 13  
DA C8     C Y N 14  
DA N7     N Y N 15  
DA C5     C Y N 16  
DA C6     C Y N 17  
DA N6     N N N 18  
DA N1     N Y N 19  
DA C2     C Y N 20  
DA N3     N Y N 21  
DA C4     C Y N 22  
DA HOP3   H N N 23  
DA HOP2   H N N 24  
DA "H5'"  H N N 25  
DA "H5''" H N N 26  
DA "H4'"  H N N 27  
DA "H3'"  H N N 28  
DA "HO3'" H N N 29  
DA "H2'"  H N N 30  
DA "H2''" H N N 31  
DA "H1'"  H N N 32  
DA H8     H N N 33  
DA H61    H N N 34  
DA H62    H N N 35  
DA H2     H N N 36  
DC OP3    O N N 37  
DC P      P N N 38  
DC OP1    O N N 39  
DC OP2    O N N 40  
DC "O5'"  O N N 41  
DC "C5'"  C N N 42  
DC "C4'"  C N R 43  
DC "O4'"  O N N 44  
DC "C3'"  C N S 45  
DC "O3'"  O N N 46  
DC "C2'"  C N N 47  
DC "C1'"  C N R 48  
DC N1     N N N 49  
DC C2     C N N 50  
DC O2     O N N 51  
DC N3     N N N 52  
DC C4     C N N 53  
DC N4     N N N 54  
DC C5     C N N 55  
DC C6     C N N 56  
DC HOP3   H N N 57  
DC HOP2   H N N 58  
DC "H5'"  H N N 59  
DC "H5''" H N N 60  
DC "H4'"  H N N 61  
DC "H3'"  H N N 62  
DC "HO3'" H N N 63  
DC "H2'"  H N N 64  
DC "H2''" H N N 65  
DC "H1'"  H N N 66  
DC H41    H N N 67  
DC H42    H N N 68  
DC H5     H N N 69  
DC H6     H N N 70  
DG OP3    O N N 71  
DG P      P N N 72  
DG OP1    O N N 73  
DG OP2    O N N 74  
DG "O5'"  O N N 75  
DG "C5'"  C N N 76  
DG "C4'"  C N R 77  
DG "O4'"  O N N 78  
DG "C3'"  C N S 79  
DG "O3'"  O N N 80  
DG "C2'"  C N N 81  
DG "C1'"  C N R 82  
DG N9     N Y N 83  
DG C8     C Y N 84  
DG N7     N Y N 85  
DG C5     C Y N 86  
DG C6     C N N 87  
DG O6     O N N 88  
DG N1     N N N 89  
DG C2     C N N 90  
DG N2     N N N 91  
DG N3     N N N 92  
DG C4     C Y N 93  
DG HOP3   H N N 94  
DG HOP2   H N N 95  
DG "H5'"  H N N 96  
DG "H5''" H N N 97  
DG "H4'"  H N N 98  
DG "H3'"  H N N 99  
DG "HO3'" H N N 100 
DG "H2'"  H N N 101 
DG "H2''" H N N 102 
DG "H1'"  H N N 103 
DG H8     H N N 104 
DG H1     H N N 105 
DG H21    H N N 106 
DG H22    H N N 107 
DT OP3    O N N 108 
DT P      P N N 109 
DT OP1    O N N 110 
DT OP2    O N N 111 
DT "O5'"  O N N 112 
DT "C5'"  C N N 113 
DT "C4'"  C N R 114 
DT "O4'"  O N N 115 
DT "C3'"  C N S 116 
DT "O3'"  O N N 117 
DT "C2'"  C N N 118 
DT "C1'"  C N R 119 
DT N1     N N N 120 
DT C2     C N N 121 
DT O2     O N N 122 
DT N3     N N N 123 
DT C4     C N N 124 
DT O4     O N N 125 
DT C5     C N N 126 
DT C7     C N N 127 
DT C6     C N N 128 
DT HOP3   H N N 129 
DT HOP2   H N N 130 
DT "H5'"  H N N 131 
DT "H5''" H N N 132 
DT "H4'"  H N N 133 
DT "H3'"  H N N 134 
DT "HO3'" H N N 135 
DT "H2'"  H N N 136 
DT "H2''" H N N 137 
DT "H1'"  H N N 138 
DT H3     H N N 139 
DT H71    H N N 140 
DT H72    H N N 141 
DT H73    H N N 142 
DT H6     H N N 143 
# 
loop_
_chem_comp_bond.comp_id 
_chem_comp_bond.atom_id_1 
_chem_comp_bond.atom_id_2 
_chem_comp_bond.value_order 
_chem_comp_bond.pdbx_aromatic_flag 
_chem_comp_bond.pdbx_stereo_config 
_chem_comp_bond.pdbx_ordinal 
DA OP3   P      sing N N 1   
DA OP3   HOP3   sing N N 2   
DA P     OP1    doub N N 3   
DA P     OP2    sing N N 4   
DA P     "O5'"  sing N N 5   
DA OP2   HOP2   sing N N 6   
DA "O5'" "C5'"  sing N N 7   
DA "C5'" "C4'"  sing N N 8   
DA "C5'" "H5'"  sing N N 9   
DA "C5'" "H5''" sing N N 10  
DA "C4'" "O4'"  sing N N 11  
DA "C4'" "C3'"  sing N N 12  
DA "C4'" "H4'"  sing N N 13  
DA "O4'" "C1'"  sing N N 14  
DA "C3'" "O3'"  sing N N 15  
DA "C3'" "C2'"  sing N N 16  
DA "C3'" "H3'"  sing N N 17  
DA "O3'" "HO3'" sing N N 18  
DA "C2'" "C1'"  sing N N 19  
DA "C2'" "H2'"  sing N N 20  
DA "C2'" "H2''" sing N N 21  
DA "C1'" N9     sing N N 22  
DA "C1'" "H1'"  sing N N 23  
DA N9    C8     sing Y N 24  
DA N9    C4     sing Y N 25  
DA C8    N7     doub Y N 26  
DA C8    H8     sing N N 27  
DA N7    C5     sing Y N 28  
DA C5    C6     sing Y N 29  
DA C5    C4     doub Y N 30  
DA C6    N6     sing N N 31  
DA C6    N1     doub Y N 32  
DA N6    H61    sing N N 33  
DA N6    H62    sing N N 34  
DA N1    C2     sing Y N 35  
DA C2    N3     doub Y N 36  
DA C2    H2     sing N N 37  
DA N3    C4     sing Y N 38  
DC OP3   P      sing N N 39  
DC OP3   HOP3   sing N N 40  
DC P     OP1    doub N N 41  
DC P     OP2    sing N N 42  
DC P     "O5'"  sing N N 43  
DC OP2   HOP2   sing N N 44  
DC "O5'" "C5'"  sing N N 45  
DC "C5'" "C4'"  sing N N 46  
DC "C5'" "H5'"  sing N N 47  
DC "C5'" "H5''" sing N N 48  
DC "C4'" "O4'"  sing N N 49  
DC "C4'" "C3'"  sing N N 50  
DC "C4'" "H4'"  sing N N 51  
DC "O4'" "C1'"  sing N N 52  
DC "C3'" "O3'"  sing N N 53  
DC "C3'" "C2'"  sing N N 54  
DC "C3'" "H3'"  sing N N 55  
DC "O3'" "HO3'" sing N N 56  
DC "C2'" "C1'"  sing N N 57  
DC "C2'" "H2'"  sing N N 58  
DC "C2'" "H2''" sing N N 59  
DC "C1'" N1     sing N N 60  
DC "C1'" "H1'"  sing N N 61  
DC N1    C2     sing N N 62  
DC N1    C6     sing N N 63  
DC C2    O2     doub N N 64  
DC C2    N3     sing N N 65  
DC N3    C4     doub N N 66  
DC C4    N4     sing N N 67  
DC C4    C5     sing N N 68  
DC N4    H41    sing N N 69  
DC N4    H42    sing N N 70  
DC C5    C6     doub N N 71  
DC C5    H5     sing N N 72  
DC C6    H6     sing N N 73  
DG OP3   P      sing N N 74  
DG OP3   HOP3   sing N N 75  
DG P     OP1    doub N N 76  
DG P     OP2    sing N N 77  
DG P     "O5'"  sing N N 78  
DG OP2   HOP2   sing N N 79  
DG "O5'" "C5'"  sing N N 80  
DG "C5'" "C4'"  sing N N 81  
DG "C5'" "H5'"  sing N N 82  
DG "C5'" "H5''" sing N N 83  
DG "C4'" "O4'"  sing N N 84  
DG "C4'" "C3'"  sing N N 85  
DG "C4'" "H4'"  sing N N 86  
DG "O4'" "C1'"  sing N N 87  
DG "C3'" "O3'"  sing N N 88  
DG "C3'" "C2'"  sing N N 89  
DG "C3'" "H3'"  sing N N 90  
DG "O3'" "HO3'" sing N N 91  
DG "C2'" "C1'"  sing N N 92  
DG "C2'" "H2'"  sing N N 93  
DG "C2'" "H2''" sing N N 94  
DG "C1'" N9     sing N N 95  
DG "C1'" "H1'"  sing N N 96  
DG N9    C8     sing Y N 97  
DG N9    C4     sing Y N 98  
DG C8    N7     doub Y N 99  
DG C8    H8     sing N N 100 
DG N7    C5     sing Y N 101 
DG C5    C6     sing N N 102 
DG C5    C4     doub Y N 103 
DG C6    O6     doub N N 104 
DG C6    N1     sing N N 105 
DG N1    C2     sing N N 106 
DG N1    H1     sing N N 107 
DG C2    N2     sing N N 108 
DG C2    N3     doub N N 109 
DG N2    H21    sing N N 110 
DG N2    H22    sing N N 111 
DG N3    C4     sing N N 112 
DT OP3   P      sing N N 113 
DT OP3   HOP3   sing N N 114 
DT P     OP1    doub N N 115 
DT P     OP2    sing N N 116 
DT P     "O5'"  sing N N 117 
DT OP2   HOP2   sing N N 118 
DT "O5'" "C5'"  sing N N 119 
DT "C5'" "C4'"  sing N N 120 
DT "C5'" "H5'"  sing N N 121 
DT "C5'" "H5''" sing N N 122 
DT "C4'" "O4'"  sing N N 123 
DT "C4'" "C3'"  sing N N 124 
DT "C4'" "H4'"  sing N N 125 
DT "O4'" "C1'"  sing N N 126 
DT "C3'" "O3'"  sing N N 127 
DT "C3'" "C2'"  sing N N 128 
DT "C3'" "H3'"  sing N N 129 
DT "O3'" "HO3'" sing N N 130 
DT "C2'" "C1'"  sing N N 131 
DT "C2'" "H2'"  sing N N 132 
DT "C2'" "H2''" sing N N 133 
DT "C1'" N1     sing N N 134 
DT "C1'" "H1'"  sing N N 135 
DT N1    C2     sing N N 136 
DT N1    C6     sing N N 137 
DT C2    O2     doub N N 138 
DT C2    N3     sing N N 139 
DT N3    C4     sing N N 140 
DT N3    H3     sing N N 141 
DT C4    O4     doub N N 142 
DT C4    C5     sing N N 143 
DT C5    C7     sing N N 144 
DT C5    C6     doub N N 145 
DT C7    H71    sing N N 146 
DT C7    H72    sing N N 147 
DT C7    H73    sing N N 148 
DT C6    H6     sing N N 149 
# 
loop_
_ndb_struct_conf_na.entry_id 
_ndb_struct_conf_na.feature 
7JJZ 'double helix'        
7JJZ 'b-form double helix' 
# 
loop_
_ndb_struct_na_base_pair.model_number 
_ndb_struct_na_base_pair.i_label_asym_id 
_ndb_struct_na_base_pair.i_label_comp_id 
_ndb_struct_na_base_pair.i_label_seq_id 
_ndb_struct_na_base_pair.i_symmetry 
_ndb_struct_na_base_pair.j_label_asym_id 
_ndb_struct_na_base_pair.j_label_comp_id 
_ndb_struct_na_base_pair.j_label_seq_id 
_ndb_struct_na_base_pair.j_symmetry 
_ndb_struct_na_base_pair.shear 
_ndb_struct_na_base_pair.stretch 
_ndb_struct_na_base_pair.stagger 
_ndb_struct_na_base_pair.buckle 
_ndb_struct_na_base_pair.propeller 
_ndb_struct_na_base_pair.opening 
_ndb_struct_na_base_pair.pair_number 
_ndb_struct_na_base_pair.pair_name 
_ndb_struct_na_base_pair.i_auth_asym_id 
_ndb_struct_na_base_pair.i_auth_seq_id 
_ndb_struct_na_base_pair.i_PDB_ins_code 
_ndb_struct_na_base_pair.j_auth_asym_id 
_ndb_struct_na_base_pair.j_auth_seq_id 
_ndb_struct_na_base_pair.j_PDB_ins_code 
_ndb_struct_na_base_pair.hbond_type_28 
_ndb_struct_na_base_pair.hbond_type_12 
1 A DA 3  1_555 D DT 15 1_555 1.023  0.332  0.083  14.020  -33.007 11.999  1  A_DA3:DT16_D A 3  ? D 16 ? ?  ? 
1 A DC 4  1_555 D DG 14 1_555 -1.517 0.586  0.098  9.074   -38.760 9.130   2  A_DC4:DG15_D A 4  ? D 15 ? ?  1 
1 A DG 5  1_555 D DC 13 1_555 -0.391 0.050  -0.497 -6.212  -17.669 -23.886 3  A_DG5:DC14_D A 5  ? D 14 ? ?  1 
1 A DA 6  1_555 D DT 12 1_555 0.375  -0.214 -0.387 -7.725  -16.326 -12.961 4  A_DA6:DT13_D A 6  ? D 13 ? 20 1 
1 A DC 7  1_555 D DG 11 1_555 -0.650 0.136  -0.104 -0.382  -8.222  -2.916  5  A_DC7:DG12_D A 7  ? D 12 ? 19 1 
1 A DA 8  1_555 D DT 10 1_555 0.413  0.527  0.574  10.202  2.072   -6.445  6  A_DA8:DT11_D A 8  ? D 11 ? 20 1 
1 A DC 9  1_555 D DG 9  1_555 -0.040 0.081  0.180  12.418  -8.633  -9.707  7  A_DC9:DG10_D A 9  ? D 10 ? 19 1 
1 A DT 10 1_555 C DA 3  1_555 -1.508 0.066  0.351  -8.106  -3.498  -3.269  8  A_DT10:DA2_C A 10 ? C 2  ? 20 1 
1 A DG 11 1_555 C DC 2  1_555 0.118  -0.241 0.139  -1.626  -0.948  -0.379  9  A_DG11:DC1_C A 11 ? C 1  ? 19 1 
1 A DA 12 1_555 C DT 1  1_555 0.661  0.351  0.302  1.631   -4.284  -7.487  10 A_DA12:DT0_C A 12 ? C 0  ? 20 1 
1 B DC 1  1_555 C DG 6  1_555 -0.101 0.016  0.710  4.237   -8.157  -7.571  11 B_DC12:DG5_C B 12 ? C 5  ? 19 1 
1 B DG 2  1_555 C DC 5  1_555 -0.262 -0.547 0.416  1.648   -16.962 -18.698 12 B_DG13:DC4_C B 13 ? C 4  ? 19 1 
1 B DA 3  1_555 C DT 4  1_555 1.010  -0.318 -0.257 -5.206  -8.514  -6.473  13 B_DA14:DT3_C B 14 ? C 3  ? 20 1 
1 B DG 4  1_555 D DC 8  1_555 0.768  -0.161 0.587  13.303  -9.454  -9.274  14 B_DG15:DC9_D B 15 ? D 9  ? 19 1 
1 B DG 5  1_555 D DC 7  1_555 0.165  -0.170 0.289  8.520   -19.972 -2.710  15 B_DG16:DC8_D B 16 ? D 8  ? 19 1 
1 B DA 6  1_555 D DT 6  1_555 0.404  0.035  0.052  -4.173  -21.466 1.199   16 B_DA17:DT7_D B 17 ? D 7  ? 20 1 
1 B DC 7  1_555 D DG 5  1_555 0.331  -0.489 0.543  -13.388 -15.613 -3.013  17 B_DC18:DG6_D B 18 ? D 6  ? 19 1 
1 B DT 8  1_555 D DA 4  1_555 -0.882 0.500  -0.654 3.019   -20.489 -4.191  18 B_DT19:DA5_D B 19 ? D 5  ? 20 1 
1 B DC 9  1_555 D DG 3  1_555 0.961  -0.456 0.532  -2.816  -21.656 -7.219  19 B_DC20:DG4_D B 20 ? D 4  ? 19 1 
# 
loop_
_ndb_struct_na_base_pair_step.model_number 
_ndb_struct_na_base_pair_step.i_label_asym_id_1 
_ndb_struct_na_base_pair_step.i_label_comp_id_1 
_ndb_struct_na_base_pair_step.i_label_seq_id_1 
_ndb_struct_na_base_pair_step.i_symmetry_1 
_ndb_struct_na_base_pair_step.j_label_asym_id_1 
_ndb_struct_na_base_pair_step.j_label_comp_id_1 
_ndb_struct_na_base_pair_step.j_label_seq_id_1 
_ndb_struct_na_base_pair_step.j_symmetry_1 
_ndb_struct_na_base_pair_step.i_label_asym_id_2 
_ndb_struct_na_base_pair_step.i_label_comp_id_2 
_ndb_struct_na_base_pair_step.i_label_seq_id_2 
_ndb_struct_na_base_pair_step.i_symmetry_2 
_ndb_struct_na_base_pair_step.j_label_asym_id_2 
_ndb_struct_na_base_pair_step.j_label_comp_id_2 
_ndb_struct_na_base_pair_step.j_label_seq_id_2 
_ndb_struct_na_base_pair_step.j_symmetry_2 
_ndb_struct_na_base_pair_step.shift 
_ndb_struct_na_base_pair_step.slide 
_ndb_struct_na_base_pair_step.rise 
_ndb_struct_na_base_pair_step.tilt 
_ndb_struct_na_base_pair_step.roll 
_ndb_struct_na_base_pair_step.twist 
_ndb_struct_na_base_pair_step.x_displacement 
_ndb_struct_na_base_pair_step.y_displacement 
_ndb_struct_na_base_pair_step.helical_rise 
_ndb_struct_na_base_pair_step.inclination 
_ndb_struct_na_base_pair_step.tip 
_ndb_struct_na_base_pair_step.helical_twist 
_ndb_struct_na_base_pair_step.step_number 
_ndb_struct_na_base_pair_step.step_name 
_ndb_struct_na_base_pair_step.i_auth_asym_id_1 
_ndb_struct_na_base_pair_step.i_auth_seq_id_1 
_ndb_struct_na_base_pair_step.i_PDB_ins_code_1 
_ndb_struct_na_base_pair_step.j_auth_asym_id_1 
_ndb_struct_na_base_pair_step.j_auth_seq_id_1 
_ndb_struct_na_base_pair_step.j_PDB_ins_code_1 
_ndb_struct_na_base_pair_step.i_auth_asym_id_2 
_ndb_struct_na_base_pair_step.i_auth_seq_id_2 
_ndb_struct_na_base_pair_step.i_PDB_ins_code_2 
_ndb_struct_na_base_pair_step.j_auth_asym_id_2 
_ndb_struct_na_base_pair_step.j_auth_seq_id_2 
_ndb_struct_na_base_pair_step.j_PDB_ins_code_2 
1 A DA 3  1_555 D DT 15 1_555 A DC 4  1_555 D DG 14 1_555 0.271  -0.261 3.044 -3.826  -1.246 26.551 -0.265 -1.497 2.985 -2.694 
8.270   26.848 1  AA_DA3DC4:DG15DT16_DD A 3  ? D 16 ? A 4  ? D 15 ? 
1 A DC 4  1_555 D DG 14 1_555 A DG 5  1_555 D DC 13 1_555 -1.007 -0.663 3.806 -7.040  14.942 35.591 -3.070 0.524  3.404 22.981 
10.828  39.124 2  AA_DC4DG5:DC14DG15_DD A 4  ? D 15 ? A 5  ? D 14 ? 
1 A DG 5  1_555 D DC 13 1_555 A DA 6  1_555 D DT 12 1_555 -0.113 -0.231 3.268 0.480   3.318  38.496 -0.756 0.230  3.236 5.021  
-0.726  38.636 3  AA_DG5DA6:DT13DC14_DD A 5  ? D 14 ? A 6  ? D 13 ? 
1 A DA 6  1_555 D DT 12 1_555 A DC 7  1_555 D DG 11 1_555 0.400  -0.956 3.080 -1.555  -0.395 24.888 -2.103 -1.364 3.064 -0.914 
3.604   24.939 4  AA_DA6DC7:DG12DT13_DD A 6  ? D 13 ? A 7  ? D 12 ? 
1 A DC 7  1_555 D DG 11 1_555 A DA 8  1_555 D DT 10 1_555 -0.367 -0.401 3.159 -4.722  -7.770 48.224 0.092  0.093  3.203 -9.412 
5.720   49.023 5  AA_DC7DA8:DT11DG12_DD A 7  ? D 12 ? A 8  ? D 11 ? 
1 A DA 8  1_555 D DT 10 1_555 A DC 9  1_555 D DG 9  1_555 0.509  -1.333 3.221 -0.169  0.237  33.053 -2.383 -0.923 3.209 0.416  
0.297   33.055 6  AA_DA8DC9:DG10DT11_DD A 8  ? D 11 ? A 9  ? D 10 ? 
1 A DC 9  1_555 D DG 9  1_555 A DT 10 1_555 C DA 3  1_555 -1.017 -2.089 3.856 -2.271  6.242  20.669 -8.274 1.709  3.186 16.846 
6.129   21.699 7  AA_DC9DT10:DA2DG10_CD A 9  ? D 10 ? A 10 ? C 2  ? 
1 A DT 10 1_555 C DA 3  1_555 A DG 11 1_555 C DC 2  1_555 -0.027 0.216  3.178 -1.890  5.190  32.470 -0.484 -0.268 3.169 9.199  
3.350   32.924 8  AA_DT10DG11:DC1DA2_CC A 10 ? C 2  ? A 11 ? C 1  ? 
1 A DG 11 1_555 C DC 2  1_555 A DA 12 1_555 C DT 1  1_555 -0.661 0.148  3.264 -1.693  2.878  41.742 -0.094 0.747  3.290 4.032  
2.371   41.869 9  AA_DG11DA12:DT0DC1_CC A 11 ? C 1  ? A 12 ? C 0  ? 
1 B DC 1  1_555 C DG 6  1_555 B DG 2  1_555 C DC 5  1_555 -0.426 -0.662 3.266 -1.479  -0.982 35.595 -0.939 0.481  3.297 -1.605 
2.417   35.638 10 BB_DC12DG13:DC4DG5_CC B 12 ? C 5  ? B 13 ? C 4  ? 
1 B DG 2  1_555 C DC 5  1_555 B DA 3  1_555 C DT 4  1_555 0.289  -0.030 3.627 5.769   1.649  44.089 -0.209 0.211  3.632 2.185  
-7.643  44.475 11 BB_DG13DA14:DT3DC4_CC B 13 ? C 4  ? B 14 ? C 3  ? 
1 B DA 3  1_555 C DT 4  1_555 B DG 4  1_555 D DC 8  1_555 -1.214 -0.714 2.698 -10.873 3.693  25.721 -2.237 0.237  2.840 7.819  
23.018  28.128 12 BB_DA14DG15:DC9DT3_DC B 14 ? C 3  ? B 15 ? D 9  ? 
1 B DG 4  1_555 D DC 8  1_555 B DG 5  1_555 D DC 7  1_555 -0.117 0.201  3.599 -0.251  -0.290 34.426 0.389  0.155  3.598 -0.490 
0.425   34.428 13 BB_DG15DG16:DC8DC9_DD B 15 ? D 9  ? B 16 ? D 8  ? 
1 B DG 5  1_555 D DC 7  1_555 B DA 6  1_555 D DT 6  1_555 -0.049 -0.735 3.451 0.102   -2.276 41.752 -0.777 0.080  3.485 -3.191 
-0.143  41.811 14 BB_DG16DA17:DT7DC8_DD B 16 ? D 8  ? B 17 ? D 7  ? 
1 B DA 6  1_555 D DT 6  1_555 B DC 7  1_555 D DG 5  1_555 0.002  -1.046 3.507 -4.986  -1.774 32.365 -1.523 -0.931 3.518 -3.156 
8.871   32.783 15 BB_DA17DC18:DG6DT7_DD B 17 ? D 7  ? B 18 ? D 6  ? 
1 B DC 7  1_555 D DG 5  1_555 B DT 8  1_555 D DA 4  1_555 -0.552 -0.424 2.692 10.683  -0.701 29.763 -0.675 2.595  2.367 -1.313 
-20.002 31.589 16 BB_DC18DT19:DA5DG6_DD B 18 ? D 6  ? B 19 ? D 5  ? 
1 B DT 8  1_555 D DA 4  1_555 B DC 9  1_555 D DG 3  1_555 1.272  0.390  3.623 -5.017  0.958  45.794 0.409  -2.094 3.479 1.227  
6.424   46.063 17 BB_DT19DC20:DG4DA5_DD B 19 ? D 5  ? B 20 ? D 4  ? 
# 
loop_
_pdbx_audit_support.funding_organization 
_pdbx_audit_support.country 
_pdbx_audit_support.grant_number 
_pdbx_audit_support.ordinal 
'National Science Foundation (NSF, United States)'                                         'United States' 1360635     1 
'National Institutes of Health/National Institute of General Medical Sciences (NIH/NIGMS)' 'United States' R01GM104960 2 
'National Science Foundation (NSF, United States)'                                         'United States' NSF2004250  3 
# 
_pdbx_initial_refinement_model.id               1 
_pdbx_initial_refinement_model.entity_id_list   ? 
_pdbx_initial_refinement_model.type             'experimental model' 
_pdbx_initial_refinement_model.source_name      PDB 
_pdbx_initial_refinement_model.accession_code   6XNA 
_pdbx_initial_refinement_model.details          ? 
# 
_pdbx_struct_assembly_auth_evidence.id                     1 
_pdbx_struct_assembly_auth_evidence.assembly_id            1 
_pdbx_struct_assembly_auth_evidence.experimental_support   none 
_pdbx_struct_assembly_auth_evidence.details                ? 
# 
